data_9CD8
#
_entry.id   9CD8
#
_cell.length_a   176.224
_cell.length_b   176.224
_cell.length_c   159.461
_cell.angle_alpha   90.00
_cell.angle_beta   90.00
_cell.angle_gamma   90.00
#
_symmetry.space_group_name_H-M   'P 41 21 2'
#
loop_
_entity.id
_entity.type
_entity.pdbx_description
1 polymer 'Acetyl-coenzyme A synthetase'
2 polymer 'Acetyl-coenzyme A synthetase'
3 non-polymer GLYCEROL
4 non-polymer 'SULFATE ION'
5 non-polymer 'CHLORIDE ION'
6 non-polymer (5P)-3-azido-N-[(5-cyclopropyl-1,2-oxazol-3-yl)methyl]-5-(2,3-dihydro-1-benzofuran-5-yl)-N-methylbenzamide
7 water water
#
loop_
_entity_poly.entity_id
_entity_poly.type
_entity_poly.pdbx_seq_one_letter_code
_entity_poly.pdbx_strand_id
1 'polypeptide(L)'
;MHHHHHHHHENLYFQGKTEVAPGVHHVHPLPDSVPESEDLFAPPPRMQGKEGRPKPHIGPNYESYVKEWAKTVGPNSDEW
WAAKARETLDWYDDFKTVRAGGFEHGDVQWFPEGTLNAAYNCLDRHYYKNPKKTAIIYEADEPSESREVSYEELMQETCR
VANVLKSYGVKKGDAVSIYLPMTWQAAAAFLACARIGAIHSAVFAGFSAESLRDRVNDCECKVLITTDEGRRGGKTIATK
QIVDAALQQCPLVENVLVLRRTGNKVPMTEGRDKWWDEECAKMPAYCPCERMASEDPLFILYTSGSTGKPKGVVHSTAGY
LLGTALTLKYVFDAHPDDRFACMADIGWITGHSYIIYGPLANGITTAVFESTPVYPTPSRYWDFVDKWKATQLYTAPTAI
RLLRRMGEDHVKNHDLSSLRVLGSVGEPINPEAWHWYNDFAGKNQCAIVDTYWMTETGSISIAPLPGAISTKPGSATFPF
FGMDVDIIDPQTGQVLEGNDVEGVLVARRPWPSIARTVYRDHKRYLETYMKPYPGYFFFGDGAARDYDGYMWIKGRVDDV
INVSGHRLSTAEVESALILHKGVAETAVVGCADDLTGQAVYAFVTMKPEFDLKATKEADLSKELAIQVRKVIGPFAAPKK
IYLVSDLPKTRSG(ALY)IMRRVLRKIVAGEGDQLGDLSSIADPQIVEEVKQKVTGSA
;
A
2 'polypeptide(L)'
;MHHHHHHHHENLYFQGKTEVAPGVHHVHPLPDSVPESEDLFAPPPRMQGKEGRPKPHIGPNYESYVKEWAKTVGPNSDEW
WAAKARETLDWYDDFKTVRAGGFEHGDVQWFPEGTLNAAYNCLDRHYYKNPKKTAIIYEADEPSESREVSYEELMQETCR
VANVLKSYGVKKGDAVSIYLPMTWQAAAAFLACARIGAIHSAVFAGFSAESLRDRVNDCECKVLITTDEGRRGGKTIATK
QIVDAALQQCPLVENVLVLRRTGNKVPMTEGRDKWWDEECAKMPAYCPCERMASEDPLFILYTSGSTGKPKGVVHSTAGY
LLGTALTLKYVFDAHPDDRFACMADIGWITGHSYIIYGPLANGITTAVFESTPVYPTPSRYWDFVDKWKATQLYTAPTAI
RLLRRMGEDHVKNHDLSSLRVLGSVGEPINPEAWHWYNDFAGKNQCAIVDTYWMTETGSISIAPLPGAISTKPGSATFPF
FGMDVDIIDPQTGQVLEGNDVEGVLVARRPWPSIARTVYRDHKRYLETYMKPYPGYFFFGDGAARDYDGYMWIKGRVDDV
INVSGHRLSTAEVESALILHKGVAETAVVGCADDLTGQAVYAFVTMKPEFDLKATKEADLSKELAIQVRKVIGPFAAPKK
IYLVSDLPKTRSGKIMRRVLRKIVAGEGDQLGDLSSIADPQIVEEVKQKVTGSA
;
B,C
#
# COMPACT_ATOMS: atom_id res chain seq x y z
N HIS A 28 27.55 -9.13 29.82
CA HIS A 28 26.17 -9.58 30.00
C HIS A 28 25.98 -10.26 31.37
N PRO A 29 24.73 -10.44 31.79
CA PRO A 29 24.47 -11.16 33.04
C PRO A 29 24.61 -12.68 32.92
N LEU A 30 25.05 -13.22 31.70
CA LEU A 30 25.07 -14.66 31.52
C LEU A 30 26.44 -15.25 31.86
N PRO A 31 26.46 -16.52 32.27
CA PRO A 31 27.74 -17.17 32.58
C PRO A 31 28.64 -17.25 31.36
N ASP A 32 29.90 -17.58 31.63
CA ASP A 32 30.84 -17.93 30.58
C ASP A 32 30.87 -19.44 30.33
N SER A 33 30.63 -20.22 31.37
CA SER A 33 30.61 -21.68 31.29
C SER A 33 29.67 -22.19 32.38
N VAL A 34 29.19 -23.41 32.19
CA VAL A 34 28.37 -24.06 33.20
C VAL A 34 29.09 -25.35 33.63
N PRO A 35 29.62 -25.41 34.84
CA PRO A 35 30.34 -26.63 35.26
C PRO A 35 29.40 -27.82 35.35
N GLU A 36 29.97 -29.01 35.14
CA GLU A 36 29.18 -30.23 35.16
C GLU A 36 28.72 -30.56 36.57
N SER A 37 27.60 -31.28 36.65
CA SER A 37 27.08 -31.78 37.91
C SER A 37 26.05 -32.85 37.62
N GLU A 38 25.65 -33.57 38.68
CA GLU A 38 24.63 -34.61 38.54
C GLU A 38 23.23 -34.04 38.44
N ASP A 39 23.05 -32.74 38.71
CA ASP A 39 21.75 -32.11 38.54
C ASP A 39 21.49 -31.69 37.10
N LEU A 40 22.50 -31.76 36.23
CA LEU A 40 22.37 -31.35 34.84
C LEU A 40 22.23 -32.56 33.93
N PHE A 41 21.28 -32.49 33.01
CA PHE A 41 21.05 -33.54 32.00
C PHE A 41 21.60 -33.00 30.68
N ALA A 42 22.78 -33.49 30.29
CA ALA A 42 23.40 -33.03 29.06
C ALA A 42 22.64 -33.53 27.84
N PRO A 43 22.73 -32.82 26.72
CA PRO A 43 22.06 -33.28 25.49
C PRO A 43 22.34 -34.74 25.21
N PRO A 44 21.31 -35.54 24.95
CA PRO A 44 21.52 -36.97 24.73
C PRO A 44 21.99 -37.25 23.31
N PRO A 45 22.37 -38.49 23.01
CA PRO A 45 22.96 -38.80 21.69
C PRO A 45 22.12 -38.39 20.49
N ARG A 46 20.78 -38.55 20.55
CA ARG A 46 19.96 -38.10 19.44
C ARG A 46 20.14 -36.61 19.16
N MET A 47 20.63 -35.85 20.15
CA MET A 47 20.90 -34.43 19.98
C MET A 47 22.40 -34.16 19.84
N GLN A 48 23.19 -35.20 19.57
CA GLN A 48 24.61 -35.07 19.29
C GLN A 48 24.94 -35.47 17.86
N GLY A 49 23.94 -35.50 16.97
CA GLY A 49 24.18 -35.96 15.63
C GLY A 49 24.59 -37.42 15.54
N LYS A 50 24.29 -38.20 16.57
CA LYS A 50 24.57 -39.63 16.58
C LYS A 50 23.34 -40.40 16.10
N GLU A 51 23.52 -41.71 15.91
CA GLU A 51 22.42 -42.60 15.53
C GLU A 51 21.70 -42.08 14.30
N GLY A 52 22.45 -41.47 13.39
CA GLY A 52 21.90 -40.97 12.15
C GLY A 52 21.04 -39.72 12.24
N ARG A 53 20.93 -39.10 13.41
CA ARG A 53 20.10 -37.91 13.53
C ARG A 53 20.84 -36.68 13.02
N PRO A 54 20.10 -35.63 12.63
CA PRO A 54 20.77 -34.42 12.13
C PRO A 54 21.66 -33.80 13.20
N LYS A 55 22.78 -33.24 12.75
CA LYS A 55 23.64 -32.50 13.65
C LYS A 55 22.91 -31.23 14.12
N PRO A 56 22.99 -30.89 15.39
CA PRO A 56 22.23 -29.73 15.89
C PRO A 56 22.72 -28.43 15.29
N HIS A 57 21.80 -27.47 15.19
CA HIS A 57 22.16 -26.17 14.63
C HIS A 57 23.13 -25.44 15.54
N ILE A 58 22.96 -25.58 16.86
CA ILE A 58 23.85 -24.98 17.85
C ILE A 58 24.29 -26.09 18.80
N GLY A 59 25.60 -26.24 18.97
CA GLY A 59 26.13 -27.29 19.80
C GLY A 59 27.65 -27.26 19.84
N PRO A 60 28.26 -28.07 20.71
CA PRO A 60 27.65 -29.09 21.56
C PRO A 60 27.55 -28.75 23.05
N ASN A 61 27.84 -27.53 23.48
CA ASN A 61 27.96 -27.23 24.90
C ASN A 61 27.45 -25.82 25.16
N TYR A 62 27.41 -25.43 26.44
CA TYR A 62 26.94 -24.09 26.80
C TYR A 62 27.71 -23.02 26.05
N GLU A 63 29.04 -23.15 25.98
CA GLU A 63 29.83 -22.14 25.31
C GLU A 63 29.35 -21.90 23.88
N SER A 64 28.92 -22.96 23.19
CA SER A 64 28.47 -22.76 21.81
C SER A 64 27.16 -21.96 21.77
N TYR A 65 26.33 -22.09 22.81
CA TYR A 65 25.11 -21.28 22.89
C TYR A 65 25.45 -19.81 23.10
N VAL A 66 26.27 -19.51 24.10
CA VAL A 66 26.52 -18.11 24.45
C VAL A 66 27.29 -17.41 23.34
N LYS A 67 28.12 -18.15 22.60
CA LYS A 67 28.87 -17.54 21.50
C LYS A 67 27.92 -16.97 20.45
N GLU A 68 26.92 -17.77 20.03
CA GLU A 68 25.97 -17.28 19.04
C GLU A 68 25.03 -16.24 19.65
N TRP A 69 24.55 -16.49 20.87
CA TRP A 69 23.62 -15.56 21.51
C TRP A 69 24.21 -14.16 21.62
N ALA A 70 25.50 -14.07 21.91
CA ALA A 70 26.13 -12.76 22.07
C ALA A 70 26.05 -11.93 20.80
N LYS A 71 26.01 -12.59 19.63
CA LYS A 71 25.88 -11.86 18.38
C LYS A 71 24.50 -11.22 18.20
N THR A 72 23.49 -11.71 18.92
CA THR A 72 22.10 -11.29 18.71
C THR A 72 21.66 -10.18 19.64
N VAL A 73 22.47 -9.82 20.64
CA VAL A 73 22.19 -8.71 21.54
C VAL A 73 23.42 -7.84 21.65
N GLY A 74 23.22 -6.62 22.12
CA GLY A 74 24.31 -5.71 22.35
C GLY A 74 24.68 -4.91 21.11
N PRO A 75 25.96 -4.54 21.00
CA PRO A 75 26.35 -3.46 20.08
C PRO A 75 26.13 -3.77 18.61
N ASN A 76 26.77 -4.82 18.11
CA ASN A 76 26.76 -5.14 16.68
C ASN A 76 25.72 -6.20 16.31
N SER A 77 24.60 -6.25 17.04
CA SER A 77 23.60 -7.28 16.76
C SER A 77 22.82 -7.01 15.47
N ASP A 78 22.83 -5.77 14.96
CA ASP A 78 22.07 -5.48 13.74
C ASP A 78 22.52 -6.38 12.59
N GLU A 79 23.82 -6.59 12.46
CA GLU A 79 24.34 -7.40 11.36
C GLU A 79 23.76 -8.81 11.40
N TRP A 80 23.71 -9.42 12.58
CA TRP A 80 23.17 -10.77 12.70
C TRP A 80 21.69 -10.80 12.36
N TRP A 81 20.93 -9.82 12.84
CA TRP A 81 19.49 -9.82 12.58
C TRP A 81 19.18 -9.52 11.13
N ALA A 82 19.96 -8.62 10.51
CA ALA A 82 19.76 -8.34 9.10
C ALA A 82 20.00 -9.57 8.25
N ALA A 83 21.08 -10.31 8.54
CA ALA A 83 21.38 -11.51 7.76
C ALA A 83 20.34 -12.59 7.99
N LYS A 84 19.94 -12.80 9.25
CA LYS A 84 18.93 -13.81 9.54
C LYS A 84 17.59 -13.46 8.91
N ALA A 85 17.25 -12.16 8.90
CA ALA A 85 15.98 -11.74 8.29
C ALA A 85 15.97 -12.03 6.80
N ARG A 86 17.08 -11.75 6.12
CA ARG A 86 17.16 -11.96 4.68
C ARG A 86 17.34 -13.42 4.33
N GLU A 87 17.94 -14.21 5.21
CA GLU A 87 18.12 -15.64 4.96
C GLU A 87 16.85 -16.44 5.23
N THR A 88 16.04 -16.01 6.20
CA THR A 88 14.91 -16.79 6.68
C THR A 88 13.62 -16.49 5.93
N LEU A 89 13.43 -15.27 5.47
CA LEU A 89 12.18 -14.85 4.86
C LEU A 89 12.43 -14.35 3.44
N ASP A 90 11.43 -14.50 2.59
CA ASP A 90 11.43 -13.93 1.24
C ASP A 90 10.71 -12.58 1.27
N TRP A 91 11.33 -11.59 0.65
CA TRP A 91 10.85 -10.22 0.69
C TRP A 91 10.49 -9.74 -0.71
N TYR A 92 9.36 -9.03 -0.82
CA TYR A 92 9.07 -8.32 -2.05
C TYR A 92 9.95 -7.10 -2.19
N ASP A 93 10.17 -6.39 -1.10
CA ASP A 93 11.06 -5.24 -1.05
C ASP A 93 12.01 -5.42 0.14
N ASP A 94 13.29 -5.22 -0.12
CA ASP A 94 14.29 -5.32 0.94
C ASP A 94 14.08 -4.21 1.97
N PHE A 95 14.57 -4.44 3.17
CA PHE A 95 14.58 -3.42 4.20
C PHE A 95 15.94 -2.72 4.21
N LYS A 96 15.96 -1.52 4.80
CA LYS A 96 17.20 -0.80 5.02
C LYS A 96 17.53 -0.69 6.51
N THR A 97 16.59 -0.22 7.33
CA THR A 97 16.78 -0.11 8.76
C THR A 97 16.42 -1.44 9.43
N VAL A 98 17.24 -1.84 10.40
CA VAL A 98 16.99 -3.10 11.10
C VAL A 98 16.01 -2.91 12.25
N ARG A 99 16.26 -1.95 13.13
CA ARG A 99 15.39 -1.74 14.28
C ARG A 99 15.34 -0.26 14.61
N ALA A 100 14.25 0.14 15.27
CA ALA A 100 14.11 1.48 15.81
C ALA A 100 13.00 1.47 16.84
N GLY A 101 12.88 2.57 17.57
CA GLY A 101 11.84 2.70 18.59
C GLY A 101 12.21 1.97 19.88
N GLY A 102 11.25 1.95 20.80
CA GLY A 102 11.52 1.36 22.09
C GLY A 102 10.29 1.29 22.96
N PHE A 103 10.53 0.95 24.23
CA PHE A 103 9.45 0.69 25.18
C PHE A 103 8.71 1.97 25.57
N GLU A 104 9.43 3.08 25.71
CA GLU A 104 8.87 4.25 26.38
C GLU A 104 7.54 4.67 25.75
N HIS A 105 7.50 4.79 24.43
CA HIS A 105 6.30 5.25 23.74
C HIS A 105 5.61 4.15 22.94
N GLY A 106 6.16 2.95 22.90
CA GLY A 106 5.56 1.86 22.15
C GLY A 106 5.58 2.11 20.66
N ASP A 107 6.75 2.43 20.11
CA ASP A 107 6.96 2.64 18.69
C ASP A 107 7.98 1.64 18.13
N VAL A 108 7.92 0.40 18.61
CA VAL A 108 8.88 -0.61 18.18
C VAL A 108 8.76 -0.85 16.69
N GLN A 109 9.91 -0.84 16.00
CA GLN A 109 9.99 -1.07 14.57
C GLN A 109 11.09 -2.07 14.29
N TRP A 110 10.82 -3.01 13.38
CA TRP A 110 11.82 -3.92 12.85
C TRP A 110 11.66 -4.02 11.34
N PHE A 111 12.75 -3.84 10.61
CA PHE A 111 12.78 -3.96 9.16
C PHE A 111 11.71 -3.09 8.49
N PRO A 112 11.57 -1.82 8.90
CA PRO A 112 10.37 -1.06 8.53
C PRO A 112 10.18 -0.87 7.04
N GLU A 113 11.24 -0.63 6.28
CA GLU A 113 11.07 -0.38 4.85
C GLU A 113 10.76 -1.63 4.05
N GLY A 114 10.88 -2.82 4.65
CA GLY A 114 10.65 -4.03 3.90
C GLY A 114 9.18 -4.32 3.69
N THR A 115 8.90 -5.09 2.63
CA THR A 115 7.57 -5.61 2.37
C THR A 115 7.67 -7.11 2.13
N LEU A 116 6.61 -7.82 2.51
CA LEU A 116 6.58 -9.27 2.43
C LEU A 116 5.13 -9.70 2.58
N ASN A 117 4.91 -11.01 2.50
CA ASN A 117 3.59 -11.57 2.78
C ASN A 117 3.76 -12.86 3.56
N ALA A 118 2.98 -13.00 4.64
CA ALA A 118 3.12 -14.17 5.49
C ALA A 118 2.65 -15.44 4.80
N ALA A 119 1.62 -15.34 3.95
CA ALA A 119 1.16 -16.52 3.23
C ALA A 119 2.17 -16.94 2.17
N TYR A 120 2.83 -15.98 1.52
CA TYR A 120 3.86 -16.33 0.56
C TYR A 120 4.98 -17.11 1.22
N ASN A 121 5.37 -16.71 2.43
CA ASN A 121 6.48 -17.35 3.13
C ASN A 121 6.08 -18.67 3.78
N CYS A 122 4.80 -18.84 4.11
CA CYS A 122 4.32 -20.07 4.71
C CYS A 122 3.77 -21.06 3.70
N LEU A 123 3.48 -20.63 2.48
CA LEU A 123 2.84 -21.50 1.49
C LEU A 123 3.53 -21.44 0.13
N ASP A 124 3.35 -20.34 -0.59
CA ASP A 124 3.72 -20.27 -2.00
C ASP A 124 5.16 -20.76 -2.24
N ARG A 125 6.12 -20.23 -1.47
CA ARG A 125 7.52 -20.53 -1.77
C ARG A 125 7.83 -22.01 -1.58
N HIS A 126 7.16 -22.67 -0.63
CA HIS A 126 7.37 -24.09 -0.46
C HIS A 126 6.60 -24.88 -1.51
N TYR A 127 5.39 -24.43 -1.86
CA TYR A 127 4.64 -25.06 -2.94
C TYR A 127 5.41 -25.02 -4.25
N TYR A 128 6.09 -23.91 -4.54
CA TYR A 128 6.86 -23.83 -5.78
C TYR A 128 8.04 -24.80 -5.78
N LYS A 129 8.59 -25.12 -4.60
CA LYS A 129 9.73 -26.02 -4.52
C LYS A 129 9.32 -27.49 -4.46
N ASN A 130 8.34 -27.84 -3.63
CA ASN A 130 7.90 -29.22 -3.49
C ASN A 130 6.39 -29.23 -3.21
N PRO A 131 5.56 -29.20 -4.26
CA PRO A 131 4.11 -29.07 -4.03
C PRO A 131 3.49 -30.25 -3.30
N LYS A 132 3.99 -31.47 -3.49
CA LYS A 132 3.39 -32.63 -2.87
C LYS A 132 3.88 -32.88 -1.44
N LYS A 133 4.86 -32.12 -0.96
CA LYS A 133 5.29 -32.26 0.43
C LYS A 133 4.13 -32.00 1.38
N THR A 134 4.05 -32.79 2.44
CA THR A 134 2.97 -32.64 3.40
C THR A 134 3.17 -31.38 4.23
N ALA A 135 2.20 -30.46 4.17
CA ALA A 135 2.25 -29.28 5.04
C ALA A 135 1.66 -29.60 6.41
N ILE A 136 0.50 -30.25 6.45
CA ILE A 136 -0.21 -30.51 7.68
C ILE A 136 -0.51 -31.99 7.79
N ILE A 137 -0.17 -32.58 8.93
CA ILE A 137 -0.69 -33.87 9.35
C ILE A 137 -1.97 -33.61 10.12
N TYR A 138 -3.11 -33.91 9.51
CA TYR A 138 -4.41 -33.73 10.16
C TYR A 138 -4.77 -35.02 10.89
N GLU A 139 -4.55 -35.04 12.20
CA GLU A 139 -4.97 -36.15 13.05
C GLU A 139 -6.38 -35.84 13.52
N ALA A 140 -7.37 -36.41 12.85
CA ALA A 140 -8.76 -36.12 13.16
C ALA A 140 -9.13 -36.70 14.52
N ASP A 141 -10.24 -36.19 15.08
CA ASP A 141 -10.70 -36.70 16.36
C ASP A 141 -10.83 -38.22 16.32
N GLU A 142 -11.40 -38.75 15.24
CA GLU A 142 -11.41 -40.19 15.01
C GLU A 142 -10.13 -40.59 14.29
N PRO A 143 -9.35 -41.54 14.82
CA PRO A 143 -8.08 -41.87 14.17
C PRO A 143 -8.21 -42.24 12.71
N SER A 144 -9.28 -42.93 12.34
CA SER A 144 -9.44 -43.44 10.98
C SER A 144 -9.66 -42.35 9.95
N GLU A 145 -9.97 -41.12 10.36
CA GLU A 145 -10.24 -40.02 9.43
C GLU A 145 -9.03 -39.11 9.23
N SER A 146 -7.87 -39.48 9.77
CA SER A 146 -6.67 -38.67 9.65
C SER A 146 -6.06 -38.80 8.26
N ARG A 147 -5.38 -37.74 7.82
CA ARG A 147 -4.72 -37.76 6.53
C ARG A 147 -3.71 -36.63 6.44
N GLU A 148 -2.92 -36.67 5.36
CA GLU A 148 -1.90 -35.67 5.07
C GLU A 148 -2.47 -34.64 4.11
N VAL A 149 -2.18 -33.37 4.38
CA VAL A 149 -2.57 -32.26 3.53
C VAL A 149 -1.30 -31.64 2.95
N SER A 150 -1.18 -31.70 1.62
CA SER A 150 0.02 -31.20 0.98
C SER A 150 0.07 -29.68 0.98
N TYR A 151 1.25 -29.13 0.70
CA TYR A 151 1.37 -27.69 0.50
C TYR A 151 0.50 -27.21 -0.66
N GLU A 152 0.41 -28.00 -1.73
CA GLU A 152 -0.47 -27.65 -2.84
C GLU A 152 -1.91 -27.55 -2.38
N GLU A 153 -2.41 -28.58 -1.68
CA GLU A 153 -3.80 -28.57 -1.25
C GLU A 153 -4.07 -27.42 -0.30
N LEU A 154 -3.15 -27.19 0.64
CA LEU A 154 -3.33 -26.10 1.61
C LEU A 154 -3.31 -24.75 0.91
N MET A 155 -2.38 -24.54 -0.01
CA MET A 155 -2.33 -23.27 -0.75
C MET A 155 -3.61 -23.05 -1.55
N GLN A 156 -4.12 -24.10 -2.21
CA GLN A 156 -5.33 -23.96 -3.01
C GLN A 156 -6.52 -23.57 -2.14
N GLU A 157 -6.69 -24.22 -0.99
CA GLU A 157 -7.84 -23.89 -0.15
C GLU A 157 -7.68 -22.49 0.45
N THR A 158 -6.44 -22.13 0.79
CA THR A 158 -6.17 -20.77 1.26
C THR A 158 -6.54 -19.73 0.22
N CYS A 159 -6.20 -19.97 -1.04
CA CYS A 159 -6.49 -18.98 -2.08
C CYS A 159 -7.99 -18.88 -2.34
N ARG A 160 -8.71 -20.00 -2.30
CA ARG A 160 -10.16 -19.96 -2.47
C ARG A 160 -10.80 -19.10 -1.39
N VAL A 161 -10.44 -19.34 -0.13
CA VAL A 161 -11.02 -18.57 0.97
C VAL A 161 -10.64 -17.11 0.86
N ALA A 162 -9.36 -16.83 0.56
CA ALA A 162 -8.94 -15.46 0.32
C ALA A 162 -9.84 -14.79 -0.72
N ASN A 163 -10.10 -15.48 -1.83
CA ASN A 163 -10.96 -14.91 -2.86
C ASN A 163 -12.37 -14.69 -2.34
N VAL A 164 -12.88 -15.60 -1.51
CA VAL A 164 -14.19 -15.41 -0.90
C VAL A 164 -14.21 -14.15 -0.05
N LEU A 165 -13.17 -13.95 0.76
CA LEU A 165 -13.14 -12.77 1.62
C LEU A 165 -13.12 -11.49 0.78
N LYS A 166 -12.35 -11.50 -0.31
CA LYS A 166 -12.34 -10.33 -1.18
C LYS A 166 -13.72 -10.07 -1.78
N SER A 167 -14.47 -11.13 -2.09
CA SER A 167 -15.82 -10.93 -2.62
C SER A 167 -16.75 -10.32 -1.58
N TYR A 168 -16.45 -10.52 -0.29
CA TYR A 168 -17.20 -9.88 0.79
C TYR A 168 -16.76 -8.45 1.03
N GLY A 169 -15.82 -7.92 0.25
CA GLY A 169 -15.31 -6.58 0.46
C GLY A 169 -14.24 -6.44 1.52
N VAL A 170 -13.65 -7.54 1.97
CA VAL A 170 -12.56 -7.46 2.93
C VAL A 170 -11.34 -6.83 2.27
N LYS A 171 -10.78 -5.80 2.91
CA LYS A 171 -9.65 -5.07 2.37
C LYS A 171 -8.45 -5.20 3.31
N LYS A 172 -7.28 -4.87 2.77
CA LYS A 172 -6.08 -4.76 3.58
C LYS A 172 -6.36 -3.93 4.83
N GLY A 173 -6.06 -4.50 5.99
CA GLY A 173 -6.27 -3.82 7.26
C GLY A 173 -7.58 -4.10 7.94
N ASP A 174 -8.51 -4.80 7.29
CA ASP A 174 -9.78 -5.14 7.91
C ASP A 174 -9.62 -6.31 8.87
N ALA A 175 -10.35 -6.26 9.98
CA ALA A 175 -10.34 -7.36 10.93
C ALA A 175 -11.31 -8.46 10.49
N VAL A 176 -10.91 -9.72 10.70
CA VAL A 176 -11.74 -10.88 10.44
C VAL A 176 -11.65 -11.80 11.65
N SER A 177 -12.79 -12.13 12.24
CA SER A 177 -12.82 -13.00 13.40
C SER A 177 -12.91 -14.46 12.96
N ILE A 178 -12.19 -15.32 13.67
CA ILE A 178 -12.13 -16.74 13.37
C ILE A 178 -12.52 -17.52 14.61
N TYR A 179 -13.58 -18.33 14.50
CA TYR A 179 -14.09 -19.18 15.57
C TYR A 179 -14.10 -20.61 15.06
N LEU A 180 -12.92 -21.24 15.02
CA LEU A 180 -12.75 -22.53 14.38
C LEU A 180 -12.15 -23.56 15.32
N PRO A 181 -12.58 -24.82 15.23
CA PRO A 181 -11.95 -25.89 16.01
C PRO A 181 -10.69 -26.40 15.33
N MET A 182 -10.12 -27.49 15.85
CA MET A 182 -8.81 -27.94 15.40
C MET A 182 -8.93 -28.88 14.19
N THR A 183 -9.42 -28.30 13.10
CA THR A 183 -9.38 -28.93 11.79
C THR A 183 -8.38 -28.17 10.92
N TRP A 184 -7.85 -28.86 9.91
CA TRP A 184 -6.72 -28.30 9.18
C TRP A 184 -7.09 -27.02 8.44
N GLN A 185 -8.37 -26.85 8.11
CA GLN A 185 -8.78 -25.65 7.38
C GLN A 185 -8.60 -24.39 8.21
N ALA A 186 -8.42 -24.50 9.53
CA ALA A 186 -8.15 -23.32 10.33
C ALA A 186 -6.86 -22.63 9.88
N ALA A 187 -5.85 -23.41 9.46
CA ALA A 187 -4.64 -22.81 8.93
C ALA A 187 -4.92 -22.07 7.62
N ALA A 188 -5.79 -22.63 6.78
CA ALA A 188 -6.17 -21.94 5.56
C ALA A 188 -6.87 -20.63 5.88
N ALA A 189 -7.69 -20.61 6.94
CA ALA A 189 -8.39 -19.38 7.31
C ALA A 189 -7.42 -18.31 7.78
N PHE A 190 -6.50 -18.67 8.70
CA PHE A 190 -5.46 -17.74 9.13
C PHE A 190 -4.72 -17.14 7.94
N LEU A 191 -4.18 -18.01 7.09
CA LEU A 191 -3.30 -17.57 6.01
C LEU A 191 -4.06 -16.85 4.91
N ALA A 192 -5.36 -17.14 4.75
CA ALA A 192 -6.15 -16.40 3.77
C ALA A 192 -6.28 -14.94 4.18
N CYS A 193 -6.43 -14.68 5.47
CA CYS A 193 -6.43 -13.29 5.95
C CYS A 193 -5.07 -12.65 5.73
N ALA A 194 -4.00 -13.34 6.11
CA ALA A 194 -2.66 -12.79 5.91
C ALA A 194 -2.38 -12.56 4.43
N ARG A 195 -2.93 -13.42 3.56
CA ARG A 195 -2.63 -13.32 2.13
C ARG A 195 -3.15 -12.02 1.54
N ILE A 196 -4.32 -11.55 2.01
CA ILE A 196 -4.91 -10.31 1.49
C ILE A 196 -4.62 -9.12 2.39
N GLY A 197 -3.83 -9.29 3.44
CA GLY A 197 -3.53 -8.20 4.35
C GLY A 197 -4.59 -7.93 5.39
N ALA A 198 -5.58 -8.81 5.51
CA ALA A 198 -6.57 -8.68 6.58
C ALA A 198 -5.97 -9.11 7.91
N ILE A 199 -6.58 -8.64 8.99
CA ILE A 199 -6.11 -8.89 10.35
C ILE A 199 -7.02 -9.93 10.97
N HIS A 200 -6.55 -11.17 11.11
CA HIS A 200 -7.39 -12.20 11.69
C HIS A 200 -7.35 -12.11 13.21
N SER A 201 -8.50 -12.39 13.83
CA SER A 201 -8.64 -12.39 15.28
C SER A 201 -9.26 -13.74 15.66
N ALA A 202 -8.42 -14.67 16.09
CA ALA A 202 -8.88 -16.02 16.37
C ALA A 202 -9.49 -16.10 17.76
N VAL A 203 -10.64 -16.76 17.86
CA VAL A 203 -11.38 -16.90 19.12
C VAL A 203 -11.44 -18.39 19.43
N PHE A 204 -10.84 -18.79 20.55
CA PHE A 204 -10.81 -20.19 20.94
C PHE A 204 -12.21 -20.79 20.84
N ALA A 205 -12.30 -21.93 20.14
CA ALA A 205 -13.60 -22.51 19.79
C ALA A 205 -14.32 -23.13 20.97
N GLY A 206 -13.76 -23.07 22.17
CA GLY A 206 -14.47 -23.45 23.37
C GLY A 206 -15.12 -22.29 24.11
N PHE A 207 -14.91 -21.07 23.66
CA PHE A 207 -15.44 -19.90 24.36
C PHE A 207 -16.95 -19.87 24.33
N SER A 208 -17.53 -19.32 25.39
CA SER A 208 -18.97 -19.12 25.47
C SER A 208 -19.41 -18.05 24.47
N ALA A 209 -20.73 -17.90 24.33
CA ALA A 209 -21.26 -16.89 23.42
C ALA A 209 -20.88 -15.49 23.87
N GLU A 210 -20.84 -15.25 25.19
CA GLU A 210 -20.50 -13.92 25.67
C GLU A 210 -19.04 -13.57 25.37
N SER A 211 -18.13 -14.52 25.57
CA SER A 211 -16.71 -14.25 25.30
C SER A 211 -16.47 -14.07 23.80
N LEU A 212 -17.15 -14.85 22.97
CA LEU A 212 -17.04 -14.67 21.53
C LEU A 212 -17.59 -13.32 21.11
N ARG A 213 -18.75 -12.94 21.65
CA ARG A 213 -19.34 -11.63 21.34
C ARG A 213 -18.37 -10.51 21.67
N ASP A 214 -17.80 -10.54 22.87
CA ASP A 214 -16.96 -9.44 23.32
C ASP A 214 -15.77 -9.24 22.40
N ARG A 215 -15.18 -10.33 21.92
CA ARG A 215 -14.02 -10.24 21.04
C ARG A 215 -14.43 -9.83 19.63
N VAL A 216 -15.59 -10.30 19.17
CA VAL A 216 -16.05 -9.94 17.83
C VAL A 216 -16.36 -8.45 17.76
N ASN A 217 -16.89 -7.88 18.85
CA ASN A 217 -17.26 -6.47 18.84
C ASN A 217 -16.04 -5.57 18.99
N ASP A 218 -15.07 -5.95 19.82
CA ASP A 218 -13.94 -5.07 20.08
C ASP A 218 -13.11 -4.85 18.83
N CYS A 219 -12.94 -5.88 17.99
CA CYS A 219 -12.15 -5.74 16.78
C CYS A 219 -12.96 -5.18 15.62
N GLU A 220 -14.27 -5.04 15.78
CA GLU A 220 -15.14 -4.36 14.80
C GLU A 220 -15.17 -5.08 13.46
N CYS A 221 -14.94 -6.39 13.47
CA CYS A 221 -14.96 -7.15 12.23
C CYS A 221 -16.36 -7.15 11.63
N LYS A 222 -16.42 -7.23 10.30
CA LYS A 222 -17.66 -7.43 9.57
C LYS A 222 -17.84 -8.86 9.09
N VAL A 223 -16.80 -9.70 9.23
CA VAL A 223 -16.82 -11.06 8.72
C VAL A 223 -16.38 -12.00 9.83
N LEU A 224 -17.08 -13.13 9.94
CA LEU A 224 -16.73 -14.20 10.87
C LEU A 224 -16.60 -15.51 10.11
N ILE A 225 -15.56 -16.25 10.41
CA ILE A 225 -15.34 -17.58 9.84
C ILE A 225 -15.50 -18.58 10.99
N THR A 226 -16.42 -19.53 10.83
CA THR A 226 -16.70 -20.49 11.88
C THR A 226 -16.99 -21.85 11.22
N THR A 227 -17.53 -22.77 12.02
CA THR A 227 -17.85 -24.11 11.59
C THR A 227 -19.26 -24.45 12.04
N ASP A 228 -19.87 -25.46 11.41
CA ASP A 228 -21.19 -25.89 11.87
C ASP A 228 -21.08 -26.55 13.24
N GLU A 229 -20.12 -27.46 13.41
CA GLU A 229 -19.89 -28.12 14.68
C GLU A 229 -18.42 -28.50 14.77
N GLY A 230 -17.93 -28.59 16.01
CA GLY A 230 -16.63 -29.15 16.28
C GLY A 230 -16.76 -30.55 16.86
N ARG A 231 -15.66 -31.31 16.80
CA ARG A 231 -15.63 -32.67 17.34
C ARG A 231 -14.35 -32.83 18.14
N ARG A 232 -14.49 -33.25 19.40
CA ARG A 232 -13.33 -33.40 20.26
C ARG A 232 -13.64 -34.41 21.36
N GLY A 233 -12.81 -35.43 21.47
CA GLY A 233 -13.00 -36.44 22.50
C GLY A 233 -14.30 -37.21 22.36
N GLY A 234 -14.76 -37.41 21.13
CA GLY A 234 -16.02 -38.09 20.89
C GLY A 234 -17.25 -37.24 21.13
N LYS A 235 -17.08 -35.98 21.51
CA LYS A 235 -18.19 -35.09 21.83
C LYS A 235 -18.34 -34.03 20.75
N THR A 236 -19.57 -33.56 20.57
CA THR A 236 -19.85 -32.50 19.63
C THR A 236 -19.76 -31.13 20.31
N ILE A 237 -19.20 -30.17 19.59
CA ILE A 237 -19.11 -28.78 20.02
C ILE A 237 -20.04 -27.98 19.13
N ALA A 238 -21.05 -27.35 19.73
CA ALA A 238 -22.10 -26.67 18.97
C ALA A 238 -21.67 -25.25 18.63
N THR A 239 -20.64 -25.17 17.78
CA THR A 239 -20.06 -23.88 17.43
C THR A 239 -21.10 -22.97 16.79
N LYS A 240 -21.89 -23.48 15.85
CA LYS A 240 -22.81 -22.62 15.12
C LYS A 240 -23.95 -22.13 16.01
N GLN A 241 -24.41 -22.96 16.94
CA GLN A 241 -25.40 -22.50 17.91
C GLN A 241 -24.84 -21.37 18.76
N ILE A 242 -23.60 -21.52 19.24
CA ILE A 242 -23.00 -20.46 20.05
C ILE A 242 -22.80 -19.20 19.23
N VAL A 243 -22.43 -19.35 17.96
CA VAL A 243 -22.25 -18.18 17.09
C VAL A 243 -23.57 -17.42 16.95
N ASP A 244 -24.66 -18.13 16.67
CA ASP A 244 -25.94 -17.46 16.47
C ASP A 244 -26.35 -16.68 17.72
N ALA A 245 -26.08 -17.24 18.90
CA ALA A 245 -26.39 -16.53 20.14
C ALA A 245 -25.55 -15.27 20.29
N ALA A 246 -24.26 -15.37 19.97
CA ALA A 246 -23.38 -14.22 20.11
C ALA A 246 -23.71 -13.13 19.10
N LEU A 247 -23.96 -13.52 17.84
CA LEU A 247 -24.16 -12.54 16.79
C LEU A 247 -25.42 -11.72 16.98
N GLN A 248 -26.35 -12.15 17.85
CA GLN A 248 -27.49 -11.31 18.20
C GLN A 248 -27.07 -10.03 18.90
N GLN A 249 -25.84 -9.95 19.39
CA GLN A 249 -25.33 -8.75 20.04
C GLN A 249 -24.08 -8.22 19.33
N CYS A 250 -23.91 -8.55 18.04
CA CYS A 250 -22.79 -8.11 17.23
C CYS A 250 -23.32 -7.47 15.95
N PRO A 251 -23.71 -6.20 16.01
CA PRO A 251 -24.42 -5.60 14.87
C PRO A 251 -23.55 -5.37 13.63
N LEU A 252 -22.22 -5.35 13.76
CA LEU A 252 -21.38 -5.06 12.61
C LEU A 252 -21.13 -6.26 11.71
N VAL A 253 -21.41 -7.47 12.18
CA VAL A 253 -21.10 -8.68 11.42
C VAL A 253 -22.14 -8.84 10.32
N GLU A 254 -21.68 -8.93 9.07
CA GLU A 254 -22.55 -9.06 7.91
C GLU A 254 -22.39 -10.37 7.17
N ASN A 255 -21.24 -11.04 7.26
CA ASN A 255 -21.00 -12.27 6.52
C ASN A 255 -20.43 -13.31 7.47
N VAL A 256 -21.01 -14.51 7.43
CA VAL A 256 -20.49 -15.64 8.19
C VAL A 256 -20.23 -16.77 7.20
N LEU A 257 -18.98 -17.24 7.17
CA LEU A 257 -18.58 -18.37 6.36
C LEU A 257 -18.52 -19.60 7.25
N VAL A 258 -19.27 -20.65 6.90
CA VAL A 258 -19.46 -21.81 7.77
C VAL A 258 -18.86 -23.03 7.10
N LEU A 259 -17.84 -23.61 7.74
CA LEU A 259 -17.23 -24.85 7.28
C LEU A 259 -18.08 -26.04 7.71
N ARG A 260 -18.31 -26.97 6.78
CA ARG A 260 -19.06 -28.19 7.06
C ARG A 260 -18.12 -29.23 7.66
N ARG A 261 -17.85 -29.08 8.95
CA ARG A 261 -16.98 -30.05 9.61
C ARG A 261 -17.71 -31.36 9.87
N THR A 262 -18.99 -31.30 10.23
CA THR A 262 -19.77 -32.50 10.51
C THR A 262 -20.91 -32.72 9.53
N GLY A 263 -21.50 -31.66 8.98
CA GLY A 263 -22.64 -31.82 8.11
C GLY A 263 -23.95 -32.05 8.81
N ASN A 264 -23.96 -32.10 10.14
CA ASN A 264 -25.22 -32.21 10.86
C ASN A 264 -26.01 -30.90 10.73
N LYS A 265 -27.31 -31.01 10.95
CA LYS A 265 -28.19 -29.87 10.72
C LYS A 265 -27.88 -28.77 11.73
N VAL A 266 -27.66 -27.56 11.23
CA VAL A 266 -27.47 -26.37 12.07
C VAL A 266 -28.24 -25.22 11.47
N PRO A 267 -28.62 -24.25 12.30
CA PRO A 267 -29.34 -23.08 11.78
C PRO A 267 -28.44 -22.25 10.88
N MET A 268 -29.05 -21.69 9.84
CA MET A 268 -28.35 -20.82 8.90
C MET A 268 -29.26 -19.64 8.56
N THR A 269 -28.72 -18.44 8.67
CA THR A 269 -29.47 -17.22 8.41
C THR A 269 -29.27 -16.82 6.95
N GLU A 270 -30.37 -16.73 6.19
CA GLU A 270 -30.28 -16.38 4.78
C GLU A 270 -29.55 -15.07 4.60
N GLY A 271 -28.64 -15.05 3.62
CA GLY A 271 -27.86 -13.85 3.34
C GLY A 271 -26.59 -13.79 4.14
N ARG A 272 -26.74 -13.77 5.48
CA ARG A 272 -25.57 -13.63 6.34
C ARG A 272 -24.68 -14.85 6.27
N ASP A 273 -25.27 -16.04 6.30
CA ASP A 273 -24.54 -17.29 6.46
C ASP A 273 -24.43 -18.01 5.12
N LYS A 274 -23.21 -18.41 4.77
CA LYS A 274 -22.95 -19.15 3.54
C LYS A 274 -22.01 -20.31 3.85
N TRP A 275 -22.14 -21.38 3.08
CA TRP A 275 -21.31 -22.56 3.29
C TRP A 275 -19.93 -22.39 2.67
N TRP A 276 -18.91 -22.80 3.42
CA TRP A 276 -17.52 -22.68 2.98
C TRP A 276 -17.30 -23.37 1.65
N ASP A 277 -17.77 -24.61 1.52
CA ASP A 277 -17.50 -25.38 0.31
C ASP A 277 -18.23 -24.80 -0.91
N GLU A 278 -19.44 -24.27 -0.70
CA GLU A 278 -20.19 -23.71 -1.83
C GLU A 278 -19.60 -22.39 -2.28
N GLU A 279 -19.15 -21.56 -1.33
CA GLU A 279 -18.50 -20.30 -1.69
C GLU A 279 -17.15 -20.54 -2.35
N CYS A 280 -16.34 -21.44 -1.77
CA CYS A 280 -15.01 -21.68 -2.31
C CYS A 280 -15.08 -22.31 -3.70
N ALA A 281 -16.09 -23.14 -3.97
CA ALA A 281 -16.19 -23.79 -5.27
C ALA A 281 -16.41 -22.78 -6.39
N LYS A 282 -16.94 -21.60 -6.07
CA LYS A 282 -17.16 -20.56 -7.06
C LYS A 282 -15.88 -19.78 -7.39
N MET A 283 -14.82 -19.93 -6.61
CA MET A 283 -13.66 -19.06 -6.70
C MET A 283 -12.46 -19.77 -7.33
N PRO A 284 -11.54 -19.00 -7.94
CA PRO A 284 -10.31 -19.61 -8.45
C PRO A 284 -9.46 -20.14 -7.30
N ALA A 285 -8.61 -21.11 -7.64
CA ALA A 285 -7.75 -21.75 -6.65
C ALA A 285 -6.40 -21.06 -6.50
N TYR A 286 -6.23 -19.90 -7.14
CA TYR A 286 -5.09 -19.03 -6.88
C TYR A 286 -5.58 -17.62 -6.60
N CYS A 287 -4.78 -16.87 -5.84
CA CYS A 287 -5.09 -15.53 -5.42
C CYS A 287 -3.76 -14.81 -5.24
N PRO A 288 -3.58 -13.62 -5.79
CA PRO A 288 -2.31 -12.91 -5.59
C PRO A 288 -2.12 -12.56 -4.11
N CYS A 289 -0.87 -12.30 -3.75
CA CYS A 289 -0.51 -11.92 -2.39
C CYS A 289 -0.44 -10.40 -2.29
N GLU A 290 -1.01 -9.86 -1.22
CA GLU A 290 -0.90 -8.43 -0.95
C GLU A 290 0.47 -8.14 -0.38
N ARG A 291 1.10 -7.08 -0.88
CA ARG A 291 2.43 -6.68 -0.43
C ARG A 291 2.29 -5.92 0.88
N MET A 292 2.67 -6.56 1.98
CA MET A 292 2.47 -6.00 3.31
C MET A 292 3.76 -5.36 3.81
N ALA A 293 3.62 -4.21 4.45
CA ALA A 293 4.74 -3.60 5.13
C ALA A 293 5.12 -4.45 6.34
N SER A 294 6.41 -4.44 6.67
CA SER A 294 6.89 -5.21 7.81
CA SER A 294 6.89 -5.21 7.81
C SER A 294 6.05 -4.94 9.05
N GLU A 295 5.73 -3.68 9.31
CA GLU A 295 5.00 -3.30 10.52
C GLU A 295 3.49 -3.27 10.32
N ASP A 296 2.98 -3.68 9.16
CA ASP A 296 1.54 -3.85 9.04
C ASP A 296 1.09 -4.91 10.04
N PRO A 297 -0.05 -4.71 10.70
CA PRO A 297 -0.53 -5.72 11.66
C PRO A 297 -0.90 -7.02 10.96
N LEU A 298 -0.47 -8.13 11.56
CA LEU A 298 -0.77 -9.46 11.05
C LEU A 298 -1.99 -10.07 11.74
N PHE A 299 -2.11 -9.92 13.06
CA PHE A 299 -3.28 -10.45 13.73
C PHE A 299 -3.48 -9.79 15.08
N ILE A 300 -4.72 -9.91 15.56
CA ILE A 300 -5.09 -9.57 16.93
C ILE A 300 -5.36 -10.89 17.65
N LEU A 301 -4.86 -11.00 18.87
CA LEU A 301 -5.17 -12.15 19.72
C LEU A 301 -5.56 -11.65 21.10
N TYR A 302 -6.82 -11.85 21.47
CA TYR A 302 -7.32 -11.38 22.75
C TYR A 302 -6.89 -12.32 23.86
N THR A 303 -6.44 -11.73 24.98
CA THR A 303 -6.09 -12.52 26.14
C THR A 303 -7.30 -13.28 26.67
N SER A 304 -7.05 -14.43 27.27
CA SER A 304 -8.13 -15.25 27.83
C SER A 304 -8.70 -14.61 29.08
N GLY A 305 -10.02 -14.63 29.20
CA GLY A 305 -10.71 -14.01 30.32
C GLY A 305 -12.10 -13.52 29.98
N LYS A 309 -12.81 -6.54 30.45
CA LYS A 309 -12.43 -6.12 29.10
C LYS A 309 -11.15 -6.84 28.66
N PRO A 310 -11.27 -7.71 27.65
CA PRO A 310 -10.08 -8.43 27.18
C PRO A 310 -9.18 -7.56 26.32
N LYS A 311 -7.89 -7.88 26.35
CA LYS A 311 -6.86 -7.13 25.65
C LYS A 311 -6.54 -7.79 24.32
N GLY A 312 -6.76 -7.07 23.23
CA GLY A 312 -6.37 -7.55 21.92
C GLY A 312 -4.89 -7.32 21.68
N VAL A 313 -4.06 -8.35 21.86
CA VAL A 313 -2.64 -8.23 21.61
C VAL A 313 -2.41 -8.19 20.11
N VAL A 314 -1.73 -7.14 19.64
CA VAL A 314 -1.49 -6.92 18.22
C VAL A 314 -0.06 -7.30 17.89
N HIS A 315 0.13 -8.07 16.84
CA HIS A 315 1.45 -8.44 16.35
C HIS A 315 1.65 -7.94 14.93
N SER A 316 2.87 -7.48 14.64
CA SER A 316 3.25 -7.03 13.31
C SER A 316 3.52 -8.25 12.44
N THR A 317 4.02 -8.04 11.22
CA THR A 317 4.20 -9.11 10.25
C THR A 317 5.63 -9.66 10.26
N ALA A 318 6.61 -8.81 9.93
CA ALA A 318 7.97 -9.32 9.70
C ALA A 318 8.61 -9.82 10.99
N GLY A 319 8.64 -8.97 12.03
CA GLY A 319 9.28 -9.35 13.27
C GLY A 319 8.66 -10.59 13.90
N TYR A 320 7.33 -10.65 13.93
CA TYR A 320 6.66 -11.83 14.46
C TYR A 320 7.02 -13.06 13.64
N LEU A 321 6.95 -12.95 12.32
CA LEU A 321 7.21 -14.11 11.47
C LEU A 321 8.65 -14.59 11.65
N LEU A 322 9.60 -13.66 11.72
CA LEU A 322 10.99 -14.04 11.95
C LEU A 322 11.16 -14.69 13.31
N GLY A 323 10.50 -14.13 14.33
CA GLY A 323 10.62 -14.69 15.67
C GLY A 323 10.13 -16.13 15.76
N THR A 324 8.97 -16.42 15.16
CA THR A 324 8.45 -17.78 15.21
C THR A 324 9.31 -18.73 14.37
N ALA A 325 9.82 -18.26 13.24
CA ALA A 325 10.64 -19.13 12.38
C ALA A 325 11.96 -19.49 13.06
N LEU A 326 12.60 -18.53 13.72
CA LEU A 326 13.91 -18.80 14.32
C LEU A 326 13.79 -19.66 15.57
N THR A 327 12.78 -19.40 16.41
CA THR A 327 12.63 -20.18 17.63
C THR A 327 12.29 -21.63 17.31
N LEU A 328 11.36 -21.87 16.39
CA LEU A 328 11.07 -23.25 16.01
C LEU A 328 12.32 -23.93 15.49
N LYS A 329 13.10 -23.23 14.66
CA LYS A 329 14.29 -23.85 14.09
C LYS A 329 15.30 -24.19 15.17
N TYR A 330 15.58 -23.24 16.07
CA TYR A 330 16.69 -23.40 17.00
C TYR A 330 16.27 -24.03 18.33
N VAL A 331 15.09 -23.66 18.85
CA VAL A 331 14.69 -24.20 20.14
C VAL A 331 14.27 -25.66 20.01
N PHE A 332 13.72 -26.05 18.86
CA PHE A 332 13.33 -27.43 18.62
C PHE A 332 14.26 -28.14 17.64
N ASP A 333 15.37 -27.51 17.28
CA ASP A 333 16.33 -28.04 16.29
C ASP A 333 15.60 -28.68 15.12
N ALA A 334 14.79 -27.87 14.46
CA ALA A 334 14.02 -28.35 13.31
C ALA A 334 14.89 -28.39 12.06
N HIS A 335 14.73 -29.44 11.28
CA HIS A 335 15.47 -29.64 10.04
C HIS A 335 14.48 -29.86 8.89
N PRO A 336 14.93 -29.70 7.65
CA PRO A 336 13.98 -29.57 6.52
C PRO A 336 12.90 -30.64 6.42
N ASP A 337 13.17 -31.87 6.85
CA ASP A 337 12.21 -32.95 6.68
C ASP A 337 11.56 -33.37 8.01
N ASP A 338 11.66 -32.54 9.04
CA ASP A 338 11.11 -32.88 10.34
C ASP A 338 9.58 -32.82 10.31
N ARG A 339 8.97 -33.53 11.25
CA ARG A 339 7.51 -33.62 11.38
C ARG A 339 7.17 -33.16 12.80
N PHE A 340 6.78 -31.90 12.91
CA PHE A 340 6.64 -31.22 14.19
C PHE A 340 5.22 -31.37 14.73
N ALA A 341 5.11 -31.84 15.97
CA ALA A 341 3.82 -32.10 16.60
C ALA A 341 3.62 -31.20 17.81
N CYS A 342 3.00 -30.03 17.59
CA CYS A 342 2.53 -29.19 18.68
C CYS A 342 1.06 -29.52 18.95
N MET A 343 0.77 -29.96 20.19
CA MET A 343 -0.55 -30.42 20.56
C MET A 343 -1.39 -29.33 21.19
N ALA A 344 -1.21 -28.08 20.76
CA ALA A 344 -1.94 -26.96 21.30
C ALA A 344 -3.18 -26.69 20.43
N ASP A 345 -3.80 -25.55 20.64
CA ASP A 345 -4.97 -25.12 19.90
C ASP A 345 -4.66 -23.82 19.19
N ILE A 346 -5.13 -23.70 17.94
CA ILE A 346 -4.87 -22.49 17.16
C ILE A 346 -5.54 -21.26 17.78
N GLY A 347 -6.49 -21.46 18.69
CA GLY A 347 -7.12 -20.34 19.34
C GLY A 347 -6.24 -19.61 20.34
N TRP A 348 -5.07 -20.17 20.65
CA TRP A 348 -4.12 -19.57 21.57
C TRP A 348 -2.82 -19.27 20.84
N ILE A 349 -1.96 -18.49 21.50
CA ILE A 349 -0.74 -18.04 20.85
C ILE A 349 0.16 -19.21 20.48
N THR A 350 0.15 -20.28 21.28
CA THR A 350 1.00 -21.43 20.98
C THR A 350 0.62 -22.04 19.64
N GLY A 351 -0.67 -22.06 19.31
CA GLY A 351 -1.08 -22.53 18.01
C GLY A 351 -0.75 -21.55 16.89
N HIS A 352 -0.88 -20.25 17.16
CA HIS A 352 -0.47 -19.26 16.17
C HIS A 352 0.98 -19.47 15.78
N SER A 353 1.87 -19.56 16.76
CA SER A 353 3.31 -19.49 16.52
C SER A 353 3.94 -20.85 16.25
N TYR A 354 3.44 -21.94 16.85
CA TYR A 354 4.12 -23.22 16.75
C TYR A 354 3.29 -24.37 16.18
N ILE A 355 2.07 -24.09 15.74
CA ILE A 355 1.38 -24.97 14.80
C ILE A 355 1.43 -24.40 13.38
N ILE A 356 1.01 -23.14 13.22
CA ILE A 356 0.86 -22.55 11.89
C ILE A 356 2.11 -21.81 11.43
N TYR A 357 2.39 -20.64 12.00
CA TYR A 357 3.33 -19.71 11.37
C TYR A 357 4.77 -20.21 11.44
N GLY A 358 5.21 -20.68 12.60
CA GLY A 358 6.58 -21.10 12.77
C GLY A 358 6.97 -22.25 11.86
N PRO A 359 6.22 -23.36 11.93
CA PRO A 359 6.60 -24.52 11.12
C PRO A 359 6.40 -24.31 9.63
N LEU A 360 5.29 -23.69 9.22
CA LEU A 360 5.05 -23.51 7.80
C LEU A 360 6.02 -22.50 7.19
N ALA A 361 6.41 -21.47 7.94
CA ALA A 361 7.47 -20.57 7.46
C ALA A 361 8.75 -21.35 7.17
N ASN A 362 9.09 -22.30 8.04
CA ASN A 362 10.27 -23.15 7.82
C ASN A 362 10.05 -24.20 6.74
N GLY A 363 8.83 -24.34 6.22
CA GLY A 363 8.58 -25.26 5.14
C GLY A 363 8.57 -26.72 5.52
N ILE A 364 8.36 -27.03 6.80
CA ILE A 364 8.34 -28.43 7.23
C ILE A 364 6.90 -28.91 7.39
N THR A 365 6.73 -30.08 7.99
CA THR A 365 5.42 -30.67 8.23
C THR A 365 5.01 -30.38 9.67
N THR A 366 3.77 -29.95 9.86
CA THR A 366 3.24 -29.62 11.18
C THR A 366 1.95 -30.39 11.40
N ALA A 367 1.62 -30.64 12.67
CA ALA A 367 0.46 -31.42 13.05
C ALA A 367 -0.68 -30.52 13.52
N VAL A 368 -1.89 -30.86 13.10
CA VAL A 368 -3.11 -30.29 13.64
C VAL A 368 -3.86 -31.43 14.33
N PHE A 369 -3.84 -31.42 15.67
CA PHE A 369 -4.36 -32.52 16.47
C PHE A 369 -5.74 -32.13 17.01
N GLU A 370 -6.77 -32.84 16.56
CA GLU A 370 -8.14 -32.46 16.85
C GLU A 370 -8.73 -33.13 18.08
N SER A 371 -8.10 -34.16 18.62
CA SER A 371 -8.67 -34.94 19.71
C SER A 371 -8.12 -34.46 21.04
N THR A 372 -8.31 -35.27 22.08
CA THR A 372 -7.72 -35.10 23.39
C THR A 372 -6.63 -36.13 23.60
N PRO A 373 -5.82 -36.00 24.66
CA PRO A 373 -4.76 -36.98 24.89
C PRO A 373 -5.27 -38.35 25.31
N VAL A 374 -6.57 -38.53 25.56
CA VAL A 374 -7.07 -39.79 26.08
C VAL A 374 -8.20 -40.33 25.23
N TYR A 375 -8.41 -39.76 24.04
CA TYR A 375 -9.45 -40.29 23.17
C TYR A 375 -8.83 -40.92 21.93
N PRO A 376 -9.18 -42.17 21.60
CA PRO A 376 -10.10 -43.07 22.33
C PRO A 376 -9.49 -43.62 23.62
N THR A 377 -8.16 -43.68 23.74
CA THR A 377 -7.53 -44.15 24.97
C THR A 377 -6.34 -43.27 25.32
N PRO A 378 -5.77 -43.42 26.51
CA PRO A 378 -4.60 -42.61 26.88
C PRO A 378 -3.34 -42.92 26.10
N SER A 379 -3.38 -43.83 25.12
CA SER A 379 -2.24 -44.10 24.26
C SER A 379 -2.25 -43.23 23.00
N ARG A 380 -3.22 -42.33 22.87
CA ARG A 380 -3.39 -41.59 21.62
C ARG A 380 -2.14 -40.82 21.21
N TYR A 381 -1.56 -40.04 22.13
CA TYR A 381 -0.35 -39.29 21.81
C TYR A 381 0.70 -40.21 21.19
N TRP A 382 0.87 -41.39 21.75
CA TRP A 382 1.99 -42.26 21.38
C TRP A 382 1.69 -43.07 20.12
N ASP A 383 0.43 -43.47 19.93
CA ASP A 383 0.03 -43.99 18.63
C ASP A 383 0.27 -42.95 17.55
N PHE A 384 -0.01 -41.68 17.86
CA PHE A 384 0.22 -40.60 16.91
C PHE A 384 1.69 -40.49 16.54
N VAL A 385 2.57 -40.45 17.55
CA VAL A 385 3.99 -40.29 17.29
C VAL A 385 4.51 -41.42 16.41
N ASP A 386 4.12 -42.66 16.70
CA ASP A 386 4.65 -43.79 15.95
C ASP A 386 4.05 -43.90 14.55
N LYS A 387 2.81 -43.45 14.37
CA LYS A 387 2.18 -43.53 13.05
C LYS A 387 2.83 -42.55 12.07
N TRP A 388 3.07 -41.32 12.51
CA TRP A 388 3.64 -40.29 11.65
C TRP A 388 5.13 -40.10 11.84
N LYS A 389 5.74 -40.79 12.80
CA LYS A 389 7.16 -40.65 13.08
C LYS A 389 7.50 -39.19 13.36
N ALA A 390 6.73 -38.59 14.26
CA ALA A 390 6.97 -37.21 14.65
C ALA A 390 8.37 -37.06 15.21
N THR A 391 9.02 -35.96 14.87
CA THR A 391 10.40 -35.73 15.26
C THR A 391 10.52 -34.81 16.47
N GLN A 392 9.49 -34.00 16.74
CA GLN A 392 9.42 -33.21 17.95
C GLN A 392 7.99 -33.19 18.45
N LEU A 393 7.85 -33.10 19.77
CA LEU A 393 6.55 -33.04 20.41
C LEU A 393 6.53 -31.87 21.38
N TYR A 394 5.46 -31.08 21.34
CA TYR A 394 5.33 -29.86 22.11
C TYR A 394 3.95 -29.90 22.76
N THR A 395 3.92 -30.02 24.08
CA THR A 395 2.66 -30.15 24.80
C THR A 395 2.76 -29.40 26.12
N ALA A 396 1.72 -29.55 26.94
CA ALA A 396 1.57 -28.79 28.17
C ALA A 396 1.64 -29.70 29.39
N PRO A 397 2.12 -29.18 30.52
CA PRO A 397 2.14 -30.02 31.73
C PRO A 397 0.77 -30.52 32.14
N THR A 398 -0.30 -29.80 31.81
CA THR A 398 -1.64 -30.26 32.15
C THR A 398 -2.00 -31.52 31.37
N ALA A 399 -1.51 -31.65 30.13
CA ALA A 399 -1.70 -32.89 29.38
C ALA A 399 -0.88 -34.03 29.99
N ILE A 400 0.37 -33.75 30.36
CA ILE A 400 1.21 -34.78 30.96
C ILE A 400 0.60 -35.26 32.28
N ARG A 401 0.07 -34.33 33.08
CA ARG A 401 -0.54 -34.71 34.34
C ARG A 401 -1.72 -35.65 34.11
N LEU A 402 -2.54 -35.38 33.10
CA LEU A 402 -3.65 -36.27 32.79
C LEU A 402 -3.13 -37.66 32.43
N LEU A 403 -2.13 -37.74 31.56
CA LEU A 403 -1.59 -39.05 31.17
C LEU A 403 -0.92 -39.75 32.34
N ARG A 404 -0.27 -39.01 33.24
CA ARG A 404 0.33 -39.63 34.41
C ARG A 404 -0.69 -40.42 35.22
N ARG A 405 -1.94 -39.92 35.30
CA ARG A 405 -2.95 -40.60 36.09
C ARG A 405 -3.47 -41.87 35.42
N MET A 406 -3.26 -42.03 34.11
CA MET A 406 -3.81 -43.17 33.39
C MET A 406 -2.91 -44.39 33.36
N GLY A 407 -1.67 -44.28 33.80
CA GLY A 407 -0.83 -45.44 33.94
C GLY A 407 0.20 -45.56 32.83
N GLU A 408 1.26 -46.32 33.13
CA GLU A 408 2.40 -46.44 32.23
C GLU A 408 2.11 -47.34 31.03
N ASP A 409 1.16 -48.28 31.16
CA ASP A 409 0.95 -49.27 30.12
C ASP A 409 0.61 -48.62 28.77
N HIS A 410 0.04 -47.43 28.79
CA HIS A 410 -0.37 -46.77 27.55
C HIS A 410 0.79 -46.16 26.77
N VAL A 411 2.02 -46.20 27.30
CA VAL A 411 3.12 -45.50 26.66
C VAL A 411 4.39 -46.34 26.60
N LYS A 412 4.59 -47.21 27.59
CA LYS A 412 5.92 -47.79 27.78
C LYS A 412 6.32 -48.80 26.70
N ASN A 413 5.37 -49.34 25.94
CA ASN A 413 5.67 -50.32 24.91
C ASN A 413 5.63 -49.76 23.50
N HIS A 414 5.56 -48.44 23.36
CA HIS A 414 5.65 -47.82 22.04
C HIS A 414 7.12 -47.67 21.64
N ASP A 415 7.32 -47.32 20.36
CA ASP A 415 8.66 -47.10 19.83
C ASP A 415 9.14 -45.70 20.19
N LEU A 416 8.56 -44.68 19.57
CA LEU A 416 8.79 -43.27 19.86
C LEU A 416 10.20 -42.81 19.52
N SER A 417 11.02 -43.65 18.88
CA SER A 417 12.41 -43.30 18.63
C SER A 417 12.56 -42.22 17.57
N SER A 418 11.51 -41.89 16.82
CA SER A 418 11.60 -40.79 15.88
C SER A 418 11.73 -39.44 16.58
N LEU A 419 11.37 -39.36 17.86
CA LEU A 419 11.45 -38.12 18.61
C LEU A 419 12.89 -37.79 18.97
N ARG A 420 13.23 -36.50 18.92
CA ARG A 420 14.51 -35.97 19.37
C ARG A 420 14.38 -34.90 20.43
N VAL A 421 13.28 -34.15 20.43
CA VAL A 421 13.07 -33.03 21.33
C VAL A 421 11.66 -33.12 21.88
N LEU A 422 11.53 -32.96 23.20
CA LEU A 422 10.24 -32.91 23.87
C LEU A 422 10.07 -31.53 24.49
N GLY A 423 8.99 -30.86 24.15
CA GLY A 423 8.75 -29.50 24.61
C GLY A 423 7.62 -29.43 25.62
N SER A 424 7.70 -28.44 26.50
CA SER A 424 6.68 -28.19 27.50
C SER A 424 6.39 -26.69 27.52
N VAL A 425 5.12 -26.34 27.56
CA VAL A 425 4.68 -24.95 27.54
C VAL A 425 3.45 -24.80 28.39
N GLY A 426 3.36 -23.67 29.08
CA GLY A 426 2.21 -23.33 29.88
C GLY A 426 2.66 -22.98 31.28
N GLU A 427 2.26 -23.78 32.24
CA GLU A 427 2.64 -23.56 33.64
C GLU A 427 4.04 -24.10 33.91
N PRO A 428 4.65 -23.65 35.01
CA PRO A 428 5.92 -24.26 35.44
C PRO A 428 5.72 -25.75 35.71
N ILE A 429 6.63 -26.55 35.18
CA ILE A 429 6.55 -28.00 35.31
C ILE A 429 7.31 -28.46 36.55
N ASN A 430 6.69 -29.43 37.33
CA ASN A 430 7.35 -29.97 38.51
C ASN A 430 8.24 -31.15 38.10
N PRO A 431 9.29 -31.43 38.89
CA PRO A 431 10.22 -32.52 38.52
C PRO A 431 9.56 -33.88 38.26
N GLU A 432 8.59 -34.30 39.09
CA GLU A 432 7.99 -35.61 38.90
C GLU A 432 7.40 -35.75 37.49
N ALA A 433 6.71 -34.72 37.01
CA ALA A 433 6.18 -34.75 35.65
C ALA A 433 7.31 -34.70 34.62
N TRP A 434 8.33 -33.87 34.89
CA TRP A 434 9.48 -33.79 34.00
C TRP A 434 10.12 -35.16 33.80
N HIS A 435 10.31 -35.90 34.89
CA HIS A 435 10.97 -37.20 34.79
C HIS A 435 10.07 -38.23 34.09
N TRP A 436 8.76 -38.15 34.33
CA TRP A 436 7.83 -39.01 33.59
C TRP A 436 7.91 -38.73 32.10
N TYR A 437 7.89 -37.44 31.73
CA TYR A 437 8.07 -37.03 30.35
C TYR A 437 9.40 -37.51 29.80
N ASN A 438 10.47 -37.33 30.58
CA ASN A 438 11.80 -37.73 30.14
C ASN A 438 11.91 -39.25 30.02
N ASP A 439 11.36 -39.99 30.99
CA ASP A 439 11.54 -41.43 31.03
C ASP A 439 10.67 -42.17 30.02
N PHE A 440 9.42 -41.73 29.83
CA PHE A 440 8.48 -42.53 29.04
C PHE A 440 8.24 -41.98 27.65
N ALA A 441 8.06 -40.67 27.50
CA ALA A 441 7.90 -40.10 26.16
C ALA A 441 9.23 -40.12 25.41
N GLY A 442 10.34 -39.88 26.12
CA GLY A 442 11.63 -39.77 25.46
C GLY A 442 12.53 -40.96 25.65
N LYS A 443 12.13 -41.91 26.51
CA LYS A 443 12.96 -43.05 26.86
C LYS A 443 14.38 -42.61 27.19
N ASN A 444 14.50 -41.45 27.85
CA ASN A 444 15.77 -40.89 28.30
C ASN A 444 16.70 -40.58 27.13
N GLN A 445 16.16 -40.41 25.94
CA GLN A 445 16.96 -40.19 24.74
C GLN A 445 16.58 -38.91 24.01
N CYS A 446 15.70 -38.10 24.59
CA CYS A 446 15.30 -36.81 24.04
C CYS A 446 15.71 -35.69 25.00
N ALA A 447 15.94 -34.51 24.44
CA ALA A 447 16.09 -33.30 25.24
C ALA A 447 14.73 -32.75 25.61
N ILE A 448 14.61 -32.26 26.84
CA ILE A 448 13.38 -31.62 27.31
C ILE A 448 13.59 -30.11 27.25
N VAL A 449 12.86 -29.43 26.37
N VAL A 449 12.82 -29.44 26.40
CA VAL A 449 12.95 -27.97 26.24
CA VAL A 449 12.90 -28.00 26.21
C VAL A 449 11.75 -27.37 26.96
C VAL A 449 11.73 -27.37 26.96
N ASP A 450 12.03 -26.71 28.08
CA ASP A 450 11.03 -26.04 28.91
C ASP A 450 10.99 -24.58 28.50
N THR A 451 9.86 -24.13 27.97
CA THR A 451 9.76 -22.83 27.31
C THR A 451 8.95 -21.84 28.15
N TYR A 452 9.48 -20.62 28.24
CA TYR A 452 8.78 -19.50 28.86
C TYR A 452 8.56 -18.42 27.82
N TRP A 453 7.33 -17.91 27.74
CA TRP A 453 7.01 -16.79 26.87
C TRP A 453 5.57 -16.39 27.15
N MET A 454 5.10 -15.39 26.41
CA MET A 454 3.74 -14.90 26.57
C MET A 454 3.18 -14.54 25.20
N THR A 455 1.86 -14.45 25.13
CA THR A 455 1.19 -13.91 23.95
C THR A 455 1.90 -12.65 23.50
N GLU A 456 2.32 -11.83 24.46
CA GLU A 456 2.92 -10.53 24.17
C GLU A 456 4.35 -10.61 23.67
N THR A 457 5.04 -11.74 23.88
CA THR A 457 6.39 -11.90 23.36
C THR A 457 6.43 -12.44 21.94
N GLY A 458 5.33 -13.04 21.48
CA GLY A 458 5.23 -13.53 20.11
C GLY A 458 5.87 -14.90 19.92
N SER A 459 7.00 -15.14 20.58
CA SER A 459 7.76 -16.36 20.39
C SER A 459 8.54 -16.65 21.67
N ILE A 460 9.08 -17.87 21.73
CA ILE A 460 9.74 -18.37 22.92
C ILE A 460 10.82 -17.41 23.36
N SER A 461 10.82 -17.06 24.65
CA SER A 461 11.71 -16.06 25.22
C SER A 461 12.88 -16.65 25.99
N ILE A 462 12.65 -17.69 26.77
CA ILE A 462 13.69 -18.36 27.54
C ILE A 462 13.50 -19.86 27.37
N ALA A 463 14.56 -20.54 26.94
CA ALA A 463 14.47 -21.97 26.69
C ALA A 463 15.86 -22.53 26.40
N PRO A 464 16.12 -23.79 26.72
CA PRO A 464 17.39 -24.39 26.35
C PRO A 464 17.42 -24.71 24.87
N LEU A 465 18.59 -24.52 24.25
CA LEU A 465 18.80 -25.03 22.91
C LEU A 465 19.19 -26.50 23.04
N PRO A 466 18.41 -27.43 22.50
CA PRO A 466 18.52 -28.84 22.94
C PRO A 466 19.86 -29.47 22.65
N GLY A 467 20.62 -28.96 21.68
CA GLY A 467 21.91 -29.52 21.35
C GLY A 467 23.07 -28.86 22.05
N ALA A 468 22.82 -27.86 22.88
CA ALA A 468 23.88 -27.10 23.53
C ALA A 468 23.74 -27.04 25.05
N ILE A 469 22.51 -26.91 25.56
CA ILE A 469 22.27 -26.57 26.96
C ILE A 469 21.91 -27.83 27.73
N SER A 470 22.57 -28.03 28.87
CA SER A 470 22.21 -29.07 29.82
C SER A 470 21.08 -28.58 30.71
N THR A 471 20.07 -29.43 30.90
CA THR A 471 18.81 -29.04 31.49
C THR A 471 18.75 -29.39 32.97
N LYS A 472 17.88 -28.65 33.68
CA LYS A 472 17.51 -28.93 35.05
C LYS A 472 15.99 -29.06 35.11
N PRO A 473 15.44 -30.10 35.74
CA PRO A 473 13.97 -30.24 35.74
C PRO A 473 13.28 -29.03 36.35
N GLY A 474 12.52 -28.29 35.52
CA GLY A 474 11.78 -27.14 35.97
C GLY A 474 12.36 -25.79 35.60
N SER A 475 13.50 -25.74 34.90
CA SER A 475 14.19 -24.50 34.57
C SER A 475 14.08 -24.20 33.08
N ALA A 476 13.70 -22.97 32.75
CA ALA A 476 13.73 -22.54 31.36
C ALA A 476 15.16 -22.34 30.84
N THR A 477 16.13 -22.17 31.73
CA THR A 477 17.56 -22.04 31.42
C THR A 477 17.91 -20.61 30.98
N PHE A 478 18.19 -20.39 29.70
CA PHE A 478 18.82 -19.16 29.26
C PHE A 478 18.04 -18.48 28.15
N PRO A 479 18.18 -17.15 28.03
CA PRO A 479 17.36 -16.40 27.07
C PRO A 479 17.63 -16.81 25.63
N PHE A 480 16.61 -16.64 24.79
CA PHE A 480 16.76 -16.91 23.37
C PHE A 480 17.42 -15.72 22.67
N PHE A 481 17.84 -15.96 21.43
CA PHE A 481 18.43 -14.92 20.60
C PHE A 481 17.54 -13.67 20.61
N GLY A 482 18.18 -12.52 20.85
CA GLY A 482 17.49 -11.25 20.88
C GLY A 482 16.95 -10.85 22.23
N MET A 483 16.90 -11.78 23.19
CA MET A 483 16.32 -11.52 24.50
C MET A 483 17.44 -11.26 25.51
N ASP A 484 17.42 -10.07 26.10
CA ASP A 484 18.35 -9.69 27.16
C ASP A 484 17.50 -9.44 28.41
N VAL A 485 17.45 -10.43 29.30
CA VAL A 485 16.57 -10.38 30.45
C VAL A 485 17.40 -10.21 31.71
N ASP A 486 16.75 -9.71 32.75
CA ASP A 486 17.41 -9.48 34.02
C ASP A 486 16.35 -9.60 35.12
N ILE A 487 16.81 -9.60 36.37
CA ILE A 487 15.95 -9.73 37.53
C ILE A 487 16.01 -8.42 38.29
N ILE A 488 14.85 -7.91 38.72
CA ILE A 488 14.76 -6.65 39.43
C ILE A 488 14.16 -6.92 40.80
N ASP A 489 14.71 -6.30 41.82
CA ASP A 489 14.11 -6.31 43.16
C ASP A 489 12.88 -5.43 43.10
N PRO A 490 11.66 -5.97 43.23
CA PRO A 490 10.47 -5.12 43.12
C PRO A 490 10.36 -4.07 44.20
N GLN A 491 11.03 -4.24 45.34
CA GLN A 491 10.94 -3.28 46.42
C GLN A 491 11.82 -2.07 46.18
N THR A 492 12.91 -2.23 45.43
CA THR A 492 13.85 -1.14 45.17
C THR A 492 13.82 -0.66 43.72
N GLY A 493 13.35 -1.48 42.78
CA GLY A 493 13.39 -1.13 41.38
C GLY A 493 14.74 -1.29 40.71
N GLN A 494 15.74 -1.80 41.43
CA GLN A 494 17.10 -1.90 40.90
C GLN A 494 17.40 -3.32 40.45
N VAL A 495 18.28 -3.44 39.45
CA VAL A 495 18.65 -4.73 38.92
C VAL A 495 19.51 -5.47 39.93
N LEU A 496 19.23 -6.76 40.12
CA LEU A 496 20.01 -7.62 40.98
C LEU A 496 21.14 -8.25 40.17
N GLU A 497 22.38 -7.99 40.57
CA GLU A 497 23.54 -8.52 39.89
C GLU A 497 23.98 -9.82 40.55
N GLY A 498 24.50 -10.73 39.72
CA GLY A 498 25.03 -11.98 40.22
C GLY A 498 24.01 -13.10 40.22
N ASN A 499 24.48 -14.28 40.61
CA ASN A 499 23.66 -15.48 40.67
C ASN A 499 23.11 -15.69 42.08
N ASP A 500 22.21 -16.67 42.19
CA ASP A 500 21.46 -16.90 43.43
C ASP A 500 20.72 -15.63 43.85
N VAL A 501 19.95 -15.07 42.92
CA VAL A 501 19.14 -13.88 43.15
C VAL A 501 17.71 -14.18 42.70
N GLU A 502 16.78 -13.39 43.20
CA GLU A 502 15.37 -13.65 42.94
C GLU A 502 14.61 -12.34 42.97
N GLY A 503 13.64 -12.20 42.05
CA GLY A 503 12.87 -10.98 41.94
C GLY A 503 11.84 -11.06 40.82
N VAL A 504 11.65 -9.99 40.08
CA VAL A 504 10.72 -9.97 38.95
C VAL A 504 11.53 -9.93 37.65
N LEU A 505 10.99 -10.59 36.63
CA LEU A 505 11.67 -10.70 35.35
C LEU A 505 11.35 -9.52 34.45
N VAL A 506 12.38 -8.97 33.82
CA VAL A 506 12.24 -7.86 32.87
C VAL A 506 13.17 -8.10 31.69
N ALA A 507 12.84 -7.46 30.57
CA ALA A 507 13.68 -7.46 29.39
C ALA A 507 14.22 -6.05 29.15
N ARG A 508 15.48 -5.97 28.71
CA ARG A 508 16.17 -4.69 28.61
C ARG A 508 15.95 -3.98 27.28
N ARG A 509 15.59 -4.69 26.23
CA ARG A 509 15.52 -4.07 24.91
C ARG A 509 14.43 -4.76 24.10
N PRO A 510 13.87 -4.08 23.10
CA PRO A 510 12.89 -4.73 22.24
C PRO A 510 13.50 -5.88 21.45
N TRP A 511 12.65 -6.81 21.05
CA TRP A 511 13.00 -7.94 20.21
C TRP A 511 12.01 -8.03 19.07
N PRO A 512 12.38 -8.70 17.97
CA PRO A 512 11.57 -8.59 16.74
C PRO A 512 10.10 -8.95 16.90
N SER A 513 9.77 -9.99 17.67
CA SER A 513 8.39 -10.49 17.73
C SER A 513 7.58 -9.91 18.88
N ILE A 514 8.07 -8.88 19.57
CA ILE A 514 7.30 -8.29 20.66
C ILE A 514 5.99 -7.70 20.11
N ALA A 515 4.92 -7.83 20.88
CA ALA A 515 3.66 -7.22 20.50
C ALA A 515 3.84 -5.70 20.40
N ARG A 516 3.15 -5.09 19.45
CA ARG A 516 3.35 -3.69 19.14
C ARG A 516 2.34 -2.77 19.83
N THR A 517 1.15 -3.27 20.15
CA THR A 517 0.16 -2.44 20.85
C THR A 517 -0.91 -3.35 21.42
N VAL A 518 -1.87 -2.74 22.11
CA VAL A 518 -3.16 -3.36 22.43
C VAL A 518 -4.20 -2.66 21.58
N TYR A 519 -5.03 -3.45 20.89
CA TYR A 519 -5.85 -2.91 19.82
C TYR A 519 -6.70 -1.74 20.30
N ARG A 520 -6.44 -0.56 19.73
N ARG A 520 -6.44 -0.56 19.72
CA ARG A 520 -7.17 0.67 20.04
CA ARG A 520 -7.15 0.67 20.04
C ARG A 520 -7.07 1.05 21.51
C ARG A 520 -7.09 1.02 21.53
N ASP A 521 -6.06 0.53 22.22
CA ASP A 521 -5.87 0.83 23.63
C ASP A 521 -4.38 0.86 23.95
N HIS A 522 -3.65 1.72 23.23
CA HIS A 522 -2.20 1.79 23.39
C HIS A 522 -1.80 2.22 24.80
N LYS A 523 -2.62 3.03 25.46
CA LYS A 523 -2.28 3.46 26.81
C LYS A 523 -2.22 2.26 27.76
N ARG A 524 -3.12 1.30 27.58
CA ARG A 524 -3.10 0.10 28.42
C ARG A 524 -1.84 -0.72 28.13
N TYR A 525 -1.41 -0.77 26.88
CA TYR A 525 -0.15 -1.42 26.52
C TYR A 525 1.01 -0.80 27.27
N LEU A 526 1.12 0.53 27.26
CA LEU A 526 2.22 1.19 27.94
C LEU A 526 2.12 0.99 29.45
N GLU A 527 0.92 1.19 30.00
CA GLU A 527 0.77 1.11 31.46
C GLU A 527 1.03 -0.30 31.97
N THR A 528 0.64 -1.32 31.21
CA THR A 528 0.80 -2.69 31.71
C THR A 528 2.23 -3.17 31.62
N TYR A 529 2.93 -2.88 30.52
CA TYR A 529 4.23 -3.49 30.26
C TYR A 529 5.41 -2.55 30.36
N MET A 530 5.22 -1.26 30.08
CA MET A 530 6.34 -0.32 29.96
C MET A 530 6.47 0.67 31.10
N LYS A 531 5.40 0.90 31.86
CA LYS A 531 5.43 1.90 32.91
C LYS A 531 5.93 1.34 34.25
N PRO A 532 5.65 0.08 34.59
CA PRO A 532 6.07 -0.41 35.91
C PRO A 532 7.56 -0.24 36.20
N TYR A 533 8.42 -0.54 35.23
CA TYR A 533 9.86 -0.39 35.37
C TYR A 533 10.37 0.37 34.15
N PRO A 534 10.38 1.70 34.20
CA PRO A 534 10.72 2.48 33.00
C PRO A 534 12.08 2.09 32.46
N GLY A 535 12.13 1.89 31.15
CA GLY A 535 13.31 1.40 30.47
C GLY A 535 13.28 -0.08 30.17
N TYR A 536 12.32 -0.81 30.74
CA TYR A 536 12.28 -2.26 30.64
C TYR A 536 10.91 -2.71 30.15
N PHE A 537 10.85 -3.96 29.70
CA PHE A 537 9.60 -4.66 29.47
C PHE A 537 9.33 -5.55 30.69
N PHE A 538 8.16 -5.39 31.28
CA PHE A 538 7.77 -6.12 32.48
C PHE A 538 6.94 -7.33 32.07
N PHE A 539 7.48 -8.54 32.27
CA PHE A 539 6.76 -9.76 31.92
C PHE A 539 5.56 -9.98 32.85
N GLY A 540 5.64 -9.52 34.09
CA GLY A 540 4.60 -9.77 35.07
C GLY A 540 4.82 -10.99 35.93
N ASP A 541 5.99 -11.61 35.85
CA ASP A 541 6.26 -12.86 36.55
C ASP A 541 7.48 -12.72 37.45
N GLY A 542 7.44 -13.42 38.58
CA GLY A 542 8.63 -13.57 39.39
C GLY A 542 9.57 -14.60 38.81
N ALA A 543 10.85 -14.44 39.09
CA ALA A 543 11.85 -15.36 38.57
C ALA A 543 13.04 -15.37 39.51
N ALA A 544 13.82 -16.45 39.42
CA ALA A 544 15.06 -16.58 40.17
C ALA A 544 16.14 -17.05 39.22
N ARG A 545 17.36 -16.58 39.47
CA ARG A 545 18.55 -17.01 38.75
C ARG A 545 19.41 -17.74 39.78
N ASP A 546 19.62 -19.04 39.55
CA ASP A 546 20.30 -19.86 40.56
C ASP A 546 21.81 -19.71 40.44
N TYR A 547 22.53 -20.42 41.33
CA TYR A 547 23.96 -20.21 41.46
C TYR A 547 24.73 -20.50 40.18
N ASP A 548 24.19 -21.31 39.26
CA ASP A 548 24.82 -21.54 37.97
C ASP A 548 24.33 -20.58 36.90
N GLY A 549 23.41 -19.66 37.23
CA GLY A 549 22.86 -18.74 36.26
C GLY A 549 21.63 -19.22 35.54
N TYR A 550 21.09 -20.38 35.89
CA TYR A 550 19.87 -20.87 35.28
C TYR A 550 18.66 -20.08 35.78
N MET A 551 17.74 -19.81 34.86
CA MET A 551 16.52 -19.08 35.18
C MET A 551 15.41 -20.03 35.60
N TRP A 552 14.71 -19.66 36.67
CA TRP A 552 13.58 -20.43 37.17
C TRP A 552 12.38 -19.50 37.25
N ILE A 553 11.34 -19.81 36.48
CA ILE A 553 10.17 -18.94 36.43
C ILE A 553 9.28 -19.27 37.61
N LYS A 554 8.94 -18.24 38.40
CA LYS A 554 8.10 -18.35 39.58
C LYS A 554 8.76 -19.17 40.69
N GLY A 555 10.08 -19.21 40.70
CA GLY A 555 10.84 -19.78 41.80
C GLY A 555 11.50 -21.10 41.45
N ARG A 556 12.49 -21.47 42.26
CA ARG A 556 13.18 -22.73 42.10
C ARG A 556 12.33 -23.85 42.69
N VAL A 557 12.38 -25.01 42.03
CA VAL A 557 11.75 -26.24 42.53
C VAL A 557 12.84 -27.27 42.78
N ASP A 558 12.67 -28.08 43.82
CA ASP A 558 13.65 -29.08 44.24
C ASP A 558 13.42 -30.40 43.53
N ASP A 559 14.49 -30.97 42.96
CA ASP A 559 14.46 -32.32 42.42
C ASP A 559 15.06 -33.30 43.43
N VAL A 560 16.36 -33.18 43.66
CA VAL A 560 17.10 -34.05 44.58
C VAL A 560 17.73 -33.17 45.64
N ILE A 561 17.57 -33.57 46.91
CA ILE A 561 18.09 -32.82 48.05
C ILE A 561 19.19 -33.65 48.69
N ASN A 562 20.26 -32.99 49.11
CA ASN A 562 21.45 -33.65 49.62
C ASN A 562 21.50 -33.43 51.13
N VAL A 563 21.06 -34.43 51.89
CA VAL A 563 21.03 -34.36 53.35
C VAL A 563 22.20 -35.16 53.89
N SER A 564 23.17 -34.47 54.47
CA SER A 564 24.32 -35.12 55.11
C SER A 564 25.00 -36.10 54.15
N GLY A 565 25.21 -35.64 52.92
CA GLY A 565 25.91 -36.44 51.93
C GLY A 565 25.06 -37.47 51.24
N HIS A 566 23.77 -37.56 51.54
CA HIS A 566 22.88 -38.52 50.90
C HIS A 566 22.05 -37.77 49.87
N ARG A 567 22.11 -38.19 48.62
CA ARG A 567 21.24 -37.64 47.59
C ARG A 567 19.88 -38.32 47.68
N LEU A 568 18.85 -37.53 47.96
CA LEU A 568 17.49 -38.03 48.14
C LEU A 568 16.57 -37.22 47.23
N SER A 569 15.83 -37.90 46.38
CA SER A 569 14.87 -37.24 45.51
C SER A 569 13.57 -36.98 46.27
N THR A 570 12.93 -35.86 45.95
CA THR A 570 11.61 -35.59 46.51
C THR A 570 10.68 -36.76 46.26
N ALA A 571 10.82 -37.43 45.12
CA ALA A 571 9.99 -38.59 44.82
C ALA A 571 10.29 -39.73 45.78
N GLU A 572 11.57 -39.97 46.08
CA GLU A 572 11.94 -41.04 47.00
C GLU A 572 11.30 -40.84 48.38
N VAL A 573 11.41 -39.63 48.92
CA VAL A 573 10.85 -39.34 50.24
C VAL A 573 9.33 -39.44 50.19
N GLU A 574 8.71 -38.86 49.17
CA GLU A 574 7.24 -38.88 49.09
C GLU A 574 6.72 -40.31 48.97
N SER A 575 7.44 -41.17 48.26
CA SER A 575 7.01 -42.57 48.14
C SER A 575 7.02 -43.26 49.51
N ALA A 576 8.04 -43.01 50.31
CA ALA A 576 8.10 -43.60 51.65
C ALA A 576 6.97 -43.09 52.53
N LEU A 577 6.63 -41.80 52.40
CA LEU A 577 5.57 -41.22 53.21
C LEU A 577 4.21 -41.82 52.84
N ILE A 578 3.97 -42.05 51.56
CA ILE A 578 2.65 -42.51 51.12
C ILE A 578 2.39 -43.96 51.53
N LEU A 579 3.43 -44.72 51.89
CA LEU A 579 3.22 -46.09 52.36
C LEU A 579 2.31 -46.11 53.58
N HIS A 580 2.42 -45.09 54.45
CA HIS A 580 1.47 -44.90 55.53
C HIS A 580 0.06 -44.77 54.96
N LYS A 581 -0.80 -45.76 55.23
CA LYS A 581 -2.09 -45.82 54.57
C LYS A 581 -2.98 -44.61 54.91
N GLY A 582 -2.68 -43.90 56.00
CA GLY A 582 -3.46 -42.72 56.34
C GLY A 582 -3.19 -41.52 55.45
N VAL A 583 -2.07 -41.52 54.73
CA VAL A 583 -1.66 -40.35 53.96
C VAL A 583 -2.38 -40.33 52.62
N ALA A 584 -2.92 -39.17 52.27
CA ALA A 584 -3.54 -38.95 50.96
C ALA A 584 -2.53 -38.38 49.96
N GLU A 585 -1.97 -37.21 50.26
CA GLU A 585 -1.00 -36.56 49.41
C GLU A 585 0.17 -36.06 50.24
N THR A 586 1.32 -35.89 49.58
CA THR A 586 2.50 -35.36 50.23
C THR A 586 3.36 -34.61 49.23
N ALA A 587 4.11 -33.63 49.72
CA ALA A 587 5.03 -32.85 48.90
C ALA A 587 6.16 -32.36 49.79
N VAL A 588 7.41 -32.68 49.44
CA VAL A 588 8.57 -32.33 50.24
C VAL A 588 9.40 -31.31 49.47
N VAL A 589 9.97 -30.35 50.20
CA VAL A 589 10.84 -29.33 49.63
C VAL A 589 12.10 -29.26 50.48
N GLY A 590 13.16 -28.71 49.88
CA GLY A 590 14.44 -28.59 50.54
C GLY A 590 14.81 -27.18 50.95
N CYS A 591 15.77 -27.06 51.87
CA CYS A 591 16.26 -25.75 52.28
C CYS A 591 17.68 -25.90 52.82
N ALA A 592 18.45 -24.82 52.75
CA ALA A 592 19.80 -24.82 53.28
C ALA A 592 19.77 -25.06 54.78
N ASP A 593 20.69 -25.88 55.27
CA ASP A 593 20.73 -26.25 56.68
C ASP A 593 22.16 -26.23 57.20
N ASP A 594 22.35 -25.59 58.35
CA ASP A 594 23.69 -25.43 58.93
C ASP A 594 24.31 -26.75 59.38
N LEU A 595 23.49 -27.79 59.57
CA LEU A 595 23.96 -29.06 60.12
C LEU A 595 24.11 -30.15 59.07
N THR A 596 23.09 -30.35 58.24
CA THR A 596 23.07 -31.43 57.27
C THR A 596 23.34 -30.95 55.86
N GLY A 597 23.68 -29.67 55.68
CA GLY A 597 23.93 -29.11 54.37
C GLY A 597 22.65 -28.65 53.71
N GLN A 598 21.75 -29.59 53.45
CA GLN A 598 20.39 -29.28 53.04
C GLN A 598 19.44 -30.16 53.83
N ALA A 599 18.25 -29.63 54.14
CA ALA A 599 17.27 -30.35 54.93
C ALA A 599 15.96 -30.52 54.16
N VAL A 600 15.22 -31.56 54.52
CA VAL A 600 13.95 -31.91 53.86
C VAL A 600 12.78 -31.47 54.72
N TYR A 601 11.83 -30.78 54.12
CA TYR A 601 10.61 -30.33 54.79
C TYR A 601 9.41 -30.94 54.07
N ALA A 602 8.63 -31.73 54.78
CA ALA A 602 7.55 -32.53 54.19
C ALA A 602 6.18 -31.98 54.59
N PHE A 603 5.33 -31.77 53.60
CA PHE A 603 3.93 -31.37 53.79
C PHE A 603 3.03 -32.56 53.49
N VAL A 604 2.18 -32.91 54.46
CA VAL A 604 1.40 -34.14 54.41
C VAL A 604 -0.07 -33.83 54.71
N THR A 605 -0.96 -34.39 53.87
CA THR A 605 -2.40 -34.34 54.09
C THR A 605 -2.93 -35.76 54.27
N MET A 606 -3.78 -35.95 55.26
CA MET A 606 -4.33 -37.26 55.60
C MET A 606 -5.69 -37.46 54.93
N LYS A 607 -6.05 -38.73 54.75
CA LYS A 607 -7.32 -39.06 54.13
C LYS A 607 -8.46 -38.74 55.09
N PRO A 608 -9.68 -38.58 54.56
CA PRO A 608 -10.83 -38.27 55.43
C PRO A 608 -11.07 -39.29 56.53
N GLU A 609 -10.68 -40.55 56.32
CA GLU A 609 -10.92 -41.60 57.31
C GLU A 609 -9.85 -41.64 58.40
N PHE A 610 -9.49 -40.51 58.97
CA PHE A 610 -8.41 -40.50 59.96
C PHE A 610 -8.74 -39.56 61.11
N ASP A 611 -8.40 -40.00 62.32
CA ASP A 611 -8.60 -39.21 63.52
C ASP A 611 -7.45 -39.44 64.51
N LYS A 616 -3.14 -38.16 67.70
CA LYS A 616 -2.61 -36.84 67.96
C LYS A 616 -1.68 -36.38 66.84
N GLU A 617 -1.49 -35.07 66.73
CA GLU A 617 -0.73 -34.51 65.61
C GLU A 617 0.75 -34.79 65.76
N ALA A 618 1.32 -34.51 66.93
CA ALA A 618 2.73 -34.78 67.17
C ALA A 618 3.03 -36.25 66.95
N ASP A 619 2.17 -37.14 67.47
CA ASP A 619 2.41 -38.58 67.35
C ASP A 619 2.41 -39.02 65.89
N LEU A 620 1.45 -38.52 65.11
CA LEU A 620 1.44 -38.84 63.68
C LEU A 620 2.74 -38.39 63.01
N SER A 621 3.23 -37.19 63.34
CA SER A 621 4.46 -36.70 62.75
C SER A 621 5.65 -37.59 63.11
N LYS A 622 5.76 -37.98 64.38
CA LYS A 622 6.82 -38.92 64.75
C LYS A 622 6.63 -40.25 64.05
N GLU A 623 5.37 -40.68 63.90
CA GLU A 623 5.08 -41.94 63.24
C GLU A 623 5.47 -41.91 61.77
N LEU A 624 5.26 -40.78 61.09
CA LEU A 624 5.64 -40.66 59.69
C LEU A 624 7.15 -40.69 59.52
N ALA A 625 7.89 -40.04 60.42
CA ALA A 625 9.34 -40.03 60.30
C ALA A 625 9.91 -41.44 60.40
N ILE A 626 9.41 -42.24 61.35
CA ILE A 626 9.85 -43.62 61.47
C ILE A 626 9.54 -44.37 60.18
N GLN A 627 8.39 -44.08 59.56
CA GLN A 627 8.04 -44.73 58.30
C GLN A 627 9.04 -44.42 57.21
N VAL A 628 9.58 -43.20 57.19
CA VAL A 628 10.62 -42.86 56.22
C VAL A 628 11.93 -43.55 56.59
N ARG A 629 12.27 -43.59 57.90
CA ARG A 629 13.51 -44.21 58.31
C ARG A 629 13.52 -45.71 57.99
N LYS A 630 12.39 -46.38 58.19
CA LYS A 630 12.33 -47.81 57.91
C LYS A 630 12.55 -48.08 56.43
N VAL A 631 11.97 -47.25 55.55
CA VAL A 631 12.04 -47.50 54.12
C VAL A 631 13.39 -47.08 53.56
N ILE A 632 13.79 -45.84 53.80
CA ILE A 632 14.99 -45.28 53.18
C ILE A 632 16.22 -45.44 54.06
N GLY A 633 16.14 -45.04 55.33
CA GLY A 633 17.26 -45.16 56.23
C GLY A 633 17.20 -44.17 57.37
N PRO A 634 17.98 -44.41 58.42
CA PRO A 634 17.90 -43.54 59.61
C PRO A 634 18.30 -42.09 59.34
N PHE A 635 19.03 -41.83 58.27
CA PHE A 635 19.44 -40.48 57.89
C PHE A 635 18.44 -39.74 57.02
N ALA A 636 17.38 -40.41 56.54
CA ALA A 636 16.45 -39.81 55.59
C ALA A 636 15.23 -39.17 56.23
N ALA A 637 15.10 -39.21 57.55
CA ALA A 637 13.94 -38.62 58.19
C ALA A 637 13.85 -37.12 57.87
N PRO A 638 12.70 -36.63 57.40
CA PRO A 638 12.56 -35.18 57.17
C PRO A 638 12.80 -34.40 58.45
N LYS A 639 13.40 -33.22 58.31
CA LYS A 639 13.64 -32.36 59.47
C LYS A 639 12.33 -31.84 60.05
N LYS A 640 11.33 -31.58 59.20
CA LYS A 640 10.02 -31.13 59.65
C LYS A 640 8.94 -31.83 58.82
N ILE A 641 7.90 -32.29 59.51
CA ILE A 641 6.70 -32.82 58.87
C ILE A 641 5.53 -31.93 59.28
N TYR A 642 4.88 -31.31 58.30
CA TYR A 642 3.75 -30.43 58.54
C TYR A 642 2.48 -31.13 58.08
N LEU A 643 1.52 -31.30 58.99
CA LEU A 643 0.20 -31.82 58.65
C LEU A 643 -0.72 -30.64 58.34
N VAL A 644 -1.27 -30.62 57.13
CA VAL A 644 -2.12 -29.53 56.67
C VAL A 644 -3.40 -30.12 56.09
N SER A 645 -4.42 -29.26 56.00
CA SER A 645 -5.72 -29.70 55.51
C SER A 645 -5.65 -30.09 54.04
N ASP A 646 -5.02 -29.26 53.21
CA ASP A 646 -4.86 -29.56 51.80
C ASP A 646 -3.58 -28.89 51.30
N LEU A 647 -2.99 -29.47 50.25
CA LEU A 647 -1.81 -28.87 49.64
C LEU A 647 -2.22 -27.71 48.73
N PRO A 648 -1.40 -26.65 48.66
CA PRO A 648 -1.71 -25.55 47.75
C PRO A 648 -1.62 -25.99 46.30
N LYS A 649 -2.68 -25.72 45.54
CA LYS A 649 -2.76 -26.11 44.13
C LYS A 649 -3.35 -24.96 43.33
N THR A 650 -3.10 -25.00 42.02
CA THR A 650 -3.72 -24.06 41.09
C THR A 650 -4.99 -24.68 40.52
N ARG A 651 -5.73 -23.89 39.74
CA ARG A 651 -6.98 -24.40 39.19
C ARG A 651 -6.76 -25.53 38.19
N SER A 652 -5.52 -25.73 37.72
CA SER A 652 -5.19 -26.86 36.87
C SER A 652 -4.84 -28.11 37.66
N GLY A 653 -4.77 -28.03 38.98
CA GLY A 653 -4.42 -29.18 39.80
C GLY A 653 -2.95 -29.29 40.13
N ILE A 655 0.31 -28.96 42.03
CA ILE A 655 0.76 -28.65 43.37
C ILE A 655 1.81 -27.55 43.27
N MET A 656 1.68 -26.51 44.09
CA MET A 656 2.57 -25.36 44.01
C MET A 656 3.78 -25.59 44.92
N ARG A 657 4.66 -26.48 44.44
CA ARG A 657 5.84 -26.82 45.22
C ARG A 657 6.80 -25.64 45.35
N ARG A 658 6.84 -24.76 44.35
CA ARG A 658 7.67 -23.56 44.44
C ARG A 658 7.22 -22.66 45.57
N VAL A 659 5.91 -22.46 45.72
CA VAL A 659 5.39 -21.66 46.84
C VAL A 659 5.84 -22.27 48.17
N LEU A 660 5.66 -23.59 48.31
CA LEU A 660 6.04 -24.26 49.55
C LEU A 660 7.51 -24.04 49.86
N ARG A 661 8.37 -24.11 48.83
CA ARG A 661 9.79 -23.91 49.04
C ARG A 661 10.07 -22.52 49.61
N LYS A 662 9.38 -21.49 49.10
CA LYS A 662 9.63 -20.13 49.58
C LYS A 662 9.14 -19.95 51.01
N ILE A 663 8.00 -20.56 51.35
CA ILE A 663 7.48 -20.46 52.71
C ILE A 663 8.48 -21.05 53.70
N VAL A 664 9.10 -22.17 53.35
CA VAL A 664 10.12 -22.77 54.21
C VAL A 664 11.31 -21.83 54.35
N ALA A 665 11.72 -21.20 53.24
CA ALA A 665 12.83 -20.26 53.28
C ALA A 665 12.50 -18.99 54.04
N GLY A 666 11.28 -18.84 54.54
CA GLY A 666 10.90 -17.67 55.31
C GLY A 666 10.34 -16.53 54.48
N GLU A 667 10.03 -16.76 53.21
CA GLU A 667 9.56 -15.72 52.30
C GLU A 667 8.05 -15.78 52.08
N GLY A 668 7.27 -16.05 53.13
CA GLY A 668 5.83 -16.11 52.97
C GLY A 668 5.18 -14.77 52.73
N ASP A 669 5.89 -13.66 52.98
CA ASP A 669 5.41 -12.33 52.67
C ASP A 669 5.89 -11.83 51.30
N GLN A 670 6.55 -12.68 50.53
CA GLN A 670 7.06 -12.33 49.21
C GLN A 670 6.68 -13.39 48.18
N LEU A 671 5.46 -13.90 48.26
CA LEU A 671 5.05 -15.04 47.45
C LEU A 671 4.48 -14.64 46.09
N GLY A 672 4.18 -13.37 45.86
CA GLY A 672 3.68 -12.92 44.58
C GLY A 672 2.17 -12.83 44.55
N ASP A 673 1.66 -12.51 43.36
CA ASP A 673 0.21 -12.27 43.21
C ASP A 673 -0.60 -13.44 43.73
N LEU A 674 -0.14 -14.67 43.47
CA LEU A 674 -0.87 -15.87 43.89
C LEU A 674 -2.33 -15.80 43.46
N SER A 675 -2.56 -15.29 42.25
CA SER A 675 -3.90 -15.23 41.68
C SER A 675 -4.29 -16.55 41.01
N SER A 676 -3.32 -17.43 40.75
CA SER A 676 -3.58 -18.69 40.07
C SER A 676 -4.08 -19.78 41.00
N ILE A 677 -4.05 -19.56 42.32
CA ILE A 677 -4.35 -20.62 43.29
C ILE A 677 -5.86 -20.85 43.36
N ALA A 678 -6.24 -22.10 43.63
CA ALA A 678 -7.64 -22.45 43.74
C ALA A 678 -8.22 -21.96 45.06
N ASP A 679 -7.59 -22.33 46.19
CA ASP A 679 -8.04 -21.96 47.52
C ASP A 679 -6.95 -21.12 48.18
N PRO A 680 -6.98 -19.79 48.00
CA PRO A 680 -5.87 -18.96 48.54
C PRO A 680 -5.74 -19.01 50.05
N GLN A 681 -6.70 -19.58 50.77
CA GLN A 681 -6.56 -19.70 52.22
C GLN A 681 -5.55 -20.78 52.58
N ILE A 682 -5.38 -21.79 51.72
CA ILE A 682 -4.45 -22.88 52.02
C ILE A 682 -3.05 -22.33 52.26
N VAL A 683 -2.63 -21.33 51.48
CA VAL A 683 -1.31 -20.75 51.67
C VAL A 683 -1.19 -20.15 53.07
N GLU A 684 -2.25 -19.47 53.54
CA GLU A 684 -2.22 -18.89 54.87
C GLU A 684 -2.15 -19.97 55.94
N GLU A 685 -2.90 -21.07 55.75
CA GLU A 685 -2.79 -22.18 56.69
C GLU A 685 -1.37 -22.73 56.72
N VAL A 686 -0.75 -22.87 55.56
CA VAL A 686 0.61 -23.39 55.49
C VAL A 686 1.57 -22.48 56.22
N LYS A 687 1.44 -21.16 56.03
CA LYS A 687 2.35 -20.24 56.72
C LYS A 687 2.21 -20.32 58.23
N GLN A 688 0.98 -20.46 58.73
CA GLN A 688 0.78 -20.57 60.17
C GLN A 688 1.46 -21.81 60.72
N LYS A 689 1.28 -22.96 60.07
CA LYS A 689 1.91 -24.18 60.53
C LYS A 689 3.43 -24.07 60.50
N VAL A 690 3.97 -23.53 59.42
CA VAL A 690 5.42 -23.41 59.29
C VAL A 690 5.98 -22.46 60.34
N THR A 691 5.28 -21.37 60.62
CA THR A 691 5.70 -20.42 61.65
C THR A 691 4.95 -20.68 62.96
N GLU B 38 -4.19 -30.44 -52.70
CA GLU B 38 -2.75 -30.55 -52.93
C GLU B 38 -2.09 -29.17 -52.96
N ASP B 39 -2.90 -28.13 -52.86
CA ASP B 39 -2.39 -26.76 -52.91
C ASP B 39 -1.47 -26.48 -51.71
N LEU B 40 -0.30 -25.93 -51.99
CA LEU B 40 0.66 -25.56 -50.95
C LEU B 40 1.31 -24.25 -51.37
N PHE B 41 1.04 -23.18 -50.62
CA PHE B 41 1.45 -21.82 -50.98
C PHE B 41 2.59 -21.39 -50.06
N ALA B 42 3.80 -21.31 -50.62
CA ALA B 42 4.98 -20.93 -49.85
C ALA B 42 4.98 -19.44 -49.58
N PRO B 43 5.68 -19.00 -48.54
CA PRO B 43 5.77 -17.56 -48.25
C PRO B 43 6.13 -16.77 -49.49
N PRO B 44 5.29 -15.81 -49.89
CA PRO B 44 5.55 -15.06 -51.12
C PRO B 44 6.60 -13.98 -50.92
N PRO B 45 7.06 -13.34 -52.01
CA PRO B 45 8.19 -12.40 -51.88
C PRO B 45 8.00 -11.31 -50.85
N ARG B 46 6.79 -10.75 -50.70
CA ARG B 46 6.57 -9.73 -49.69
C ARG B 46 6.87 -10.25 -48.28
N MET B 47 6.91 -11.57 -48.09
CA MET B 47 7.27 -12.19 -46.82
C MET B 47 8.63 -12.88 -46.88
N GLN B 48 9.48 -12.49 -47.82
CA GLN B 48 10.84 -13.02 -47.93
C GLN B 48 11.90 -11.94 -47.75
N GLY B 49 11.52 -10.76 -47.25
CA GLY B 49 12.44 -9.67 -47.12
C GLY B 49 12.78 -8.96 -48.40
N LYS B 50 12.01 -9.19 -49.47
CA LYS B 50 12.27 -8.60 -50.76
C LYS B 50 11.40 -7.36 -50.96
N GLU B 51 11.68 -6.63 -52.03
CA GLU B 51 10.96 -5.41 -52.36
C GLU B 51 10.99 -4.41 -51.22
N GLY B 52 12.07 -4.42 -50.44
CA GLY B 52 12.18 -3.56 -49.29
C GLY B 52 11.22 -3.86 -48.16
N ARG B 53 10.54 -5.01 -48.20
CA ARG B 53 9.66 -5.34 -47.10
C ARG B 53 10.48 -5.85 -45.91
N PRO B 54 10.02 -5.59 -44.69
CA PRO B 54 10.78 -6.05 -43.52
C PRO B 54 10.92 -7.56 -43.51
N LYS B 55 12.14 -8.02 -43.18
CA LYS B 55 12.40 -9.44 -43.11
C LYS B 55 11.55 -10.08 -42.01
N PRO B 56 11.06 -11.30 -42.21
CA PRO B 56 10.19 -11.92 -41.20
C PRO B 56 10.94 -12.27 -39.93
N HIS B 57 10.22 -12.22 -38.81
CA HIS B 57 10.82 -12.56 -37.52
C HIS B 57 11.21 -14.03 -37.48
N ILE B 58 10.39 -14.90 -38.06
CA ILE B 58 10.67 -16.32 -38.17
C ILE B 58 10.64 -16.70 -39.64
N GLY B 59 11.72 -17.33 -40.09
CA GLY B 59 11.82 -17.75 -41.46
C GLY B 59 13.08 -18.55 -41.69
N PRO B 60 13.25 -19.13 -42.89
CA PRO B 60 12.35 -19.05 -44.05
C PRO B 60 11.46 -20.27 -44.28
N ASN B 61 11.45 -21.27 -43.40
CA ASN B 61 10.84 -22.55 -43.72
C ASN B 61 10.21 -23.16 -42.47
N TYR B 62 9.64 -24.36 -42.64
CA TYR B 62 9.05 -25.07 -41.50
C TYR B 62 10.06 -25.32 -40.41
N GLU B 63 11.29 -25.71 -40.79
CA GLU B 63 12.31 -25.97 -39.78
C GLU B 63 12.61 -24.75 -38.94
N SER B 64 12.51 -23.54 -39.52
CA SER B 64 12.75 -22.34 -38.72
C SER B 64 11.63 -22.14 -37.70
N TYR B 65 10.39 -22.48 -38.06
CA TYR B 65 9.30 -22.43 -37.09
C TYR B 65 9.48 -23.49 -36.00
N VAL B 66 9.77 -24.73 -36.39
CA VAL B 66 9.85 -25.80 -35.41
C VAL B 66 11.04 -25.58 -34.48
N LYS B 67 12.11 -24.97 -34.97
CA LYS B 67 13.28 -24.71 -34.12
C LYS B 67 12.91 -23.82 -32.94
N GLU B 68 12.21 -22.71 -33.22
CA GLU B 68 11.84 -21.78 -32.17
C GLU B 68 10.70 -22.35 -31.31
N TRP B 69 9.69 -22.93 -31.95
CA TRP B 69 8.55 -23.49 -31.22
C TRP B 69 9.01 -24.50 -30.18
N ALA B 70 9.99 -25.35 -30.52
CA ALA B 70 10.42 -26.38 -29.59
C ALA B 70 10.92 -25.78 -28.28
N LYS B 71 11.41 -24.55 -28.31
CA LYS B 71 11.89 -23.88 -27.12
C LYS B 71 10.76 -23.46 -26.20
N THR B 72 9.53 -23.36 -26.70
CA THR B 72 8.42 -22.78 -25.97
C THR B 72 7.53 -23.82 -25.30
N VAL B 73 7.75 -25.10 -25.60
CA VAL B 73 7.01 -26.18 -24.98
C VAL B 73 8.03 -27.17 -24.43
N GLY B 74 7.57 -28.05 -23.55
CA GLY B 74 8.43 -29.05 -22.97
C GLY B 74 9.02 -28.62 -21.65
N PRO B 75 9.93 -29.45 -21.11
CA PRO B 75 10.39 -29.23 -19.73
C PRO B 75 11.41 -28.11 -19.55
N ASN B 76 12.01 -27.60 -20.63
CA ASN B 76 13.00 -26.54 -20.54
C ASN B 76 12.52 -25.21 -21.10
N SER B 77 11.21 -25.01 -21.18
CA SER B 77 10.69 -23.80 -21.81
C SER B 77 10.70 -22.58 -20.89
N ASP B 78 10.98 -22.75 -19.59
CA ASP B 78 10.97 -21.59 -18.70
C ASP B 78 11.96 -20.53 -19.16
N GLU B 79 13.13 -20.97 -19.65
CA GLU B 79 14.15 -20.01 -20.10
C GLU B 79 13.61 -19.10 -21.18
N TRP B 80 13.01 -19.69 -22.22
CA TRP B 80 12.46 -18.90 -23.31
C TRP B 80 11.37 -17.96 -22.82
N TRP B 81 10.44 -18.47 -22.02
CA TRP B 81 9.32 -17.65 -21.58
C TRP B 81 9.77 -16.55 -20.62
N ALA B 82 10.65 -16.89 -19.67
CA ALA B 82 11.19 -15.86 -18.80
C ALA B 82 11.83 -14.74 -19.61
N ALA B 83 12.61 -15.11 -20.63
CA ALA B 83 13.28 -14.10 -21.46
C ALA B 83 12.28 -13.30 -22.27
N LYS B 84 11.31 -13.98 -22.89
CA LYS B 84 10.32 -13.25 -23.69
C LYS B 84 9.48 -12.34 -22.83
N ALA B 85 9.15 -12.78 -21.61
CA ALA B 85 8.38 -11.92 -20.71
C ALA B 85 9.14 -10.65 -20.37
N ARG B 86 10.45 -10.77 -20.11
CA ARG B 86 11.23 -9.61 -19.67
C ARG B 86 11.59 -8.69 -20.84
N GLU B 87 11.68 -9.21 -22.05
N GLU B 87 11.67 -9.20 -22.05
CA GLU B 87 11.97 -8.39 -23.21
CA GLU B 87 11.97 -8.37 -23.21
C GLU B 87 10.72 -7.75 -23.81
C GLU B 87 10.73 -7.77 -23.85
N THR B 88 9.58 -8.45 -23.74
CA THR B 88 8.36 -7.96 -24.38
C THR B 88 7.67 -6.88 -23.57
N LEU B 89 7.64 -7.01 -22.25
CA LEU B 89 6.85 -6.14 -21.38
C LEU B 89 7.75 -5.43 -20.38
N ASP B 90 7.33 -4.23 -19.98
CA ASP B 90 8.00 -3.48 -18.92
C ASP B 90 7.33 -3.81 -17.59
N TRP B 91 8.14 -4.13 -16.59
CA TRP B 91 7.68 -4.56 -15.28
C TRP B 91 8.05 -3.52 -14.23
N TYR B 92 7.14 -3.32 -13.26
CA TYR B 92 7.51 -2.55 -12.09
C TYR B 92 8.32 -3.40 -11.12
N ASP B 93 7.90 -4.66 -10.94
CA ASP B 93 8.63 -5.63 -10.12
C ASP B 93 8.87 -6.87 -10.97
N ASP B 94 10.11 -7.33 -10.99
CA ASP B 94 10.45 -8.55 -11.70
C ASP B 94 9.76 -9.75 -11.04
N PHE B 95 9.58 -10.80 -11.81
CA PHE B 95 9.05 -12.05 -11.30
C PHE B 95 10.21 -12.99 -10.94
N LYS B 96 9.89 -14.00 -10.14
CA LYS B 96 10.80 -15.08 -9.82
C LYS B 96 10.35 -16.38 -10.48
N THR B 97 9.12 -16.81 -10.19
CA THR B 97 8.56 -18.02 -10.75
C THR B 97 8.02 -17.77 -12.15
N VAL B 98 8.31 -18.70 -13.07
CA VAL B 98 7.81 -18.54 -14.43
C VAL B 98 6.37 -19.02 -14.54
N ARG B 99 6.09 -20.24 -14.07
CA ARG B 99 4.76 -20.81 -14.18
C ARG B 99 4.52 -21.76 -13.01
N ALA B 100 3.25 -21.97 -12.70
CA ALA B 100 2.83 -22.96 -11.71
C ALA B 100 1.35 -23.21 -11.87
N GLY B 101 0.84 -24.20 -11.13
CA GLY B 101 -0.56 -24.58 -11.20
C GLY B 101 -0.87 -25.33 -12.48
N GLY B 102 -2.15 -25.63 -12.65
CA GLY B 102 -2.54 -26.46 -13.78
C GLY B 102 -4.05 -26.56 -13.94
N PHE B 103 -4.44 -27.45 -14.87
CA PHE B 103 -5.84 -27.57 -15.27
C PHE B 103 -6.72 -28.11 -14.14
N GLU B 104 -6.21 -29.07 -13.37
CA GLU B 104 -7.08 -29.88 -12.51
C GLU B 104 -7.93 -29.02 -11.59
N HIS B 105 -7.30 -28.04 -10.92
CA HIS B 105 -8.01 -27.16 -10.01
C HIS B 105 -8.12 -25.73 -10.51
N GLY B 106 -7.52 -25.43 -11.66
CA GLY B 106 -7.59 -24.09 -12.19
C GLY B 106 -6.91 -23.11 -11.25
N ASP B 107 -5.63 -23.35 -10.98
CA ASP B 107 -4.79 -22.44 -10.22
C ASP B 107 -3.61 -22.01 -11.07
N VAL B 108 -3.87 -21.78 -12.36
CA VAL B 108 -2.80 -21.45 -13.31
C VAL B 108 -2.16 -20.14 -12.92
N GLN B 109 -0.82 -20.15 -12.84
CA GLN B 109 -0.03 -18.97 -12.50
C GLN B 109 1.07 -18.78 -13.53
N TRP B 110 1.34 -17.52 -13.85
CA TRP B 110 2.44 -17.15 -14.72
C TRP B 110 3.06 -15.86 -14.18
N PHE B 111 4.36 -15.88 -13.96
CA PHE B 111 5.09 -14.71 -13.48
C PHE B 111 4.44 -14.13 -12.21
N PRO B 112 4.09 -14.98 -11.24
CA PRO B 112 3.21 -14.51 -10.15
C PRO B 112 3.77 -13.35 -9.35
N GLU B 113 5.07 -13.35 -9.04
CA GLU B 113 5.62 -12.30 -8.19
C GLU B 113 5.84 -10.98 -8.91
N GLY B 114 5.65 -10.93 -10.23
CA GLY B 114 5.86 -9.70 -10.95
C GLY B 114 4.68 -8.75 -10.84
N THR B 115 4.98 -7.47 -11.02
CA THR B 115 3.95 -6.44 -11.14
C THR B 115 4.18 -5.65 -12.41
N LEU B 116 3.09 -5.16 -12.98
CA LEU B 116 3.12 -4.41 -14.22
C LEU B 116 1.80 -3.66 -14.35
N ASN B 117 1.69 -2.87 -15.42
CA ASN B 117 0.41 -2.22 -15.74
C ASN B 117 0.19 -2.30 -17.24
N ALA B 118 -0.99 -2.79 -17.63
CA ALA B 118 -1.28 -2.95 -19.06
C ALA B 118 -1.36 -1.60 -19.76
N ALA B 119 -1.88 -0.58 -19.08
CA ALA B 119 -1.94 0.74 -19.71
C ALA B 119 -0.54 1.31 -19.91
N TYR B 120 0.37 1.05 -18.97
CA TYR B 120 1.75 1.51 -19.15
C TYR B 120 2.38 0.87 -20.38
N ASN B 121 2.12 -0.42 -20.59
CA ASN B 121 2.73 -1.14 -21.69
C ASN B 121 2.07 -0.85 -23.05
N CYS B 122 0.81 -0.41 -23.05
CA CYS B 122 0.13 -0.09 -24.30
C CYS B 122 0.17 1.40 -24.64
N LEU B 123 0.52 2.27 -23.69
CA LEU B 123 0.48 3.70 -23.93
C LEU B 123 1.77 4.41 -23.48
N ASP B 124 1.97 4.52 -22.17
CA ASP B 124 3.01 5.41 -21.65
C ASP B 124 4.36 5.17 -22.32
N ARG B 125 4.80 3.91 -22.38
CA ARG B 125 6.15 3.64 -22.83
C ARG B 125 6.35 4.01 -24.29
N HIS B 126 5.29 3.94 -25.10
CA HIS B 126 5.41 4.36 -26.50
C HIS B 126 5.27 5.88 -26.63
N TYR B 127 4.41 6.48 -25.81
CA TYR B 127 4.36 7.93 -25.71
C TYR B 127 5.73 8.51 -25.37
N TYR B 128 6.42 7.91 -24.40
CA TYR B 128 7.73 8.43 -24.00
C TYR B 128 8.72 8.34 -25.15
N LYS B 129 8.58 7.34 -26.02
CA LYS B 129 9.52 7.18 -27.13
C LYS B 129 9.17 8.09 -28.31
N ASN B 130 7.90 8.07 -28.75
CA ASN B 130 7.48 8.82 -29.94
C ASN B 130 6.04 9.26 -29.77
N PRO B 131 5.82 10.38 -29.09
CA PRO B 131 4.43 10.79 -28.78
C PRO B 131 3.55 11.07 -29.99
N LYS B 132 4.12 11.54 -31.11
CA LYS B 132 3.31 11.86 -32.27
C LYS B 132 2.99 10.65 -33.15
N LYS B 133 3.57 9.49 -32.87
CA LYS B 133 3.26 8.30 -33.65
C LYS B 133 1.77 7.99 -33.55
N THR B 134 1.18 7.58 -34.67
CA THR B 134 -0.23 7.22 -34.69
C THR B 134 -0.46 5.93 -33.92
N ALA B 135 -1.31 5.99 -32.89
CA ALA B 135 -1.71 4.79 -32.18
C ALA B 135 -2.94 4.14 -32.81
N ILE B 136 -3.91 4.95 -33.24
CA ILE B 136 -5.18 4.44 -33.74
C ILE B 136 -5.53 5.17 -35.03
N ILE B 137 -5.70 4.42 -36.11
CA ILE B 137 -6.38 4.92 -37.30
C ILE B 137 -7.88 4.76 -37.04
N TYR B 138 -8.56 5.89 -36.82
CA TYR B 138 -10.01 5.87 -36.57
C TYR B 138 -10.73 6.07 -37.89
N GLU B 139 -11.21 4.97 -38.47
CA GLU B 139 -12.00 5.00 -39.69
C GLU B 139 -13.47 5.11 -39.28
N ALA B 140 -14.02 6.31 -39.34
CA ALA B 140 -15.39 6.54 -38.90
C ALA B 140 -16.37 5.91 -39.88
N ASP B 141 -17.63 5.79 -39.45
CA ASP B 141 -18.66 5.27 -40.33
C ASP B 141 -18.68 6.03 -41.65
N GLU B 142 -18.60 7.35 -41.58
CA GLU B 142 -18.46 8.17 -42.78
C GLU B 142 -16.99 8.33 -43.12
N PRO B 143 -16.54 7.96 -44.32
CA PRO B 143 -15.10 7.97 -44.59
C PRO B 143 -14.41 9.30 -44.33
N SER B 144 -15.09 10.41 -44.60
CA SER B 144 -14.46 11.72 -44.48
C SER B 144 -14.28 12.17 -43.03
N GLU B 145 -14.91 11.50 -42.08
CA GLU B 145 -14.73 11.80 -40.66
C GLU B 145 -13.60 11.02 -40.03
N SER B 146 -12.79 10.31 -40.84
CA SER B 146 -11.68 9.54 -40.31
C SER B 146 -10.53 10.46 -39.93
N ARG B 147 -9.66 9.95 -39.05
CA ARG B 147 -8.47 10.69 -38.64
C ARG B 147 -7.54 9.77 -37.86
N GLU B 148 -6.29 10.20 -37.75
CA GLU B 148 -5.29 9.50 -36.96
C GLU B 148 -5.25 10.05 -35.53
N VAL B 149 -5.12 9.14 -34.56
CA VAL B 149 -5.07 9.49 -33.14
C VAL B 149 -3.69 9.10 -32.62
N SER B 150 -2.92 10.10 -32.21
CA SER B 150 -1.56 9.85 -31.75
C SER B 150 -1.56 9.11 -30.42
N TYR B 151 -0.40 8.53 -30.09
CA TYR B 151 -0.23 7.96 -28.76
C TYR B 151 -0.42 9.03 -27.69
N GLU B 152 0.03 10.26 -27.96
CA GLU B 152 -0.15 11.33 -27.00
C GLU B 152 -1.63 11.59 -26.73
N GLU B 153 -2.43 11.74 -27.79
CA GLU B 153 -3.85 12.00 -27.60
C GLU B 153 -4.53 10.82 -26.90
N LEU B 154 -4.17 9.59 -27.26
CA LEU B 154 -4.81 8.43 -26.64
C LEU B 154 -4.46 8.33 -25.17
N MET B 155 -3.21 8.61 -24.80
CA MET B 155 -2.80 8.54 -23.41
C MET B 155 -3.49 9.60 -22.57
N GLN B 156 -3.54 10.84 -23.07
CA GLN B 156 -4.18 11.91 -22.32
C GLN B 156 -5.66 11.63 -22.10
N GLU B 157 -6.37 11.19 -23.13
CA GLU B 157 -7.79 10.88 -22.95
C GLU B 157 -7.97 9.71 -21.99
N THR B 158 -7.12 8.68 -22.13
CA THR B 158 -7.16 7.56 -21.18
C THR B 158 -6.98 8.06 -19.75
N CYS B 159 -5.99 8.94 -19.52
CA CYS B 159 -5.74 9.44 -18.17
C CYS B 159 -6.92 10.23 -17.65
N ARG B 160 -7.47 11.12 -18.47
CA ARG B 160 -8.64 11.89 -18.04
C ARG B 160 -9.78 10.96 -17.60
N VAL B 161 -10.06 9.93 -18.39
CA VAL B 161 -11.13 8.99 -18.03
C VAL B 161 -10.78 8.28 -16.74
N ALA B 162 -9.53 7.82 -16.60
CA ALA B 162 -9.11 7.18 -15.36
C ALA B 162 -9.35 8.09 -14.16
N ASN B 163 -9.00 9.38 -14.28
CA ASN B 163 -9.23 10.30 -13.18
C ASN B 163 -10.72 10.45 -12.90
N VAL B 164 -11.56 10.41 -13.94
CA VAL B 164 -13.01 10.45 -13.72
C VAL B 164 -13.45 9.22 -12.94
N LEU B 165 -12.96 8.04 -13.33
CA LEU B 165 -13.35 6.81 -12.65
C LEU B 165 -12.94 6.84 -11.18
N LYS B 166 -11.77 7.42 -10.90
CA LYS B 166 -11.32 7.53 -9.52
C LYS B 166 -12.19 8.51 -8.74
N SER B 167 -12.67 9.57 -9.38
CA SER B 167 -13.57 10.50 -8.71
C SER B 167 -14.92 9.85 -8.43
N TYR B 168 -15.32 8.85 -9.22
CA TYR B 168 -16.53 8.10 -8.94
C TYR B 168 -16.36 7.06 -7.83
N GLY B 169 -15.14 6.87 -7.34
CA GLY B 169 -14.88 5.89 -6.30
C GLY B 169 -14.42 4.54 -6.79
N VAL B 170 -14.11 4.39 -8.07
CA VAL B 170 -13.67 3.11 -8.60
C VAL B 170 -12.29 2.78 -8.04
N LYS B 171 -12.16 1.58 -7.48
CA LYS B 171 -10.93 1.12 -6.85
C LYS B 171 -10.39 -0.09 -7.58
N LYS B 172 -9.12 -0.39 -7.33
CA LYS B 172 -8.53 -1.62 -7.83
C LYS B 172 -9.43 -2.80 -7.51
N GLY B 173 -9.72 -3.61 -8.53
CA GLY B 173 -10.53 -4.79 -8.37
C GLY B 173 -12.02 -4.60 -8.66
N ASP B 174 -12.49 -3.36 -8.74
CA ASP B 174 -13.90 -3.13 -9.04
C ASP B 174 -14.18 -3.37 -10.51
N ALA B 175 -15.34 -3.94 -10.81
CA ALA B 175 -15.76 -4.13 -12.19
C ALA B 175 -16.36 -2.84 -12.74
N VAL B 176 -16.04 -2.56 -14.01
CA VAL B 176 -16.65 -1.47 -14.76
C VAL B 176 -17.19 -2.03 -16.06
N SER B 177 -18.44 -1.73 -16.36
CA SER B 177 -19.06 -2.18 -17.60
C SER B 177 -18.83 -1.14 -18.68
N ILE B 178 -18.64 -1.62 -19.91
CA ILE B 178 -18.42 -0.77 -21.06
C ILE B 178 -19.39 -1.20 -22.16
N TYR B 179 -20.19 -0.25 -22.64
CA TYR B 179 -21.18 -0.48 -23.70
C TYR B 179 -20.91 0.57 -24.78
N LEU B 180 -19.84 0.35 -25.53
CA LEU B 180 -19.36 1.36 -26.46
C LEU B 180 -19.31 0.80 -27.89
N PRO B 181 -19.63 1.62 -28.88
CA PRO B 181 -19.48 1.21 -30.28
C PRO B 181 -18.04 1.43 -30.73
N MET B 182 -17.80 1.19 -32.01
CA MET B 182 -16.44 1.15 -32.54
C MET B 182 -15.97 2.57 -32.90
N THR B 183 -15.84 3.39 -31.87
CA THR B 183 -15.11 4.65 -31.95
C THR B 183 -13.83 4.53 -31.14
N TRP B 184 -12.86 5.38 -31.45
CA TRP B 184 -11.52 5.21 -30.88
C TRP B 184 -11.48 5.41 -29.37
N GLN B 185 -12.46 6.10 -28.79
CA GLN B 185 -12.47 6.27 -27.33
C GLN B 185 -12.70 4.96 -26.59
N ALA B 186 -13.13 3.91 -27.27
CA ALA B 186 -13.34 2.63 -26.59
C ALA B 186 -12.02 2.09 -26.05
N ALA B 187 -10.93 2.25 -26.80
CA ALA B 187 -9.62 1.87 -26.30
C ALA B 187 -9.26 2.66 -25.04
N ALA B 188 -9.49 3.98 -25.07
CA ALA B 188 -9.23 4.79 -23.89
C ALA B 188 -10.06 4.33 -22.70
N ALA B 189 -11.28 3.82 -22.96
CA ALA B 189 -12.11 3.31 -21.88
C ALA B 189 -11.53 2.00 -21.33
N PHE B 190 -11.21 1.05 -22.21
CA PHE B 190 -10.56 -0.18 -21.78
C PHE B 190 -9.33 0.14 -20.94
N LEU B 191 -8.41 0.92 -21.52
CA LEU B 191 -7.12 1.16 -20.88
C LEU B 191 -7.25 2.07 -19.67
N ALA B 192 -8.32 2.85 -19.56
CA ALA B 192 -8.53 3.62 -18.35
C ALA B 192 -8.81 2.69 -17.17
N CYS B 193 -9.65 1.68 -17.39
CA CYS B 193 -9.90 0.69 -16.34
C CYS B 193 -8.63 -0.04 -15.96
N ALA B 194 -7.85 -0.47 -16.95
CA ALA B 194 -6.62 -1.20 -16.65
C ALA B 194 -5.62 -0.32 -15.93
N ARG B 195 -5.61 0.98 -16.25
CA ARG B 195 -4.62 1.87 -15.66
C ARG B 195 -4.76 1.93 -14.15
N ILE B 196 -6.00 1.87 -13.65
CA ILE B 196 -6.25 1.97 -12.21
C ILE B 196 -6.53 0.61 -11.58
N GLY B 197 -6.38 -0.48 -12.32
CA GLY B 197 -6.61 -1.80 -11.78
C GLY B 197 -8.06 -2.21 -11.70
N ALA B 198 -8.96 -1.47 -12.34
CA ALA B 198 -10.35 -1.89 -12.43
C ALA B 198 -10.51 -2.96 -13.50
N ILE B 199 -11.54 -3.77 -13.35
CA ILE B 199 -11.82 -4.90 -14.22
C ILE B 199 -12.90 -4.47 -15.19
N HIS B 200 -12.55 -4.24 -16.46
CA HIS B 200 -13.56 -3.81 -17.41
C HIS B 200 -14.30 -5.01 -17.99
N SER B 201 -15.57 -4.79 -18.31
CA SER B 201 -16.45 -5.82 -18.87
C SER B 201 -17.16 -5.22 -20.07
N ALA B 202 -16.60 -5.48 -21.27
CA ALA B 202 -17.14 -4.92 -22.50
C ALA B 202 -18.37 -5.71 -22.95
N VAL B 203 -19.45 -4.99 -23.23
CA VAL B 203 -20.67 -5.57 -23.76
C VAL B 203 -20.85 -5.04 -25.18
N PHE B 204 -21.01 -5.96 -26.13
CA PHE B 204 -21.14 -5.60 -27.55
C PHE B 204 -22.25 -4.57 -27.73
N ALA B 205 -21.93 -3.51 -28.47
CA ALA B 205 -22.84 -2.36 -28.57
C ALA B 205 -24.11 -2.67 -29.36
N GLY B 206 -24.20 -3.85 -29.98
CA GLY B 206 -25.41 -4.26 -30.63
C GLY B 206 -26.34 -5.09 -29.76
N PHE B 207 -25.98 -5.32 -28.50
CA PHE B 207 -26.79 -6.17 -27.63
C PHE B 207 -28.09 -5.48 -27.24
N SER B 208 -29.09 -6.30 -26.96
CA SER B 208 -30.37 -5.79 -26.48
C SER B 208 -30.25 -5.36 -25.02
N ALA B 209 -31.27 -4.61 -24.57
CA ALA B 209 -31.29 -4.17 -23.18
C ALA B 209 -31.23 -5.35 -22.22
N GLU B 210 -31.97 -6.42 -22.53
CA GLU B 210 -32.00 -7.58 -21.65
C GLU B 210 -30.61 -8.23 -21.56
N SER B 211 -29.91 -8.31 -22.68
CA SER B 211 -28.57 -8.89 -22.67
C SER B 211 -27.58 -7.99 -21.97
N LEU B 212 -27.69 -6.67 -22.18
CA LEU B 212 -26.86 -5.73 -21.44
C LEU B 212 -27.19 -5.76 -19.96
N ARG B 213 -28.49 -5.76 -19.64
CA ARG B 213 -28.93 -5.91 -18.26
C ARG B 213 -28.29 -7.11 -17.58
N ASP B 214 -28.34 -8.27 -18.25
CA ASP B 214 -27.82 -9.49 -17.63
C ASP B 214 -26.33 -9.38 -17.34
N ARG B 215 -25.56 -8.80 -18.26
CA ARG B 215 -24.12 -8.73 -18.07
C ARG B 215 -23.72 -7.66 -17.06
N VAL B 216 -24.46 -6.55 -17.01
CA VAL B 216 -24.17 -5.51 -16.02
C VAL B 216 -24.45 -6.02 -14.62
N ASN B 217 -25.53 -6.78 -14.44
CA ASN B 217 -25.87 -7.27 -13.11
C ASN B 217 -24.94 -8.39 -12.65
N ASP B 218 -24.49 -9.24 -13.58
CA ASP B 218 -23.63 -10.35 -13.20
C ASP B 218 -22.33 -9.84 -12.58
N CYS B 219 -21.65 -8.90 -13.23
CA CYS B 219 -20.39 -8.39 -12.71
C CYS B 219 -20.57 -7.43 -11.55
N GLU B 220 -21.80 -7.02 -11.24
CA GLU B 220 -22.09 -6.18 -10.08
C GLU B 220 -21.37 -4.83 -10.14
N CYS B 221 -21.04 -4.38 -11.35
CA CYS B 221 -20.41 -3.07 -11.50
C CYS B 221 -21.31 -1.96 -10.96
N LYS B 222 -20.68 -0.86 -10.55
CA LYS B 222 -21.39 0.33 -10.13
C LYS B 222 -21.25 1.48 -11.12
N VAL B 223 -20.40 1.34 -12.13
CA VAL B 223 -20.16 2.38 -13.14
C VAL B 223 -20.34 1.76 -14.51
N LEU B 224 -20.97 2.50 -15.42
CA LEU B 224 -21.15 2.10 -16.80
C LEU B 224 -20.63 3.19 -17.72
N ILE B 225 -19.92 2.79 -18.76
CA ILE B 225 -19.42 3.72 -19.78
C ILE B 225 -20.11 3.36 -21.10
N THR B 226 -20.74 4.35 -21.70
CA THR B 226 -21.48 4.12 -22.94
C THR B 226 -21.48 5.40 -23.75
N THR B 227 -22.31 5.43 -24.79
CA THR B 227 -22.36 6.53 -25.73
C THR B 227 -23.81 6.97 -25.91
N ASP B 228 -23.99 8.21 -26.35
CA ASP B 228 -25.33 8.69 -26.66
C ASP B 228 -25.93 7.90 -27.81
N GLU B 229 -25.17 7.72 -28.89
CA GLU B 229 -25.58 6.90 -30.02
C GLU B 229 -24.34 6.32 -30.67
N GLY B 230 -24.56 5.25 -31.46
CA GLY B 230 -23.56 4.75 -32.38
C GLY B 230 -23.97 5.03 -33.82
N ARG B 231 -23.01 4.85 -34.72
CA ARG B 231 -23.24 4.98 -36.16
C ARG B 231 -22.53 3.83 -36.85
N ARG B 232 -23.29 3.01 -37.57
CA ARG B 232 -22.71 1.89 -38.32
C ARG B 232 -23.51 1.69 -39.59
N GLY B 233 -22.85 1.79 -40.74
CA GLY B 233 -23.52 1.60 -42.00
C GLY B 233 -24.60 2.62 -42.28
N GLY B 234 -24.37 3.88 -41.93
CA GLY B 234 -25.35 4.93 -42.18
C GLY B 234 -26.56 4.90 -41.29
N LYS B 235 -26.60 4.03 -40.29
CA LYS B 235 -27.75 3.85 -39.42
C LYS B 235 -27.38 4.16 -37.97
N THR B 236 -28.32 4.76 -37.25
CA THR B 236 -28.10 5.17 -35.87
C THR B 236 -28.40 4.04 -34.90
N ILE B 237 -27.51 3.85 -33.93
CA ILE B 237 -27.67 2.85 -32.88
C ILE B 237 -28.03 3.60 -31.60
N ALA B 238 -29.20 3.30 -31.04
CA ALA B 238 -29.73 4.04 -29.89
C ALA B 238 -29.18 3.46 -28.59
N THR B 239 -27.87 3.59 -28.42
CA THR B 239 -27.21 2.97 -27.27
C THR B 239 -27.76 3.50 -25.95
N LYS B 240 -27.95 4.81 -25.83
CA LYS B 240 -28.41 5.37 -24.56
C LYS B 240 -29.84 4.95 -24.26
N GLN B 241 -30.70 4.89 -25.29
CA GLN B 241 -32.07 4.44 -25.08
C GLN B 241 -32.11 3.02 -24.55
N ILE B 242 -31.25 2.14 -25.08
CA ILE B 242 -31.19 0.77 -24.59
C ILE B 242 -30.65 0.73 -23.17
N VAL B 243 -29.65 1.57 -22.90
CA VAL B 243 -29.06 1.64 -21.55
C VAL B 243 -30.13 2.02 -20.53
N ASP B 244 -30.88 3.09 -20.80
CA ASP B 244 -31.90 3.52 -19.85
C ASP B 244 -32.92 2.42 -19.61
N ALA B 245 -33.25 1.64 -20.66
CA ALA B 245 -34.13 0.50 -20.48
C ALA B 245 -33.49 -0.55 -19.58
N ALA B 246 -32.21 -0.84 -19.81
CA ALA B 246 -31.53 -1.87 -19.03
C ALA B 246 -31.37 -1.44 -17.57
N LEU B 247 -31.01 -0.17 -17.33
CA LEU B 247 -30.65 0.26 -15.99
C LEU B 247 -31.85 0.35 -15.05
N GLN B 248 -33.07 0.35 -15.59
CA GLN B 248 -34.25 0.21 -14.74
C GLN B 248 -34.25 -1.12 -13.99
N GLN B 249 -33.42 -2.07 -14.42
CA GLN B 249 -33.33 -3.38 -13.77
C GLN B 249 -31.91 -3.66 -13.30
N CYS B 250 -31.08 -2.63 -13.16
CA CYS B 250 -29.70 -2.76 -12.68
C CYS B 250 -29.52 -1.83 -11.49
N PRO B 251 -29.96 -2.25 -10.30
CA PRO B 251 -29.98 -1.32 -9.16
C PRO B 251 -28.61 -0.93 -8.64
N LEU B 252 -27.55 -1.64 -9.02
CA LEU B 252 -26.23 -1.33 -8.48
C LEU B 252 -25.51 -0.21 -9.24
N VAL B 253 -25.99 0.18 -10.41
CA VAL B 253 -25.29 1.16 -11.23
C VAL B 253 -25.59 2.55 -10.69
N GLU B 254 -24.54 3.29 -10.34
CA GLU B 254 -24.67 4.62 -9.75
C GLU B 254 -24.18 5.73 -10.66
N ASN B 255 -23.19 5.45 -11.51
CA ASN B 255 -22.59 6.46 -12.37
C ASN B 255 -22.55 5.93 -13.80
N VAL B 256 -22.99 6.76 -14.74
CA VAL B 256 -22.96 6.44 -16.16
C VAL B 256 -22.21 7.55 -16.86
N LEU B 257 -21.15 7.18 -17.58
CA LEU B 257 -20.34 8.12 -18.35
C LEU B 257 -20.72 7.99 -19.81
N VAL B 258 -21.15 9.10 -20.42
CA VAL B 258 -21.81 9.08 -21.72
C VAL B 258 -20.96 9.89 -22.70
N LEU B 259 -20.42 9.21 -23.71
CA LEU B 259 -19.68 9.87 -24.77
C LEU B 259 -20.63 10.49 -25.79
N ARG B 260 -20.31 11.71 -26.24
CA ARG B 260 -21.09 12.38 -27.29
C ARG B 260 -20.56 11.93 -28.65
N ARG B 261 -20.99 10.74 -29.07
CA ARG B 261 -20.59 10.27 -30.39
C ARG B 261 -21.28 11.05 -31.49
N THR B 262 -22.59 11.31 -31.35
CA THR B 262 -23.36 12.01 -32.37
C THR B 262 -23.85 13.38 -31.93
N GLY B 263 -23.96 13.64 -30.64
CA GLY B 263 -24.49 14.89 -30.16
C GLY B 263 -25.98 15.06 -30.29
N ASN B 264 -26.70 14.03 -30.74
CA ASN B 264 -28.14 14.13 -30.86
C ASN B 264 -28.79 13.98 -29.48
N LYS B 265 -29.98 14.58 -29.36
CA LYS B 265 -30.68 14.61 -28.08
C LYS B 265 -30.98 13.19 -27.60
N VAL B 266 -30.54 12.88 -26.39
CA VAL B 266 -30.83 11.61 -25.74
C VAL B 266 -31.25 11.90 -24.30
N PRO B 267 -31.99 10.99 -23.69
CA PRO B 267 -32.38 11.20 -22.29
C PRO B 267 -31.19 11.07 -21.36
N MET B 268 -31.09 12.02 -20.42
CA MET B 268 -30.03 12.03 -19.42
C MET B 268 -30.66 12.15 -18.04
N THR B 269 -30.24 11.28 -17.13
CA THR B 269 -30.77 11.24 -15.77
C THR B 269 -29.90 12.09 -14.85
N GLU B 270 -30.49 13.14 -14.28
CA GLU B 270 -29.77 14.00 -13.36
C GLU B 270 -29.04 13.19 -12.30
N GLY B 271 -27.78 13.52 -12.08
CA GLY B 271 -27.00 12.85 -11.05
C GLY B 271 -26.32 11.59 -11.54
N ARG B 272 -27.11 10.65 -12.07
CA ARG B 272 -26.56 9.37 -12.48
C ARG B 272 -25.73 9.50 -13.74
N ASP B 273 -26.15 10.36 -14.68
CA ASP B 273 -25.57 10.43 -16.01
C ASP B 273 -24.82 11.75 -16.18
N LYS B 274 -23.60 11.65 -16.68
CA LYS B 274 -22.75 12.81 -16.93
C LYS B 274 -22.13 12.68 -18.31
N TRP B 275 -21.78 13.81 -18.90
CA TRP B 275 -21.16 13.81 -20.22
C TRP B 275 -19.66 13.56 -20.10
N TRP B 276 -19.17 12.59 -20.87
CA TRP B 276 -17.74 12.27 -20.93
C TRP B 276 -16.88 13.52 -21.07
N ASP B 277 -17.20 14.37 -22.05
CA ASP B 277 -16.31 15.50 -22.34
C ASP B 277 -16.32 16.53 -21.20
N GLU B 278 -17.47 16.75 -20.57
CA GLU B 278 -17.54 17.69 -19.46
C GLU B 278 -16.87 17.14 -18.20
N GLU B 279 -16.94 15.83 -17.98
CA GLU B 279 -16.26 15.24 -16.84
C GLU B 279 -14.75 15.26 -17.04
N CYS B 280 -14.28 14.88 -18.24
CA CYS B 280 -12.85 14.85 -18.50
C CYS B 280 -12.24 16.24 -18.54
N ALA B 281 -13.04 17.28 -18.81
CA ALA B 281 -12.51 18.62 -18.87
C ALA B 281 -12.06 19.13 -17.51
N LYS B 282 -12.55 18.54 -16.42
CA LYS B 282 -12.20 18.93 -15.08
C LYS B 282 -10.98 18.19 -14.55
N MET B 283 -10.58 17.11 -15.21
CA MET B 283 -9.56 16.24 -14.69
C MET B 283 -8.20 16.51 -15.34
N PRO B 284 -7.11 16.21 -14.65
CA PRO B 284 -5.78 16.36 -15.26
C PRO B 284 -5.60 15.39 -16.41
N ALA B 285 -4.64 15.72 -17.28
CA ALA B 285 -4.34 14.90 -18.44
C ALA B 285 -3.31 13.81 -18.16
N TYR B 286 -2.90 13.63 -16.90
CA TYR B 286 -2.07 12.51 -16.51
C TYR B 286 -2.66 11.86 -15.26
N CYS B 287 -2.46 10.56 -15.14
CA CYS B 287 -2.93 9.78 -14.01
C CYS B 287 -1.91 8.67 -13.77
N PRO B 288 -1.48 8.45 -12.52
CA PRO B 288 -0.50 7.39 -12.27
C PRO B 288 -1.08 6.02 -12.56
N CYS B 289 -0.18 5.08 -12.84
CA CYS B 289 -0.55 3.69 -13.10
C CYS B 289 -0.58 2.90 -11.79
N GLU B 290 -1.64 2.11 -11.61
CA GLU B 290 -1.69 1.20 -10.48
C GLU B 290 -0.77 0.00 -10.75
N ARG B 291 0.02 -0.37 -9.74
CA ARG B 291 0.94 -1.49 -9.86
C ARG B 291 0.16 -2.79 -9.65
N MET B 292 0.00 -3.56 -10.72
CA MET B 292 -0.84 -4.74 -10.73
C MET B 292 0.01 -6.01 -10.66
N ALA B 293 -0.43 -6.94 -9.83
CA ALA B 293 0.15 -8.28 -9.83
C ALA B 293 -0.16 -8.97 -11.16
N SER B 294 0.77 -9.83 -11.60
CA SER B 294 0.59 -10.52 -12.87
CA SER B 294 0.59 -10.52 -12.87
C SER B 294 -0.76 -11.22 -12.95
N GLU B 295 -1.21 -11.81 -11.84
CA GLU B 295 -2.44 -12.59 -11.84
C GLU B 295 -3.68 -11.78 -11.41
N ASP B 296 -3.54 -10.49 -11.17
CA ASP B 296 -4.74 -9.68 -10.95
C ASP B 296 -5.61 -9.73 -12.20
N PRO B 297 -6.93 -9.84 -12.05
CA PRO B 297 -7.79 -9.88 -13.24
C PRO B 297 -7.69 -8.60 -14.04
N LEU B 298 -7.61 -8.77 -15.37
CA LEU B 298 -7.59 -7.64 -16.29
C LEU B 298 -8.98 -7.29 -16.80
N PHE B 299 -9.76 -8.29 -17.19
CA PHE B 299 -11.10 -8.01 -17.67
C PHE B 299 -11.96 -9.27 -17.62
N ILE B 300 -13.27 -9.04 -17.63
CA ILE B 300 -14.28 -10.07 -17.80
C ILE B 300 -14.89 -9.87 -19.18
N LEU B 301 -15.04 -10.97 -19.94
CA LEU B 301 -15.71 -10.93 -21.23
C LEU B 301 -16.78 -12.02 -21.23
N TYR B 302 -18.04 -11.61 -21.31
CA TYR B 302 -19.13 -12.56 -21.29
C TYR B 302 -19.32 -13.19 -22.67
N THR B 303 -19.72 -14.45 -22.67
CA THR B 303 -19.97 -15.17 -23.90
C THR B 303 -21.18 -14.58 -24.63
N SER B 304 -21.20 -14.78 -25.95
CA SER B 304 -22.34 -14.34 -26.74
C SER B 304 -23.57 -15.16 -26.38
N GLY B 305 -24.69 -14.47 -26.17
CA GLY B 305 -25.92 -15.12 -25.78
C GLY B 305 -27.10 -14.16 -25.69
N LYS B 309 -28.13 -17.25 -19.17
CA LYS B 309 -26.99 -17.42 -18.26
C LYS B 309 -25.67 -17.07 -18.99
N PRO B 310 -25.27 -15.80 -18.92
CA PRO B 310 -24.00 -15.42 -19.56
C PRO B 310 -22.81 -15.87 -18.73
N LYS B 311 -21.74 -16.23 -19.43
CA LYS B 311 -20.56 -16.82 -18.81
C LYS B 311 -19.40 -15.83 -18.94
N GLY B 312 -18.88 -15.37 -17.80
CA GLY B 312 -17.84 -14.37 -17.78
C GLY B 312 -16.44 -14.93 -17.80
N VAL B 313 -15.80 -14.93 -18.97
CA VAL B 313 -14.42 -15.40 -19.08
C VAL B 313 -13.49 -14.36 -18.49
N VAL B 314 -12.63 -14.78 -17.56
CA VAL B 314 -11.74 -13.90 -16.84
C VAL B 314 -10.32 -14.14 -17.31
N HIS B 315 -9.63 -13.06 -17.66
CA HIS B 315 -8.21 -13.10 -18.01
C HIS B 315 -7.43 -12.24 -17.03
N SER B 316 -6.26 -12.74 -16.63
CA SER B 316 -5.38 -11.97 -15.76
C SER B 316 -4.54 -11.04 -16.65
N THR B 317 -3.49 -10.44 -16.08
CA THR B 317 -2.84 -9.31 -16.72
C THR B 317 -1.63 -9.72 -17.54
N ALA B 318 -0.58 -10.25 -16.88
CA ALA B 318 0.70 -10.40 -17.56
C ALA B 318 0.65 -11.47 -18.64
N GLY B 319 0.14 -12.66 -18.31
CA GLY B 319 0.11 -13.74 -19.29
C GLY B 319 -0.71 -13.39 -20.51
N TYR B 320 -1.91 -12.84 -20.29
CA TYR B 320 -2.75 -12.45 -21.42
C TYR B 320 -2.05 -11.41 -22.27
N LEU B 321 -1.52 -10.36 -21.63
CA LEU B 321 -0.83 -9.31 -22.36
C LEU B 321 0.36 -9.85 -23.14
N LEU B 322 1.13 -10.75 -22.52
CA LEU B 322 2.27 -11.34 -23.21
C LEU B 322 1.80 -12.17 -24.40
N GLY B 323 0.73 -12.94 -24.22
CA GLY B 323 0.24 -13.78 -25.30
C GLY B 323 -0.28 -12.99 -26.49
N THR B 324 -0.99 -11.89 -26.24
CA THR B 324 -1.50 -11.09 -27.35
C THR B 324 -0.35 -10.34 -28.03
N ALA B 325 0.64 -9.90 -27.25
CA ALA B 325 1.77 -9.20 -27.84
C ALA B 325 2.60 -10.14 -28.71
N LEU B 326 2.88 -11.36 -28.23
CA LEU B 326 3.70 -12.28 -29.01
C LEU B 326 2.98 -12.75 -30.26
N THR B 327 1.69 -13.10 -30.14
CA THR B 327 0.97 -13.60 -31.32
C THR B 327 0.89 -12.54 -32.40
N LEU B 328 0.55 -11.30 -32.04
CA LEU B 328 0.50 -10.24 -33.04
C LEU B 328 1.84 -10.09 -33.74
N LYS B 329 2.91 -10.06 -32.97
CA LYS B 329 4.23 -9.89 -33.56
C LYS B 329 4.57 -11.03 -34.52
N TYR B 330 4.32 -12.27 -34.12
CA TYR B 330 4.80 -13.41 -34.90
C TYR B 330 3.77 -13.93 -35.89
N VAL B 331 2.50 -14.01 -35.51
CA VAL B 331 1.49 -14.53 -36.43
C VAL B 331 1.25 -13.56 -37.59
N PHE B 332 1.40 -12.26 -37.35
CA PHE B 332 1.20 -11.27 -38.40
C PHE B 332 2.50 -10.59 -38.82
N ASP B 333 3.64 -10.99 -38.25
CA ASP B 333 4.95 -10.43 -38.54
C ASP B 333 4.90 -8.90 -38.52
N ALA B 334 4.60 -8.38 -37.34
CA ALA B 334 4.43 -6.94 -37.13
C ALA B 334 5.77 -6.31 -36.81
N HIS B 335 6.08 -5.22 -37.50
CA HIS B 335 7.30 -4.45 -37.29
C HIS B 335 6.96 -3.03 -36.87
N PRO B 336 7.94 -2.29 -36.34
CA PRO B 336 7.63 -1.02 -35.66
C PRO B 336 6.72 -0.05 -36.41
N ASP B 337 6.83 0.06 -37.73
CA ASP B 337 6.06 1.05 -38.46
C ASP B 337 4.82 0.46 -39.14
N ASP B 338 4.50 -0.81 -38.88
CA ASP B 338 3.36 -1.43 -39.52
C ASP B 338 2.05 -0.75 -39.09
N ARG B 339 1.03 -0.91 -39.93
CA ARG B 339 -0.31 -0.37 -39.68
C ARG B 339 -1.29 -1.54 -39.76
N PHE B 340 -1.69 -2.05 -38.60
CA PHE B 340 -2.45 -3.28 -38.48
C PHE B 340 -3.95 -2.97 -38.46
N ALA B 341 -4.72 -3.72 -39.25
CA ALA B 341 -6.14 -3.46 -39.42
C ALA B 341 -6.95 -4.74 -39.15
N CYS B 342 -7.36 -4.92 -37.90
CA CYS B 342 -8.31 -5.97 -37.54
C CYS B 342 -9.72 -5.40 -37.64
N MET B 343 -10.52 -5.95 -38.54
CA MET B 343 -11.85 -5.41 -38.83
C MET B 343 -12.93 -6.06 -37.97
N ALA B 344 -12.66 -6.17 -36.67
CA ALA B 344 -13.58 -6.80 -35.73
C ALA B 344 -14.19 -5.72 -34.82
N ASP B 345 -14.84 -6.15 -33.75
CA ASP B 345 -15.47 -5.26 -32.78
C ASP B 345 -14.83 -5.47 -31.41
N ILE B 346 -14.55 -4.36 -30.72
CA ILE B 346 -13.94 -4.41 -29.40
C ILE B 346 -14.80 -5.14 -28.39
N GLY B 347 -16.09 -5.36 -28.69
CA GLY B 347 -16.97 -6.11 -27.81
C GLY B 347 -16.74 -7.60 -27.80
N TRP B 348 -15.90 -8.11 -28.70
CA TRP B 348 -15.55 -9.53 -28.74
C TRP B 348 -14.06 -9.69 -28.47
N ILE B 349 -13.65 -10.93 -28.23
CA ILE B 349 -12.28 -11.19 -27.82
C ILE B 349 -11.31 -10.81 -28.93
N THR B 350 -11.73 -10.91 -30.19
CA THR B 350 -10.87 -10.55 -31.30
C THR B 350 -10.48 -9.09 -31.23
N GLY B 351 -11.40 -8.23 -30.78
CA GLY B 351 -11.11 -6.82 -30.61
C GLY B 351 -10.29 -6.53 -29.37
N HIS B 352 -10.56 -7.28 -28.29
CA HIS B 352 -9.73 -7.19 -27.10
C HIS B 352 -8.26 -7.42 -27.44
N SER B 353 -7.98 -8.53 -28.13
CA SER B 353 -6.61 -8.98 -28.31
C SER B 353 -5.92 -8.39 -29.52
N TYR B 354 -6.64 -8.10 -30.61
CA TYR B 354 -5.99 -7.78 -31.87
C TYR B 354 -6.43 -6.46 -32.47
N ILE B 355 -7.25 -5.69 -31.76
CA ILE B 355 -7.38 -4.26 -32.03
C ILE B 355 -6.66 -3.44 -30.97
N ILE B 356 -6.90 -3.75 -29.70
CA ILE B 356 -6.39 -2.94 -28.60
C ILE B 356 -5.09 -3.51 -28.03
N TYR B 357 -5.19 -4.64 -27.32
CA TYR B 357 -4.10 -5.02 -26.42
C TYR B 357 -2.86 -5.47 -27.19
N GLY B 358 -3.02 -6.36 -28.16
CA GLY B 358 -1.88 -6.86 -28.91
C GLY B 358 -1.13 -5.77 -29.64
N PRO B 359 -1.83 -5.04 -30.52
CA PRO B 359 -1.14 -4.01 -31.30
C PRO B 359 -0.57 -2.87 -30.48
N LEU B 360 -1.30 -2.38 -29.49
CA LEU B 360 -0.79 -1.25 -28.71
C LEU B 360 0.36 -1.69 -27.80
N ALA B 361 0.33 -2.92 -27.31
CA ALA B 361 1.45 -3.43 -26.55
C ALA B 361 2.73 -3.40 -27.38
N ASN B 362 2.62 -3.66 -28.68
CA ASN B 362 3.77 -3.62 -29.59
C ASN B 362 4.11 -2.20 -30.04
N GLY B 363 3.34 -1.20 -29.63
CA GLY B 363 3.66 0.18 -29.97
C GLY B 363 3.42 0.58 -31.40
N ILE B 364 2.68 -0.23 -32.17
CA ILE B 364 2.44 0.09 -33.57
C ILE B 364 1.11 0.80 -33.73
N THR B 365 0.66 0.95 -34.97
CA THR B 365 -0.61 1.60 -35.29
C THR B 365 -1.67 0.53 -35.48
N THR B 366 -2.84 0.73 -34.87
CA THR B 366 -3.96 -0.18 -34.97
C THR B 366 -5.17 0.55 -35.50
N ALA B 367 -6.11 -0.20 -36.07
CA ALA B 367 -7.27 0.36 -36.74
C ALA B 367 -8.53 0.13 -35.92
N VAL B 368 -9.35 1.17 -35.80
CA VAL B 368 -10.68 1.07 -35.20
C VAL B 368 -11.66 1.40 -36.33
N PHE B 369 -12.30 0.36 -36.87
CA PHE B 369 -13.14 0.47 -38.06
C PHE B 369 -14.60 0.48 -37.61
N GLU B 370 -15.27 1.61 -37.84
CA GLU B 370 -16.61 1.83 -37.31
C GLU B 370 -17.72 1.46 -38.27
N SER B 371 -17.40 1.15 -39.53
CA SER B 371 -18.41 0.95 -40.56
C SER B 371 -18.60 -0.54 -40.84
N THR B 372 -19.17 -0.86 -42.00
CA THR B 372 -19.37 -2.24 -42.44
C THR B 372 -18.53 -2.50 -43.69
N PRO B 373 -18.48 -3.74 -44.17
CA PRO B 373 -17.73 -4.00 -45.41
C PRO B 373 -18.33 -3.35 -46.64
N VAL B 374 -19.59 -2.91 -46.61
CA VAL B 374 -20.27 -2.48 -47.82
C VAL B 374 -20.89 -1.10 -47.68
N TYR B 375 -20.45 -0.32 -46.70
CA TYR B 375 -20.87 1.06 -46.59
C TYR B 375 -19.68 1.99 -46.73
N PRO B 376 -19.75 3.03 -47.57
CA PRO B 376 -20.90 3.40 -48.42
C PRO B 376 -21.02 2.47 -49.63
N THR B 377 -19.97 1.77 -50.03
CA THR B 377 -20.05 0.78 -51.12
C THR B 377 -19.28 -0.47 -50.72
N PRO B 378 -19.35 -1.53 -51.54
CA PRO B 378 -18.60 -2.76 -51.21
C PRO B 378 -17.09 -2.64 -51.38
N SER B 379 -16.57 -1.47 -51.73
CA SER B 379 -15.13 -1.27 -51.84
C SER B 379 -14.51 -0.76 -50.55
N ARG B 380 -15.26 -0.71 -49.45
CA ARG B 380 -14.81 0.05 -48.28
C ARG B 380 -13.51 -0.50 -47.72
N TYR B 381 -13.41 -1.82 -47.55
CA TYR B 381 -12.18 -2.41 -47.04
C TYR B 381 -10.98 -1.96 -47.89
N TRP B 382 -11.15 -2.00 -49.20
CA TRP B 382 -10.02 -1.78 -50.11
C TRP B 382 -9.70 -0.31 -50.25
N ASP B 383 -10.71 0.56 -50.19
CA ASP B 383 -10.44 1.99 -50.05
C ASP B 383 -9.65 2.27 -48.78
N PHE B 384 -9.98 1.55 -47.69
CA PHE B 384 -9.29 1.76 -46.42
C PHE B 384 -7.82 1.39 -46.55
N VAL B 385 -7.54 0.24 -47.15
CA VAL B 385 -6.16 -0.24 -47.24
C VAL B 385 -5.30 0.75 -48.01
N ASP B 386 -5.81 1.26 -49.14
CA ASP B 386 -5.01 2.16 -49.96
C ASP B 386 -4.91 3.55 -49.34
N LYS B 387 -5.93 3.98 -48.58
CA LYS B 387 -5.91 5.31 -48.00
C LYS B 387 -4.93 5.41 -46.84
N TRP B 388 -4.84 4.36 -46.03
CA TRP B 388 -3.91 4.33 -44.91
C TRP B 388 -2.69 3.45 -45.15
N LYS B 389 -2.65 2.74 -46.28
CA LYS B 389 -1.56 1.82 -46.58
C LYS B 389 -1.40 0.80 -45.46
N ALA B 390 -2.51 0.15 -45.11
CA ALA B 390 -2.48 -0.95 -44.16
C ALA B 390 -1.48 -2.01 -44.61
N THR B 391 -0.74 -2.56 -43.65
CA THR B 391 0.26 -3.57 -43.93
C THR B 391 -0.21 -4.98 -43.60
N GLN B 392 -1.15 -5.13 -42.67
CA GLN B 392 -1.77 -6.41 -42.38
C GLN B 392 -3.27 -6.20 -42.27
N LEU B 393 -4.03 -7.25 -42.58
CA LEU B 393 -5.48 -7.20 -42.53
C LEU B 393 -5.99 -8.49 -41.92
N TYR B 394 -6.89 -8.35 -40.95
CA TYR B 394 -7.43 -9.47 -40.18
C TYR B 394 -8.94 -9.35 -40.22
N THR B 395 -9.61 -10.32 -40.84
CA THR B 395 -11.04 -10.21 -41.03
C THR B 395 -11.68 -11.59 -40.88
N ALA B 396 -12.99 -11.66 -41.08
CA ALA B 396 -13.74 -12.88 -40.86
C ALA B 396 -14.15 -13.52 -42.18
N PRO B 397 -14.23 -14.85 -42.24
CA PRO B 397 -14.67 -15.50 -43.49
C PRO B 397 -16.03 -15.04 -43.95
N THR B 398 -16.91 -14.68 -43.02
N THR B 398 -16.92 -14.67 -43.02
CA THR B 398 -18.25 -14.21 -43.41
CA THR B 398 -18.24 -14.22 -43.43
C THR B 398 -18.16 -12.94 -44.24
C THR B 398 -18.16 -12.94 -44.24
N ALA B 399 -17.31 -11.99 -43.82
CA ALA B 399 -17.17 -10.76 -44.58
C ALA B 399 -16.53 -11.00 -45.93
N ILE B 400 -15.59 -11.96 -46.01
CA ILE B 400 -14.96 -12.26 -47.29
C ILE B 400 -15.98 -12.83 -48.27
N ARG B 401 -16.75 -13.84 -47.82
CA ARG B 401 -17.78 -14.40 -48.70
C ARG B 401 -18.80 -13.35 -49.10
N LEU B 402 -19.16 -12.47 -48.17
CA LEU B 402 -20.03 -11.35 -48.51
C LEU B 402 -19.46 -10.55 -49.67
N LEU B 403 -18.21 -10.10 -49.54
CA LEU B 403 -17.61 -9.26 -50.58
C LEU B 403 -17.38 -10.05 -51.86
N ARG B 404 -17.08 -11.34 -51.75
CA ARG B 404 -16.93 -12.15 -52.96
C ARG B 404 -18.22 -12.15 -53.77
N ARG B 405 -19.35 -12.32 -53.10
CA ARG B 405 -20.65 -12.34 -53.77
C ARG B 405 -21.13 -10.96 -54.17
N MET B 406 -20.40 -9.89 -53.85
CA MET B 406 -20.76 -8.56 -54.35
C MET B 406 -20.03 -8.20 -55.64
N GLY B 407 -19.09 -9.03 -56.08
CA GLY B 407 -18.42 -8.79 -57.34
C GLY B 407 -16.99 -8.34 -57.15
N GLU B 408 -16.16 -8.62 -58.16
CA GLU B 408 -14.74 -8.28 -58.12
C GLU B 408 -14.45 -6.88 -58.65
N ASP B 409 -15.45 -6.18 -59.19
CA ASP B 409 -15.25 -4.80 -59.63
C ASP B 409 -14.92 -3.88 -58.45
N HIS B 410 -15.21 -4.29 -57.23
CA HIS B 410 -15.00 -3.46 -56.06
C HIS B 410 -13.61 -3.60 -55.47
N VAL B 411 -12.78 -4.49 -56.00
CA VAL B 411 -11.47 -4.76 -55.40
C VAL B 411 -10.38 -4.82 -56.46
N LYS B 412 -10.71 -5.29 -57.66
CA LYS B 412 -9.68 -5.69 -58.61
C LYS B 412 -8.84 -4.51 -59.08
N ASN B 413 -9.38 -3.29 -59.04
CA ASN B 413 -8.67 -2.12 -59.55
C ASN B 413 -7.99 -1.30 -58.46
N HIS B 414 -8.00 -1.77 -57.22
CA HIS B 414 -7.26 -1.09 -56.16
C HIS B 414 -5.78 -1.45 -56.22
N ASP B 415 -4.98 -0.75 -55.42
CA ASP B 415 -3.55 -1.02 -55.33
C ASP B 415 -3.30 -2.18 -54.38
N LEU B 416 -3.47 -1.93 -53.08
CA LEU B 416 -3.39 -2.94 -52.02
C LEU B 416 -1.99 -3.49 -51.79
N SER B 417 -0.98 -2.94 -52.46
CA SER B 417 0.37 -3.48 -52.37
C SER B 417 1.02 -3.25 -51.01
N SER B 418 0.44 -2.40 -50.16
CA SER B 418 1.00 -2.21 -48.83
C SER B 418 0.82 -3.43 -47.94
N LEU B 419 -0.10 -4.31 -48.29
CA LEU B 419 -0.37 -5.50 -47.48
C LEU B 419 0.73 -6.54 -47.66
N ARG B 420 0.97 -7.31 -46.59
CA ARG B 420 1.89 -8.45 -46.66
C ARG B 420 1.22 -9.71 -46.10
N VAL B 421 0.24 -9.53 -45.21
CA VAL B 421 -0.34 -10.65 -44.48
C VAL B 421 -1.85 -10.44 -44.36
N LEU B 422 -2.61 -11.45 -44.78
CA LEU B 422 -4.06 -11.43 -44.73
C LEU B 422 -4.52 -12.54 -43.79
N GLY B 423 -5.22 -12.16 -42.72
CA GLY B 423 -5.62 -13.09 -41.68
C GLY B 423 -7.12 -13.33 -41.71
N SER B 424 -7.52 -14.50 -41.23
CA SER B 424 -8.93 -14.88 -41.13
C SER B 424 -9.20 -15.41 -39.73
N VAL B 425 -10.27 -14.91 -39.10
CA VAL B 425 -10.65 -15.31 -37.75
C VAL B 425 -12.11 -15.67 -37.74
N GLY B 426 -12.45 -16.71 -36.97
CA GLY B 426 -13.80 -17.25 -36.90
C GLY B 426 -13.82 -18.73 -37.24
N GLU B 427 -14.90 -19.15 -37.88
CA GLU B 427 -14.94 -20.50 -38.41
C GLU B 427 -13.80 -20.65 -39.44
N PRO B 428 -13.32 -21.87 -39.65
CA PRO B 428 -12.29 -22.06 -40.68
C PRO B 428 -12.77 -21.52 -42.03
N ILE B 429 -11.87 -20.87 -42.75
CA ILE B 429 -12.22 -20.27 -44.02
C ILE B 429 -12.36 -21.38 -45.07
N ASN B 430 -13.46 -21.35 -45.82
CA ASN B 430 -13.66 -22.34 -46.86
C ASN B 430 -12.69 -22.09 -48.02
N PRO B 431 -12.19 -23.14 -48.67
CA PRO B 431 -11.23 -22.94 -49.77
C PRO B 431 -11.64 -21.89 -50.79
N GLU B 432 -12.91 -21.87 -51.20
CA GLU B 432 -13.33 -20.91 -52.21
C GLU B 432 -13.10 -19.47 -51.76
N ALA B 433 -13.42 -19.17 -50.50
CA ALA B 433 -13.16 -17.83 -49.98
C ALA B 433 -11.68 -17.59 -49.79
N TRP B 434 -10.95 -18.60 -49.31
CA TRP B 434 -9.50 -18.51 -49.20
C TRP B 434 -8.87 -18.04 -50.51
N HIS B 435 -9.31 -18.60 -51.64
CA HIS B 435 -8.71 -18.26 -52.92
C HIS B 435 -9.11 -16.86 -53.39
N TRP B 436 -10.36 -16.47 -53.15
CA TRP B 436 -10.79 -15.11 -53.46
C TRP B 436 -10.00 -14.10 -52.62
N TYR B 437 -9.88 -14.36 -51.32
CA TYR B 437 -9.01 -13.57 -50.46
C TYR B 437 -7.60 -13.51 -51.02
N ASN B 438 -7.06 -14.67 -51.41
CA ASN B 438 -5.69 -14.74 -51.90
C ASN B 438 -5.53 -14.03 -53.24
N ASP B 439 -6.51 -14.18 -54.15
CA ASP B 439 -6.36 -13.69 -55.51
C ASP B 439 -6.55 -12.19 -55.61
N PHE B 440 -7.55 -11.64 -54.92
CA PHE B 440 -7.95 -10.25 -55.14
C PHE B 440 -7.48 -9.31 -54.05
N ALA B 441 -7.66 -9.67 -52.77
CA ALA B 441 -7.15 -8.81 -51.71
C ALA B 441 -5.63 -8.85 -51.64
N GLY B 442 -5.04 -10.03 -51.85
CA GLY B 442 -3.60 -10.18 -51.78
C GLY B 442 -2.91 -10.14 -53.13
N LYS B 443 -3.67 -10.32 -54.20
CA LYS B 443 -3.11 -10.39 -55.56
C LYS B 443 -2.01 -11.44 -55.61
N ASN B 444 -2.26 -12.57 -54.95
CA ASN B 444 -1.33 -13.71 -54.93
C ASN B 444 0.05 -13.28 -54.45
N GLN B 445 0.08 -12.24 -53.61
CA GLN B 445 1.32 -11.62 -53.15
C GLN B 445 1.40 -11.51 -51.64
N CYS B 446 0.37 -11.93 -50.91
CA CYS B 446 0.38 -11.91 -49.46
C CYS B 446 0.33 -13.32 -48.91
N ALA B 447 0.85 -13.49 -47.70
CA ALA B 447 0.64 -14.73 -46.95
C ALA B 447 -0.76 -14.71 -46.33
N ILE B 448 -1.46 -15.84 -46.46
CA ILE B 448 -2.79 -16.00 -45.88
C ILE B 448 -2.63 -16.76 -44.57
N VAL B 449 -3.14 -16.19 -43.49
CA VAL B 449 -2.97 -16.73 -42.15
C VAL B 449 -4.36 -17.06 -41.61
N ASP B 450 -4.72 -18.34 -41.61
CA ASP B 450 -5.93 -18.79 -40.94
C ASP B 450 -5.59 -19.07 -39.48
N THR B 451 -6.40 -18.56 -38.58
CA THR B 451 -6.14 -18.64 -37.15
C THR B 451 -7.21 -19.47 -36.47
N TYR B 452 -6.80 -20.17 -35.41
CA TYR B 452 -7.72 -20.90 -34.55
C TYR B 452 -7.46 -20.52 -33.11
N TRP B 453 -8.52 -20.15 -32.41
CA TRP B 453 -8.43 -19.86 -30.98
C TRP B 453 -9.84 -19.61 -30.47
N MET B 454 -9.94 -19.29 -29.19
CA MET B 454 -11.22 -19.07 -28.53
C MET B 454 -11.05 -17.96 -27.51
N THR B 455 -12.18 -17.38 -27.09
CA THR B 455 -12.15 -16.42 -26.00
C THR B 455 -11.36 -16.96 -24.82
N GLU B 456 -11.46 -18.26 -24.56
CA GLU B 456 -10.83 -18.85 -23.39
C GLU B 456 -9.33 -19.07 -23.54
N THR B 457 -8.80 -19.04 -24.76
CA THR B 457 -7.35 -19.17 -24.93
C THR B 457 -6.65 -17.82 -24.92
N GLY B 458 -7.38 -16.71 -25.02
CA GLY B 458 -6.78 -15.39 -24.92
C GLY B 458 -6.13 -14.90 -26.19
N SER B 459 -5.44 -15.79 -26.90
CA SER B 459 -4.68 -15.40 -28.07
C SER B 459 -4.63 -16.58 -29.05
N ILE B 460 -4.14 -16.29 -30.25
CA ILE B 460 -4.13 -17.26 -31.34
C ILE B 460 -3.38 -18.53 -30.90
N SER B 461 -4.02 -19.68 -31.11
CA SER B 461 -3.52 -20.98 -30.65
C SER B 461 -2.85 -21.77 -31.76
N ILE B 462 -3.41 -21.73 -32.97
CA ILE B 462 -2.89 -22.47 -34.12
C ILE B 462 -2.96 -21.54 -35.32
N ALA B 463 -1.84 -21.37 -36.02
CA ALA B 463 -1.82 -20.53 -37.21
C ALA B 463 -0.48 -20.68 -37.89
N PRO B 464 -0.41 -20.44 -39.19
CA PRO B 464 0.89 -20.41 -39.88
C PRO B 464 1.63 -19.12 -39.59
N LEU B 465 2.92 -19.25 -39.32
CA LEU B 465 3.77 -18.08 -39.22
C LEU B 465 4.11 -17.61 -40.63
N PRO B 466 3.68 -16.41 -41.04
CA PRO B 466 3.62 -16.10 -42.48
C PRO B 466 4.94 -16.21 -43.21
N GLY B 467 6.06 -15.99 -42.53
CA GLY B 467 7.35 -16.02 -43.17
C GLY B 467 8.02 -17.37 -43.19
N ALA B 468 7.37 -18.41 -42.67
CA ALA B 468 7.99 -19.71 -42.51
C ALA B 468 7.15 -20.86 -43.08
N ILE B 469 5.83 -20.80 -42.92
CA ILE B 469 4.95 -21.94 -43.18
C ILE B 469 4.33 -21.79 -44.56
N SER B 470 4.41 -22.85 -45.37
CA SER B 470 3.65 -22.93 -46.61
C SER B 470 2.23 -23.36 -46.28
N THR B 471 1.26 -22.59 -46.75
CA THR B 471 -0.11 -22.70 -46.28
C THR B 471 -0.92 -23.65 -47.16
N LYS B 472 -1.92 -24.27 -46.54
CA LYS B 472 -2.92 -25.08 -47.22
C LYS B 472 -4.28 -24.42 -47.06
N PRO B 473 -5.01 -24.12 -48.13
CA PRO B 473 -6.32 -23.46 -47.99
C PRO B 473 -7.24 -24.20 -47.03
N GLY B 474 -7.63 -23.53 -45.95
CA GLY B 474 -8.53 -24.10 -44.97
C GLY B 474 -7.88 -24.71 -43.75
N SER B 475 -6.55 -24.73 -43.70
CA SER B 475 -5.82 -25.34 -42.60
C SER B 475 -5.24 -24.27 -41.68
N ALA B 476 -5.38 -24.49 -40.36
CA ALA B 476 -4.70 -23.66 -39.38
C ALA B 476 -3.21 -23.97 -39.30
N THR B 477 -2.78 -25.14 -39.79
CA THR B 477 -1.40 -25.58 -39.81
C THR B 477 -0.90 -25.98 -38.43
N PHE B 478 -0.02 -25.19 -37.82
CA PHE B 478 0.74 -25.67 -36.66
C PHE B 478 0.53 -24.78 -35.43
N PRO B 479 0.71 -25.36 -34.24
CA PRO B 479 0.41 -24.62 -33.01
C PRO B 479 1.39 -23.49 -32.74
N PHE B 480 0.93 -22.48 -32.01
CA PHE B 480 1.75 -21.33 -31.68
C PHE B 480 2.63 -21.62 -30.47
N PHE B 481 3.61 -20.74 -30.26
CA PHE B 481 4.51 -20.83 -29.12
C PHE B 481 3.71 -21.06 -27.83
N GLY B 482 4.19 -22.01 -27.03
CA GLY B 482 3.53 -22.35 -25.79
C GLY B 482 2.31 -23.23 -25.93
N MET B 483 1.91 -23.57 -27.14
CA MET B 483 0.76 -24.43 -27.38
C MET B 483 1.25 -25.80 -27.82
N ASP B 484 0.87 -26.82 -27.05
CA ASP B 484 1.21 -28.21 -27.31
C ASP B 484 -0.14 -28.93 -27.42
N VAL B 485 -0.60 -29.15 -28.64
CA VAL B 485 -1.92 -29.71 -28.87
C VAL B 485 -1.80 -31.15 -29.36
N ASP B 486 -2.87 -31.90 -29.14
CA ASP B 486 -2.95 -33.29 -29.56
C ASP B 486 -4.40 -33.62 -29.83
N ILE B 487 -4.63 -34.77 -30.46
CA ILE B 487 -5.96 -35.22 -30.83
C ILE B 487 -6.27 -36.50 -30.06
N ILE B 488 -7.47 -36.59 -29.50
CA ILE B 488 -7.89 -37.71 -28.68
C ILE B 488 -9.12 -38.36 -29.29
N ASP B 489 -9.19 -39.67 -29.23
CA ASP B 489 -10.40 -40.39 -29.60
C ASP B 489 -11.50 -40.07 -28.59
N PRO B 490 -12.59 -39.41 -28.99
CA PRO B 490 -13.57 -38.95 -27.98
C PRO B 490 -14.16 -40.07 -27.15
N GLN B 491 -14.08 -41.32 -27.61
CA GLN B 491 -14.63 -42.44 -26.87
C GLN B 491 -13.59 -43.00 -25.89
N THR B 492 -12.47 -43.51 -26.41
CA THR B 492 -11.49 -44.16 -25.56
C THR B 492 -10.84 -43.19 -24.59
N GLY B 493 -10.82 -41.90 -24.92
CA GLY B 493 -10.08 -40.93 -24.16
C GLY B 493 -8.59 -40.91 -24.44
N GLN B 494 -8.11 -41.76 -25.35
CA GLN B 494 -6.69 -41.96 -25.58
C GLN B 494 -6.19 -41.08 -26.72
N VAL B 495 -4.89 -40.78 -26.68
CA VAL B 495 -4.28 -39.95 -27.70
C VAL B 495 -4.14 -40.75 -28.99
N LEU B 496 -4.52 -40.14 -30.11
CA LEU B 496 -4.30 -40.71 -31.44
C LEU B 496 -2.92 -40.25 -31.91
N GLU B 497 -1.93 -41.13 -31.78
CA GLU B 497 -0.59 -40.81 -32.22
C GLU B 497 -0.46 -40.99 -33.73
N GLY B 498 0.36 -40.15 -34.34
CA GLY B 498 0.62 -40.24 -35.77
C GLY B 498 -0.10 -39.19 -36.59
N ASN B 499 -0.35 -39.48 -37.86
CA ASN B 499 -0.99 -38.58 -38.80
C ASN B 499 -2.17 -39.28 -39.46
N ASP B 500 -2.91 -38.54 -40.28
CA ASP B 500 -4.18 -39.00 -40.82
C ASP B 500 -5.09 -39.50 -39.70
N VAL B 501 -5.19 -38.70 -38.64
CA VAL B 501 -6.00 -38.98 -37.48
C VAL B 501 -7.00 -37.86 -37.29
N GLU B 502 -8.15 -38.20 -36.71
CA GLU B 502 -9.22 -37.24 -36.51
C GLU B 502 -9.93 -37.53 -35.19
N GLY B 503 -10.17 -36.48 -34.41
CA GLY B 503 -10.81 -36.61 -33.12
C GLY B 503 -11.11 -35.26 -32.47
N VAL B 504 -10.96 -35.16 -31.16
CA VAL B 504 -11.18 -33.92 -30.43
C VAL B 504 -9.83 -33.28 -30.13
N LEU B 505 -9.78 -31.96 -30.25
CA LEU B 505 -8.54 -31.22 -30.02
C LEU B 505 -8.38 -30.93 -28.53
N VAL B 506 -7.17 -31.16 -28.02
CA VAL B 506 -6.85 -30.93 -26.61
C VAL B 506 -5.46 -30.32 -26.52
N ALA B 507 -5.23 -29.56 -25.46
CA ALA B 507 -3.92 -29.01 -25.14
C ALA B 507 -3.37 -29.72 -23.91
N ARG B 508 -2.08 -30.01 -23.92
CA ARG B 508 -1.47 -30.82 -22.86
C ARG B 508 -1.06 -30.00 -21.65
N ARG B 509 -0.74 -28.72 -21.82
CA ARG B 509 -0.16 -27.90 -20.77
C ARG B 509 -0.76 -26.50 -20.83
N PRO B 510 -0.83 -25.81 -19.69
CA PRO B 510 -1.25 -24.41 -19.71
C PRO B 510 -0.31 -23.55 -20.53
N TRP B 511 -0.85 -22.43 -21.01
CA TRP B 511 -0.09 -21.41 -21.71
C TRP B 511 -0.37 -20.06 -21.05
N PRO B 512 0.46 -19.05 -21.31
CA PRO B 512 0.36 -17.82 -20.50
C PRO B 512 -0.98 -17.10 -20.58
N SER B 513 -1.66 -17.11 -21.72
CA SER B 513 -2.85 -16.30 -21.90
C SER B 513 -4.14 -17.08 -21.71
N ILE B 514 -4.07 -18.28 -21.11
CA ILE B 514 -5.28 -19.06 -20.88
C ILE B 514 -6.17 -18.33 -19.90
N ALA B 515 -7.49 -18.40 -20.12
CA ALA B 515 -8.42 -17.84 -19.15
C ALA B 515 -8.27 -18.56 -17.81
N ARG B 516 -8.42 -17.82 -16.72
CA ARG B 516 -8.10 -18.32 -15.40
C ARG B 516 -9.31 -18.81 -14.62
N THR B 517 -10.52 -18.39 -14.99
CA THR B 517 -11.74 -18.86 -14.35
C THR B 517 -12.93 -18.36 -15.15
N VAL B 518 -14.13 -18.75 -14.72
CA VAL B 518 -15.37 -18.12 -15.13
C VAL B 518 -15.88 -17.34 -13.93
N TYR B 519 -16.15 -16.05 -14.14
CA TYR B 519 -16.36 -15.12 -13.03
C TYR B 519 -17.39 -15.64 -12.04
N ARG B 520 -16.94 -15.86 -10.81
CA ARG B 520 -17.77 -16.36 -9.72
C ARG B 520 -18.45 -17.69 -10.05
N ASP B 521 -17.88 -18.44 -10.98
CA ASP B 521 -18.42 -19.73 -11.37
C ASP B 521 -17.26 -20.63 -11.79
N HIS B 522 -16.30 -20.80 -10.88
CA HIS B 522 -15.12 -21.60 -11.18
C HIS B 522 -15.47 -23.06 -11.45
N LYS B 523 -16.59 -23.55 -10.90
CA LYS B 523 -16.97 -24.93 -11.14
C LYS B 523 -17.38 -25.15 -12.58
N ARG B 524 -18.09 -24.18 -13.16
CA ARG B 524 -18.40 -24.26 -14.59
C ARG B 524 -17.13 -24.18 -15.43
N TYR B 525 -16.12 -23.45 -14.95
CA TYR B 525 -14.83 -23.40 -15.64
C TYR B 525 -14.18 -24.77 -15.67
N LEU B 526 -14.13 -25.44 -14.51
CA LEU B 526 -13.51 -26.76 -14.45
C LEU B 526 -14.31 -27.79 -15.23
N GLU B 527 -15.64 -27.79 -15.08
CA GLU B 527 -16.45 -28.80 -15.74
C GLU B 527 -16.41 -28.69 -17.25
N THR B 528 -16.29 -27.46 -17.78
CA THR B 528 -16.37 -27.28 -19.22
C THR B 528 -15.06 -27.64 -19.92
N TYR B 529 -13.93 -27.21 -19.35
CA TYR B 529 -12.66 -27.31 -20.04
C TYR B 529 -11.71 -28.35 -19.44
N MET B 530 -11.87 -28.71 -18.17
CA MET B 530 -10.86 -29.48 -17.46
C MET B 530 -11.30 -30.88 -17.06
N LYS B 531 -12.61 -31.11 -16.88
CA LYS B 531 -13.07 -32.43 -16.43
C LYS B 531 -13.40 -33.38 -17.59
N PRO B 532 -13.79 -32.88 -18.78
CA PRO B 532 -14.11 -33.83 -19.86
C PRO B 532 -12.99 -34.81 -20.18
N TYR B 533 -11.75 -34.32 -20.30
CA TYR B 533 -10.59 -35.17 -20.58
C TYR B 533 -9.52 -34.82 -19.55
N PRO B 534 -9.56 -35.45 -18.38
CA PRO B 534 -8.68 -35.04 -17.27
C PRO B 534 -7.21 -35.06 -17.65
N GLY B 535 -6.52 -33.98 -17.28
CA GLY B 535 -5.14 -33.77 -17.65
C GLY B 535 -4.95 -32.88 -18.86
N TYR B 536 -6.03 -32.57 -19.59
CA TYR B 536 -5.96 -31.76 -20.79
C TYR B 536 -6.91 -30.58 -20.68
N PHE B 537 -6.74 -29.64 -21.60
CA PHE B 537 -7.71 -28.58 -21.85
C PHE B 537 -8.57 -28.97 -23.04
N PHE B 538 -9.88 -28.96 -22.85
CA PHE B 538 -10.83 -29.40 -23.89
C PHE B 538 -11.34 -28.18 -24.64
N PHE B 539 -10.88 -28.00 -25.88
CA PHE B 539 -11.31 -26.87 -26.68
C PHE B 539 -12.79 -26.95 -27.03
N GLY B 540 -13.33 -28.15 -27.20
CA GLY B 540 -14.68 -28.32 -27.69
C GLY B 540 -14.82 -28.40 -29.19
N ASP B 541 -13.72 -28.60 -29.92
CA ASP B 541 -13.73 -28.62 -31.37
C ASP B 541 -13.07 -29.90 -31.89
N GLY B 542 -13.61 -30.45 -32.97
CA GLY B 542 -12.95 -31.53 -33.65
C GLY B 542 -11.78 -31.04 -34.48
N ALA B 543 -10.83 -31.94 -34.71
CA ALA B 543 -9.62 -31.58 -35.44
C ALA B 543 -9.06 -32.83 -36.11
N ALA B 544 -8.25 -32.62 -37.14
CA ALA B 544 -7.57 -33.70 -37.81
C ALA B 544 -6.17 -33.25 -38.21
N ARG B 545 -5.22 -34.18 -38.11
CA ARG B 545 -3.89 -34.02 -38.70
C ARG B 545 -3.81 -34.80 -40.01
N ASP B 546 -3.29 -34.16 -41.04
CA ASP B 546 -3.11 -34.83 -42.32
C ASP B 546 -1.73 -35.48 -42.38
N TYR B 547 -1.40 -36.04 -43.54
CA TYR B 547 -0.16 -36.79 -43.68
C TYR B 547 1.06 -35.95 -43.33
N ASP B 548 0.98 -34.63 -43.46
CA ASP B 548 2.11 -33.75 -43.23
C ASP B 548 2.11 -33.14 -41.83
N GLY B 549 1.11 -33.45 -41.01
CA GLY B 549 1.02 -32.88 -39.69
C GLY B 549 0.24 -31.60 -39.59
N TYR B 550 -0.25 -31.07 -40.71
CA TYR B 550 -1.08 -29.87 -40.68
C TYR B 550 -2.40 -30.16 -39.95
N MET B 551 -2.83 -29.21 -39.13
CA MET B 551 -4.05 -29.33 -38.36
C MET B 551 -5.22 -28.78 -39.17
N TRP B 552 -6.37 -29.47 -39.12
CA TRP B 552 -7.58 -29.03 -39.78
C TRP B 552 -8.73 -29.04 -38.76
N ILE B 553 -9.28 -27.86 -38.47
CA ILE B 553 -10.35 -27.71 -37.48
C ILE B 553 -11.66 -28.17 -38.10
N LYS B 554 -12.41 -29.00 -37.37
CA LYS B 554 -13.54 -29.75 -37.92
C LYS B 554 -14.82 -29.54 -37.11
N GLY B 555 -15.13 -28.29 -36.78
CA GLY B 555 -16.44 -28.00 -36.19
C GLY B 555 -16.64 -28.53 -34.79
N ARG B 556 -17.76 -28.17 -34.16
CA ARG B 556 -17.92 -28.42 -32.73
C ARG B 556 -18.12 -29.89 -32.45
N VAL B 557 -17.59 -30.34 -31.30
CA VAL B 557 -17.69 -31.73 -30.90
C VAL B 557 -19.14 -32.08 -30.58
N ASP B 558 -19.58 -33.23 -31.07
CA ASP B 558 -20.87 -33.78 -30.68
C ASP B 558 -20.97 -33.84 -29.16
N ASP B 559 -21.91 -33.07 -28.60
CA ASP B 559 -22.07 -33.01 -27.15
C ASP B 559 -22.15 -34.41 -26.57
N VAL B 560 -21.29 -34.67 -25.58
CA VAL B 560 -21.13 -35.99 -24.98
C VAL B 560 -21.43 -35.87 -23.49
N ILE B 561 -22.52 -36.51 -23.06
CA ILE B 561 -22.87 -36.52 -21.65
C ILE B 561 -22.03 -37.57 -20.93
N ASN B 562 -21.63 -37.27 -19.70
CA ASN B 562 -20.86 -38.19 -18.87
C ASN B 562 -21.79 -38.68 -17.77
N VAL B 563 -22.35 -39.87 -17.96
CA VAL B 563 -23.34 -40.44 -17.04
C VAL B 563 -22.60 -41.33 -16.06
N SER B 564 -22.31 -40.79 -14.88
CA SER B 564 -21.66 -41.54 -13.80
C SER B 564 -20.47 -42.34 -14.33
N GLY B 565 -19.55 -41.62 -14.95
CA GLY B 565 -18.31 -42.23 -15.44
C GLY B 565 -18.43 -42.95 -16.76
N HIS B 566 -19.38 -42.56 -17.60
CA HIS B 566 -19.52 -43.13 -18.94
C HIS B 566 -19.82 -42.01 -19.92
N ARG B 567 -18.94 -41.85 -20.92
CA ARG B 567 -19.10 -40.80 -21.92
C ARG B 567 -20.02 -41.29 -23.04
N LEU B 568 -21.14 -40.61 -23.23
CA LEU B 568 -22.20 -41.01 -24.15
C LEU B 568 -22.33 -39.99 -25.27
N SER B 569 -22.43 -40.48 -26.50
CA SER B 569 -22.64 -39.62 -27.67
C SER B 569 -24.13 -39.39 -27.89
N THR B 570 -24.52 -38.11 -27.96
CA THR B 570 -25.91 -37.79 -28.28
C THR B 570 -26.31 -38.32 -29.64
N ALA B 571 -25.34 -38.48 -30.55
CA ALA B 571 -25.64 -39.02 -31.87
C ALA B 571 -25.89 -40.51 -31.82
N GLU B 572 -25.15 -41.23 -30.98
CA GLU B 572 -25.35 -42.68 -30.87
C GLU B 572 -26.69 -43.00 -30.24
N VAL B 573 -27.08 -42.26 -29.20
CA VAL B 573 -28.39 -42.47 -28.58
C VAL B 573 -29.50 -42.21 -29.58
N GLU B 574 -29.36 -41.13 -30.37
CA GLU B 574 -30.35 -40.85 -31.41
C GLU B 574 -30.42 -41.98 -32.42
N SER B 575 -29.27 -42.54 -32.79
CA SER B 575 -29.26 -43.71 -33.67
C SER B 575 -30.05 -44.86 -33.07
N ALA B 576 -29.79 -45.18 -31.81
CA ALA B 576 -30.49 -46.25 -31.13
C ALA B 576 -31.98 -45.92 -31.00
N LYS C 17 25.66 32.15 -23.55
CA LYS C 17 26.19 30.92 -24.14
C LYS C 17 27.16 30.25 -23.18
N THR C 18 26.74 29.11 -22.62
CA THR C 18 27.52 28.40 -21.60
C THR C 18 27.61 26.93 -21.97
N GLU C 19 28.82 26.38 -21.90
CA GLU C 19 29.01 24.95 -22.14
C GLU C 19 28.49 24.17 -20.94
N VAL C 20 27.65 23.17 -21.21
CA VAL C 20 27.09 22.30 -20.17
C VAL C 20 27.90 21.01 -20.12
N ALA C 21 28.45 20.62 -21.27
CA ALA C 21 29.27 19.42 -21.38
C ALA C 21 30.24 19.64 -22.53
N PRO C 22 31.24 18.76 -22.67
CA PRO C 22 32.25 18.97 -23.72
C PRO C 22 31.63 18.99 -25.11
N GLY C 23 31.75 20.12 -25.79
CA GLY C 23 31.15 20.32 -27.10
C GLY C 23 29.68 20.70 -27.06
N VAL C 24 29.04 20.64 -25.90
CA VAL C 24 27.64 21.00 -25.75
C VAL C 24 27.56 22.40 -25.16
N HIS C 25 26.61 23.20 -25.65
CA HIS C 25 26.40 24.55 -25.13
C HIS C 25 24.91 24.82 -25.02
N HIS C 26 24.57 25.79 -24.16
CA HIS C 26 23.19 26.25 -23.98
C HIS C 26 23.13 27.74 -24.28
N VAL C 27 22.15 28.14 -25.08
CA VAL C 27 21.93 29.53 -25.45
C VAL C 27 20.82 30.06 -24.57
N HIS C 28 21.14 31.00 -23.69
CA HIS C 28 20.19 31.51 -22.70
C HIS C 28 20.15 33.03 -22.74
N PRO C 29 19.10 33.63 -22.18
CA PRO C 29 19.03 35.10 -22.11
C PRO C 29 19.84 35.71 -20.98
N LEU C 30 20.59 34.89 -20.22
CA LEU C 30 21.33 35.38 -19.06
C LEU C 30 22.74 35.76 -19.47
N PRO C 31 23.39 36.70 -18.76
CA PRO C 31 24.77 37.04 -19.09
C PRO C 31 25.71 35.86 -18.90
N ASP C 32 26.92 36.01 -19.43
CA ASP C 32 28.00 35.07 -19.17
C ASP C 32 28.83 35.47 -17.96
N SER C 33 28.92 36.78 -17.71
CA SER C 33 29.67 37.30 -16.57
C SER C 33 29.00 38.59 -16.13
N VAL C 34 29.20 38.94 -14.86
CA VAL C 34 28.67 40.18 -14.30
C VAL C 34 29.85 41.00 -13.78
N PRO C 35 30.22 42.11 -14.42
CA PRO C 35 31.38 42.87 -13.96
C PRO C 35 31.15 43.48 -12.59
N GLU C 36 32.24 43.61 -11.83
CA GLU C 36 32.18 44.14 -10.47
C GLU C 36 31.90 45.64 -10.49
N SER C 37 31.30 46.13 -9.40
CA SER C 37 31.05 47.55 -9.23
C SER C 37 30.75 47.82 -7.76
N GLU C 38 30.74 49.11 -7.40
CA GLU C 38 30.48 49.50 -6.03
C GLU C 38 29.00 49.48 -5.65
N ASP C 39 28.10 49.43 -6.62
CA ASP C 39 26.68 49.31 -6.31
C ASP C 39 26.25 47.85 -6.09
N LEU C 40 27.14 46.89 -6.33
CA LEU C 40 26.85 45.47 -6.15
C LEU C 40 27.43 45.00 -4.83
N PHE C 41 26.67 44.20 -4.10
CA PHE C 41 27.08 43.67 -2.81
C PHE C 41 27.55 42.24 -3.01
N ALA C 42 28.87 42.06 -3.04
CA ALA C 42 29.42 40.73 -3.25
C ALA C 42 29.18 39.87 -2.02
N PRO C 43 29.12 38.55 -2.19
CA PRO C 43 28.94 37.66 -1.03
C PRO C 43 29.91 38.02 0.08
N PRO C 44 29.42 38.19 1.32
CA PRO C 44 30.31 38.60 2.41
C PRO C 44 31.10 37.42 2.96
N PRO C 45 32.08 37.68 3.84
CA PRO C 45 32.97 36.59 4.30
C PRO C 45 32.25 35.38 4.89
N ARG C 46 31.17 35.59 5.65
CA ARG C 46 30.45 34.44 6.18
C ARG C 46 29.95 33.52 5.07
N MET C 47 29.82 34.04 3.85
CA MET C 47 29.42 33.25 2.69
C MET C 47 30.62 32.93 1.79
N GLN C 48 31.84 33.10 2.30
CA GLN C 48 33.06 32.73 1.59
C GLN C 48 33.79 31.59 2.30
N GLY C 49 33.10 30.85 3.16
CA GLY C 49 33.73 29.79 3.92
C GLY C 49 34.78 30.27 4.90
N LYS C 50 34.76 31.55 5.27
CA LYS C 50 35.68 32.09 6.25
C LYS C 50 35.06 32.06 7.64
N GLU C 51 35.87 32.41 8.63
CA GLU C 51 35.40 32.52 10.01
C GLU C 51 34.73 31.24 10.48
N GLY C 52 35.23 30.11 9.98
CA GLY C 52 34.70 28.81 10.35
C GLY C 52 33.36 28.45 9.75
N ARG C 53 32.79 29.29 8.89
CA ARG C 53 31.48 29.00 8.33
C ARG C 53 31.60 27.98 7.19
N PRO C 54 30.51 27.27 6.89
CA PRO C 54 30.56 26.28 5.81
C PRO C 54 30.87 26.92 4.47
N LYS C 55 31.64 26.19 3.65
CA LYS C 55 31.88 26.64 2.29
C LYS C 55 30.58 26.56 1.49
N PRO C 56 30.26 27.57 0.68
CA PRO C 56 28.98 27.56 -0.03
C PRO C 56 28.91 26.44 -1.06
N HIS C 57 27.67 25.99 -1.31
CA HIS C 57 27.45 24.92 -2.28
C HIS C 57 27.78 25.38 -3.70
N ILE C 58 27.49 26.63 -4.01
CA ILE C 58 27.79 27.23 -5.31
C ILE C 58 28.54 28.52 -5.06
N GLY C 59 29.69 28.68 -5.69
CA GLY C 59 30.52 29.85 -5.48
C GLY C 59 31.77 29.82 -6.33
N PRO C 60 32.52 30.93 -6.35
CA PRO C 60 32.34 32.17 -5.58
C PRO C 60 31.80 33.36 -6.38
N ASN C 61 31.38 33.16 -7.63
CA ASN C 61 31.06 34.28 -8.51
C ASN C 61 29.89 33.92 -9.42
N TYR C 62 29.45 34.90 -10.20
CA TYR C 62 28.34 34.68 -11.13
C TYR C 62 28.64 33.50 -12.04
N GLU C 63 29.86 33.42 -12.56
CA GLU C 63 30.22 32.35 -13.49
C GLU C 63 29.94 30.99 -12.89
N SER C 64 30.18 30.82 -11.58
CA SER C 64 29.92 29.52 -10.96
C SER C 64 28.43 29.20 -10.92
N TYR C 65 27.58 30.22 -10.79
CA TYR C 65 26.14 30.00 -10.86
C TYR C 65 25.72 29.57 -12.26
N VAL C 66 26.11 30.34 -13.28
CA VAL C 66 25.62 30.08 -14.61
C VAL C 66 26.13 28.73 -15.12
N LYS C 67 27.32 28.32 -14.69
CA LYS C 67 27.85 27.03 -15.12
C LYS C 67 26.94 25.89 -14.67
N GLU C 68 26.55 25.91 -13.39
CA GLU C 68 25.68 24.86 -12.87
C GLU C 68 24.26 25.01 -13.41
N TRP C 69 23.73 26.23 -13.42
CA TRP C 69 22.36 26.45 -13.87
C TRP C 69 22.16 25.96 -15.30
N ALA C 70 23.16 26.18 -16.17
CA ALA C 70 23.02 25.78 -17.56
C ALA C 70 22.83 24.27 -17.69
N LYS C 71 23.36 23.48 -16.75
CA LYS C 71 23.15 22.04 -16.78
C LYS C 71 21.71 21.65 -16.44
N THR C 72 20.96 22.52 -15.77
CA THR C 72 19.63 22.17 -15.29
C THR C 72 18.55 22.54 -16.28
N VAL C 73 18.90 23.26 -17.34
CA VAL C 73 18.01 23.60 -18.44
C VAL C 73 18.79 23.28 -19.72
N GLY C 74 18.05 23.17 -20.82
CA GLY C 74 18.69 22.94 -22.09
C GLY C 74 18.92 21.47 -22.40
N PRO C 75 19.99 21.15 -23.15
CA PRO C 75 20.05 19.86 -23.83
C PRO C 75 20.12 18.63 -22.92
N ASN C 76 21.16 18.54 -22.10
CA ASN C 76 21.41 17.35 -21.30
C ASN C 76 20.91 17.50 -19.87
N SER C 77 19.83 18.24 -19.66
CA SER C 77 19.36 18.49 -18.30
C SER C 77 18.73 17.25 -17.65
N ASP C 78 18.28 16.27 -18.44
CA ASP C 78 17.71 15.07 -17.85
C ASP C 78 18.72 14.38 -16.95
N GLU C 79 19.97 14.29 -17.39
CA GLU C 79 21.00 13.63 -16.60
C GLU C 79 21.19 14.33 -15.26
N TRP C 80 21.22 15.67 -15.27
CA TRP C 80 21.42 16.41 -14.02
C TRP C 80 20.24 16.21 -13.07
N TRP C 81 19.01 16.26 -13.59
CA TRP C 81 17.84 16.14 -12.73
C TRP C 81 17.67 14.72 -12.22
N ALA C 82 17.99 13.72 -13.04
CA ALA C 82 17.90 12.35 -12.57
C ALA C 82 18.83 12.10 -11.40
N ALA C 83 20.07 12.60 -11.49
CA ALA C 83 21.03 12.40 -10.41
C ALA C 83 20.61 13.14 -9.15
N LYS C 84 20.15 14.39 -9.29
CA LYS C 84 19.71 15.13 -8.11
C LYS C 84 18.51 14.48 -7.45
N ALA C 85 17.60 13.92 -8.25
CA ALA C 85 16.44 13.26 -7.68
C ALA C 85 16.85 12.05 -6.85
N ARG C 86 17.80 11.27 -7.35
CA ARG C 86 18.25 10.08 -6.63
C ARG C 86 19.18 10.42 -5.49
N GLU C 87 19.88 11.55 -5.55
CA GLU C 87 20.75 11.97 -4.46
C GLU C 87 19.96 12.61 -3.31
N THR C 88 18.89 13.32 -3.63
CA THR C 88 18.21 14.16 -2.65
C THR C 88 17.10 13.42 -1.90
N LEU C 89 16.44 12.47 -2.54
CA LEU C 89 15.28 11.80 -1.97
C LEU C 89 15.53 10.29 -1.91
N ASP C 90 14.90 9.66 -0.93
CA ASP C 90 14.89 8.20 -0.83
C ASP C 90 13.65 7.65 -1.51
N TRP C 91 13.84 6.63 -2.34
CA TRP C 91 12.77 6.08 -3.18
C TRP C 91 12.48 4.64 -2.78
N TYR C 92 11.20 4.30 -2.74
CA TYR C 92 10.81 2.89 -2.62
C TYR C 92 11.02 2.19 -3.95
N ASP C 93 10.67 2.86 -5.05
CA ASP C 93 10.89 2.35 -6.40
C ASP C 93 11.56 3.43 -7.24
N ASP C 94 12.62 3.07 -7.94
CA ASP C 94 13.31 4.01 -8.80
C ASP C 94 12.41 4.43 -9.96
N PHE C 95 12.73 5.58 -10.55
CA PHE C 95 12.09 6.02 -11.78
C PHE C 95 12.94 5.62 -12.98
N LYS C 96 12.30 5.62 -14.14
CA LYS C 96 12.97 5.45 -15.42
C LYS C 96 12.95 6.72 -16.26
N THR C 97 11.76 7.29 -16.45
CA THR C 97 11.60 8.54 -17.19
C THR C 97 11.81 9.74 -16.28
N VAL C 98 12.54 10.73 -16.78
CA VAL C 98 12.79 11.93 -15.98
C VAL C 98 11.64 12.92 -16.09
N ARG C 99 11.24 13.26 -17.32
CA ARG C 99 10.18 14.23 -17.50
C ARG C 99 9.35 13.88 -18.72
N ALA C 100 8.10 14.34 -18.72
CA ALA C 100 7.22 14.20 -19.87
C ALA C 100 6.06 15.18 -19.72
N GLY C 101 5.30 15.33 -20.79
CA GLY C 101 4.16 16.23 -20.79
C GLY C 101 4.60 17.67 -20.92
N GLY C 102 3.62 18.58 -20.80
CA GLY C 102 3.92 19.98 -21.00
C GLY C 102 2.73 20.87 -20.68
N PHE C 103 2.89 22.15 -21.03
CA PHE C 103 1.90 23.15 -20.65
C PHE C 103 0.58 22.98 -21.39
N GLU C 104 0.63 22.59 -22.67
CA GLU C 104 -0.54 22.68 -23.51
C GLU C 104 -1.76 21.97 -22.91
N HIS C 105 -1.57 20.73 -22.47
CA HIS C 105 -2.67 19.94 -21.95
C HIS C 105 -2.62 19.74 -20.44
N GLY C 106 -1.58 20.25 -19.79
CA GLY C 106 -1.44 20.08 -18.36
C GLY C 106 -1.26 18.63 -17.97
N ASP C 107 -0.32 17.95 -18.61
CA ASP C 107 0.03 16.57 -18.31
C ASP C 107 1.48 16.46 -17.86
N VAL C 108 1.93 17.45 -17.09
CA VAL C 108 3.32 17.49 -16.63
C VAL C 108 3.63 16.26 -15.78
N GLN C 109 4.74 15.59 -16.09
CA GLN C 109 5.18 14.41 -15.37
C GLN C 109 6.65 14.54 -15.01
N TRP C 110 7.00 14.16 -13.79
CA TRP C 110 8.39 14.07 -13.37
C TRP C 110 8.59 12.78 -12.59
N PHE C 111 9.58 11.99 -12.99
CA PHE C 111 9.93 10.75 -12.32
C PHE C 111 8.72 9.84 -12.16
N PRO C 112 7.91 9.68 -13.22
CA PRO C 112 6.57 9.08 -13.05
C PRO C 112 6.57 7.65 -12.51
N GLU C 113 7.51 6.80 -12.93
CA GLU C 113 7.49 5.42 -12.47
C GLU C 113 7.99 5.26 -11.03
N GLY C 114 8.55 6.30 -10.43
CA GLY C 114 9.08 6.17 -9.10
C GLY C 114 8.01 6.19 -8.03
N THR C 115 8.36 5.61 -6.88
CA THR C 115 7.52 5.68 -5.69
C THR C 115 8.36 6.14 -4.50
N LEU C 116 7.70 6.84 -3.59
CA LEU C 116 8.35 7.44 -2.43
C LEU C 116 7.26 7.83 -1.45
N ASN C 117 7.68 8.37 -0.30
CA ASN C 117 6.74 8.92 0.67
C ASN C 117 7.34 10.21 1.23
N ALA C 118 6.54 11.27 1.26
CA ALA C 118 7.05 12.56 1.73
C ALA C 118 7.36 12.53 3.22
N ALA C 119 6.56 11.79 4.01
CA ALA C 119 6.85 11.69 5.43
C ALA C 119 8.10 10.87 5.69
N TYR C 120 8.36 9.84 4.88
CA TYR C 120 9.60 9.09 5.04
C TYR C 120 10.81 10.00 4.80
N ASN C 121 10.72 10.89 3.81
CA ASN C 121 11.85 11.74 3.48
C ASN C 121 12.00 12.93 4.42
N CYS C 122 10.91 13.37 5.05
CA CYS C 122 10.99 14.49 5.98
C CYS C 122 11.15 14.06 7.43
N LEU C 123 10.90 12.79 7.75
CA LEU C 123 10.95 12.31 9.12
C LEU C 123 11.77 11.04 9.29
N ASP C 124 11.22 9.91 8.82
CA ASP C 124 11.79 8.61 9.16
C ASP C 124 13.29 8.55 8.93
N ARG C 125 13.74 8.95 7.74
CA ARG C 125 15.15 8.75 7.42
C ARG C 125 16.06 9.55 8.33
N HIS C 126 15.61 10.72 8.79
CA HIS C 126 16.41 11.50 9.71
C HIS C 126 16.32 10.95 11.13
N TYR C 127 15.13 10.50 11.53
CA TYR C 127 14.97 9.87 12.84
C TYR C 127 15.84 8.63 12.98
N TYR C 128 15.97 7.84 11.90
CA TYR C 128 16.81 6.65 11.97
C TYR C 128 18.29 7.01 12.11
N LYS C 129 18.71 8.18 11.61
CA LYS C 129 20.11 8.58 11.70
C LYS C 129 20.44 9.26 13.02
N ASN C 130 19.60 10.22 13.45
CA ASN C 130 19.84 10.94 14.69
C ASN C 130 18.50 11.28 15.33
N PRO C 131 17.94 10.36 16.13
CA PRO C 131 16.59 10.59 16.64
C PRO C 131 16.47 11.79 17.56
N LYS C 132 17.52 12.12 18.32
CA LYS C 132 17.42 13.21 19.29
C LYS C 132 17.67 14.58 18.68
N LYS C 133 18.08 14.65 17.42
CA LYS C 133 18.28 15.93 16.75
C LYS C 133 16.97 16.71 16.74
N THR C 134 17.08 18.03 16.93
CA THR C 134 15.91 18.89 16.92
C THR C 134 15.38 19.04 15.50
N ALA C 135 14.11 18.65 15.29
CA ALA C 135 13.46 18.91 14.02
C ALA C 135 12.85 20.31 13.99
N ILE C 136 12.12 20.68 15.04
CA ILE C 136 11.38 21.93 15.08
C ILE C 136 11.80 22.72 16.31
N ILE C 137 12.17 23.97 16.11
CA ILE C 137 12.25 24.95 17.21
C ILE C 137 10.87 25.59 17.31
N TYR C 138 10.13 25.25 18.35
CA TYR C 138 8.80 25.82 18.58
C TYR C 138 8.98 27.06 19.45
N GLU C 139 8.94 28.24 18.82
CA GLU C 139 8.94 29.50 19.55
C GLU C 139 7.49 29.84 19.84
N ALA C 140 7.04 29.51 21.04
CA ALA C 140 5.65 29.72 21.41
C ALA C 140 5.33 31.21 21.48
N ASP C 141 4.03 31.52 21.44
CA ASP C 141 3.62 32.92 21.54
C ASP C 141 4.24 33.56 22.78
N GLU C 142 4.18 32.87 23.92
CA GLU C 142 4.88 33.30 25.11
C GLU C 142 6.29 32.71 25.13
N PRO C 143 7.32 33.54 25.27
CA PRO C 143 8.70 33.00 25.21
C PRO C 143 8.97 31.85 26.16
N SER C 144 8.36 31.87 27.36
CA SER C 144 8.67 30.87 28.36
C SER C 144 8.20 29.47 27.97
N GLU C 145 7.33 29.37 26.98
CA GLU C 145 6.79 28.08 26.56
C GLU C 145 7.47 27.51 25.32
N SER C 146 8.55 28.14 24.86
CA SER C 146 9.27 27.65 23.70
C SER C 146 10.09 26.43 24.06
N ARG C 147 10.26 25.53 23.09
CA ARG C 147 11.06 24.33 23.34
C ARG C 147 11.44 23.69 22.01
N GLU C 148 12.34 22.72 22.10
CA GLU C 148 12.81 21.98 20.93
C GLU C 148 12.04 20.67 20.81
N VAL C 149 11.60 20.36 19.60
CA VAL C 149 10.90 19.13 19.29
C VAL C 149 11.82 18.27 18.43
N SER C 150 12.19 17.11 18.96
CA SER C 150 13.11 16.24 18.25
C SER C 150 12.42 15.55 17.08
N TYR C 151 13.25 15.00 16.18
CA TYR C 151 12.72 14.16 15.12
C TYR C 151 11.97 12.96 15.69
N GLU C 152 12.47 12.40 16.78
CA GLU C 152 11.76 11.32 17.44
C GLU C 152 10.37 11.75 17.89
N GLU C 153 10.27 12.87 18.61
CA GLU C 153 8.97 13.31 19.10
C GLU C 153 8.04 13.63 17.93
N LEU C 154 8.55 14.33 16.91
CA LEU C 154 7.71 14.68 15.77
C LEU C 154 7.23 13.44 15.03
N MET C 155 8.11 12.47 14.81
CA MET C 155 7.71 11.24 14.13
C MET C 155 6.64 10.51 14.92
N GLN C 156 6.82 10.41 16.24
CA GLN C 156 5.84 9.72 17.06
C GLN C 156 4.47 10.38 16.97
N GLU C 157 4.43 11.72 17.04
CA GLU C 157 3.15 12.41 16.97
C GLU C 157 2.54 12.32 15.57
N THR C 158 3.38 12.36 14.54
CA THR C 158 2.88 12.16 13.18
C THR C 158 2.25 10.79 13.01
N CYS C 159 2.88 9.74 13.55
CA CYS C 159 2.35 8.40 13.38
C CYS C 159 1.06 8.20 14.17
N ARG C 160 0.97 8.77 15.37
CA ARG C 160 -0.28 8.69 16.12
C ARG C 160 -1.43 9.30 15.32
N VAL C 161 -1.23 10.51 14.79
CA VAL C 161 -2.29 11.17 14.04
C VAL C 161 -2.63 10.38 12.79
N ALA C 162 -1.60 9.91 12.06
CA ALA C 162 -1.85 9.05 10.92
C ALA C 162 -2.73 7.86 11.31
N ASN C 163 -2.40 7.20 12.43
CA ASN C 163 -3.21 6.07 12.87
C ASN C 163 -4.63 6.51 13.23
N VAL C 164 -4.78 7.70 13.83
CA VAL C 164 -6.12 8.21 14.10
C VAL C 164 -6.88 8.40 12.79
N LEU C 165 -6.23 9.00 11.79
CA LEU C 165 -6.92 9.24 10.52
C LEU C 165 -7.34 7.94 9.87
N LYS C 166 -6.50 6.92 9.90
CA LYS C 166 -6.87 5.64 9.33
C LYS C 166 -8.08 5.05 10.04
N SER C 167 -8.17 5.24 11.35
CA SER C 167 -9.32 4.76 12.09
C SER C 167 -10.61 5.46 11.68
N TYR C 168 -10.51 6.69 11.15
CA TYR C 168 -11.65 7.40 10.60
C TYR C 168 -11.99 6.97 9.17
N GLY C 169 -11.24 6.02 8.61
CA GLY C 169 -11.49 5.60 7.25
C GLY C 169 -10.84 6.46 6.19
N VAL C 170 -9.89 7.32 6.56
CA VAL C 170 -9.18 8.10 5.55
C VAL C 170 -8.31 7.15 4.73
N LYS C 171 -8.43 7.25 3.41
CA LYS C 171 -7.73 6.38 2.48
C LYS C 171 -6.82 7.23 1.59
N LYS C 172 -5.88 6.55 0.95
CA LYS C 172 -5.06 7.16 -0.09
C LYS C 172 -5.93 7.92 -1.08
N GLY C 173 -5.63 9.20 -1.28
CA GLY C 173 -6.36 10.05 -2.19
C GLY C 173 -7.49 10.86 -1.59
N ASP C 174 -7.83 10.64 -0.32
CA ASP C 174 -8.87 11.43 0.35
C ASP C 174 -8.31 12.78 0.78
N ALA C 175 -9.13 13.82 0.65
CA ALA C 175 -8.75 15.14 1.12
C ALA C 175 -8.98 15.25 2.62
N VAL C 176 -8.09 15.97 3.30
CA VAL C 176 -8.24 16.26 4.72
C VAL C 176 -7.96 17.74 4.91
N SER C 177 -8.91 18.46 5.49
CA SER C 177 -8.76 19.89 5.72
C SER C 177 -8.05 20.15 7.04
N ILE C 178 -7.16 21.13 7.04
CA ILE C 178 -6.38 21.47 8.22
C ILE C 178 -6.55 22.96 8.49
N TYR C 179 -7.08 23.29 9.67
CA TYR C 179 -7.32 24.67 10.11
C TYR C 179 -6.56 24.84 11.43
N LEU C 180 -5.25 25.01 11.33
CA LEU C 180 -4.38 24.98 12.50
C LEU C 180 -3.55 26.25 12.60
N PRO C 181 -3.33 26.75 13.83
CA PRO C 181 -2.44 27.89 14.01
C PRO C 181 -0.98 27.45 14.07
N MET C 182 -0.08 28.38 14.39
CA MET C 182 1.35 28.12 14.28
C MET C 182 1.91 27.49 15.55
N THR C 183 1.44 26.28 15.82
CA THR C 183 2.03 25.38 16.81
C THR C 183 2.67 24.22 16.06
N TRP C 184 3.66 23.58 16.70
CA TRP C 184 4.49 22.62 16.00
C TRP C 184 3.70 21.41 15.51
N GLN C 185 2.57 21.11 16.16
CA GLN C 185 1.77 19.98 15.72
C GLN C 185 1.20 20.18 14.32
N ALA C 186 1.22 21.41 13.81
CA ALA C 186 0.78 21.63 12.44
C ALA C 186 1.61 20.82 11.46
N ALA C 187 2.92 20.70 11.71
CA ALA C 187 3.75 19.87 10.85
C ALA C 187 3.38 18.40 10.95
N ALA C 188 3.06 17.94 12.16
CA ALA C 188 2.61 16.56 12.32
C ALA C 188 1.31 16.31 11.57
N ALA C 189 0.39 17.28 11.56
CA ALA C 189 -0.84 17.12 10.82
C ALA C 189 -0.58 17.01 9.32
N PHE C 190 0.22 17.95 8.78
CA PHE C 190 0.62 17.86 7.38
C PHE C 190 1.20 16.49 7.06
N LEU C 191 2.22 16.08 7.82
CA LEU C 191 2.95 14.87 7.48
C LEU C 191 2.16 13.61 7.77
N ALA C 192 1.19 13.65 8.70
CA ALA C 192 0.34 12.49 8.92
C ALA C 192 -0.50 12.20 7.68
N CYS C 193 -1.00 13.24 7.02
CA CYS C 193 -1.70 13.06 5.75
C CYS C 193 -0.76 12.51 4.68
N ALA C 194 0.42 13.11 4.55
CA ALA C 194 1.38 12.62 3.57
C ALA C 194 1.76 11.17 3.84
N ARG C 195 1.82 10.79 5.12
CA ARG C 195 2.28 9.46 5.47
C ARG C 195 1.34 8.38 4.95
N ILE C 196 0.02 8.66 4.99
CA ILE C 196 -0.97 7.68 4.57
C ILE C 196 -1.47 7.92 3.14
N GLY C 197 -0.90 8.90 2.43
CA GLY C 197 -1.33 9.19 1.08
C GLY C 197 -2.56 10.06 0.98
N ALA C 198 -3.03 10.62 2.09
CA ALA C 198 -4.13 11.57 2.04
C ALA C 198 -3.64 12.92 1.52
N ILE C 199 -4.58 13.72 1.02
CA ILE C 199 -4.30 15.02 0.43
C ILE C 199 -4.69 16.08 1.44
N HIS C 200 -3.73 16.74 2.08
CA HIS C 200 -4.08 17.76 3.04
C HIS C 200 -4.37 19.09 2.34
N SER C 201 -5.34 19.83 2.88
CA SER C 201 -5.74 21.14 2.37
C SER C 201 -5.70 22.11 3.54
N ALA C 202 -4.61 22.86 3.66
CA ALA C 202 -4.41 23.75 4.80
C ALA C 202 -5.15 25.07 4.57
N VAL C 203 -5.86 25.52 5.59
CA VAL C 203 -6.63 26.75 5.56
C VAL C 203 -6.03 27.67 6.61
N PHE C 204 -5.50 28.81 6.16
CA PHE C 204 -4.89 29.77 7.08
C PHE C 204 -5.81 30.00 8.28
N ALA C 205 -5.25 29.84 9.48
CA ALA C 205 -6.05 29.83 10.69
C ALA C 205 -6.60 31.20 11.06
N GLY C 206 -6.33 32.22 10.26
CA GLY C 206 -6.95 33.52 10.41
C GLY C 206 -8.16 33.74 9.54
N PHE C 207 -8.50 32.78 8.67
CA PHE C 207 -9.63 32.94 7.76
C PHE C 207 -10.94 32.99 8.54
N SER C 208 -11.92 33.69 7.96
CA SER C 208 -13.26 33.75 8.50
C SER C 208 -13.96 32.40 8.36
N ALA C 209 -15.15 32.30 8.96
CA ALA C 209 -15.94 31.08 8.86
C ALA C 209 -16.39 30.84 7.43
N GLU C 210 -16.68 31.92 6.69
CA GLU C 210 -17.11 31.78 5.31
C GLU C 210 -15.97 31.29 4.42
N SER C 211 -14.76 31.81 4.64
CA SER C 211 -13.62 31.38 3.83
C SER C 211 -13.23 29.94 4.11
N LEU C 212 -13.30 29.52 5.38
CA LEU C 212 -13.03 28.13 5.71
C LEU C 212 -14.08 27.20 5.10
N ARG C 213 -15.35 27.58 5.21
CA ARG C 213 -16.43 26.78 4.62
C ARG C 213 -16.19 26.54 3.14
N ASP C 214 -15.86 27.59 2.39
CA ASP C 214 -15.71 27.45 0.95
C ASP C 214 -14.61 26.45 0.60
N ARG C 215 -13.51 26.48 1.34
CA ARG C 215 -12.40 25.58 1.05
C ARG C 215 -12.69 24.16 1.52
N VAL C 216 -13.38 24.02 2.65
CA VAL C 216 -13.74 22.69 3.14
C VAL C 216 -14.72 22.01 2.19
N ASN C 217 -15.63 22.79 1.60
CA ASN C 217 -16.63 22.22 0.71
C ASN C 217 -16.04 21.88 -0.66
N ASP C 218 -15.16 22.75 -1.19
CA ASP C 218 -14.63 22.51 -2.52
C ASP C 218 -13.77 21.25 -2.58
N CYS C 219 -12.99 20.99 -1.52
CA CYS C 219 -12.12 19.80 -1.51
C CYS C 219 -12.85 18.54 -1.06
N GLU C 220 -14.08 18.68 -0.57
CA GLU C 220 -14.96 17.54 -0.29
C GLU C 220 -14.40 16.63 0.80
N CYS C 221 -13.56 17.18 1.66
CA CYS C 221 -12.99 16.41 2.76
C CYS C 221 -14.08 15.95 3.71
N LYS C 222 -13.87 14.79 4.32
CA LYS C 222 -14.75 14.31 5.38
C LYS C 222 -14.15 14.49 6.76
N VAL C 223 -12.89 14.91 6.85
CA VAL C 223 -12.16 15.04 8.10
C VAL C 223 -11.56 16.43 8.16
N LEU C 224 -11.67 17.07 9.32
CA LEU C 224 -11.07 18.38 9.56
C LEU C 224 -10.20 18.28 10.82
N ILE C 225 -8.99 18.83 10.74
CA ILE C 225 -8.07 18.91 11.86
C ILE C 225 -7.95 20.37 12.24
N THR C 226 -8.26 20.70 13.49
CA THR C 226 -8.21 22.08 13.95
C THR C 226 -7.76 22.10 15.40
N THR C 227 -7.93 23.25 16.04
CA THR C 227 -7.51 23.47 17.42
C THR C 227 -8.67 24.10 18.21
N ASP C 228 -8.58 23.99 19.54
CA ASP C 228 -9.58 24.65 20.37
C ASP C 228 -9.44 26.18 20.27
N GLU C 229 -8.21 26.68 20.39
CA GLU C 229 -7.95 28.10 20.28
C GLU C 229 -6.53 28.32 19.76
N GLY C 230 -6.32 29.46 19.11
CA GLY C 230 -4.99 29.89 18.75
C GLY C 230 -4.51 31.02 19.66
N ARG C 231 -3.19 31.23 19.66
CA ARG C 231 -2.56 32.28 20.43
C ARG C 231 -1.54 32.99 19.56
N ARG C 232 -1.65 34.31 19.46
CA ARG C 232 -0.73 35.10 18.66
C ARG C 232 -0.70 36.51 19.21
N GLY C 233 0.50 36.98 19.56
CA GLY C 233 0.63 38.34 20.05
C GLY C 233 -0.17 38.62 21.29
N GLY C 234 -0.31 37.63 22.18
CA GLY C 234 -1.09 37.78 23.39
C GLY C 234 -2.58 37.71 23.20
N LYS C 235 -3.06 37.48 21.99
CA LYS C 235 -4.49 37.44 21.70
C LYS C 235 -4.93 36.00 21.44
N THR C 236 -6.18 35.72 21.77
CA THR C 236 -6.76 34.41 21.54
C THR C 236 -7.50 34.40 20.20
N ILE C 237 -7.35 33.30 19.47
CA ILE C 237 -8.03 33.08 18.20
C ILE C 237 -9.06 31.97 18.41
N ALA C 238 -10.33 32.28 18.21
CA ALA C 238 -11.42 31.36 18.52
C ALA C 238 -11.65 30.41 17.34
N THR C 239 -10.62 29.61 17.06
CA THR C 239 -10.66 28.73 15.89
C THR C 239 -11.83 27.78 15.96
N LYS C 240 -12.08 27.17 17.12
CA LYS C 240 -13.13 26.17 17.20
C LYS C 240 -14.51 26.80 17.08
N GLN C 241 -14.68 28.02 17.63
CA GLN C 241 -15.94 28.74 17.43
C GLN C 241 -16.19 28.99 15.96
N ILE C 242 -15.16 29.44 15.23
CA ILE C 242 -15.29 29.68 13.81
C ILE C 242 -15.56 28.38 13.06
N VAL C 243 -14.93 27.29 13.52
CA VAL C 243 -15.18 25.98 12.90
C VAL C 243 -16.65 25.60 13.04
N ASP C 244 -17.20 25.73 14.24
CA ASP C 244 -18.60 25.37 14.45
C ASP C 244 -19.51 26.18 13.53
N ALA C 245 -19.21 27.47 13.35
CA ALA C 245 -20.01 28.29 12.46
C ALA C 245 -19.90 27.81 11.02
N ALA C 246 -18.68 27.48 10.58
CA ALA C 246 -18.48 27.06 9.20
C ALA C 246 -19.10 25.70 8.93
N LEU C 247 -18.93 24.74 9.84
CA LEU C 247 -19.38 23.38 9.58
C LEU C 247 -20.90 23.26 9.49
N GLN C 248 -21.66 24.26 9.96
CA GLN C 248 -23.10 24.23 9.75
C GLN C 248 -23.45 24.28 8.27
N GLN C 249 -22.49 24.64 7.42
CA GLN C 249 -22.66 24.67 5.97
C GLN C 249 -21.67 23.76 5.26
N CYS C 250 -21.16 22.75 5.96
CA CYS C 250 -20.20 21.79 5.41
C CYS C 250 -20.75 20.40 5.66
N PRO C 251 -21.64 19.92 4.80
CA PRO C 251 -22.37 18.68 5.11
C PRO C 251 -21.54 17.41 5.00
N LEU C 252 -20.41 17.42 4.29
CA LEU C 252 -19.64 16.18 4.14
C LEU C 252 -18.73 15.88 5.32
N VAL C 253 -18.46 16.85 6.18
CA VAL C 253 -17.50 16.66 7.28
C VAL C 253 -18.15 15.83 8.37
N GLU C 254 -17.51 14.72 8.74
CA GLU C 254 -18.04 13.83 9.76
C GLU C 254 -17.16 13.72 10.99
N ASN C 255 -15.86 13.99 10.88
CA ASN C 255 -14.92 13.87 11.98
C ASN C 255 -14.11 15.15 12.09
N VAL C 256 -14.03 15.70 13.28
CA VAL C 256 -13.18 16.84 13.58
C VAL C 256 -12.25 16.44 14.71
N LEU C 257 -10.95 16.55 14.46
CA LEU C 257 -9.93 16.27 15.48
C LEU C 257 -9.46 17.60 16.02
N VAL C 258 -9.56 17.79 17.34
CA VAL C 258 -9.36 19.09 17.97
C VAL C 258 -8.15 19.01 18.90
N LEU C 259 -7.12 19.77 18.55
CA LEU C 259 -5.92 19.88 19.38
C LEU C 259 -6.16 20.85 20.52
N ARG C 260 -5.72 20.45 21.73
CA ARG C 260 -5.82 21.30 22.91
C ARG C 260 -4.61 22.22 22.98
N ARG C 261 -4.68 23.32 22.22
CA ARG C 261 -3.60 24.31 22.26
C ARG C 261 -3.66 25.12 23.54
N THR C 262 -4.86 25.46 24.02
CA THR C 262 -5.03 26.23 25.25
C THR C 262 -5.73 25.46 26.35
N GLY C 263 -6.66 24.56 26.02
CA GLY C 263 -7.41 23.84 27.03
C GLY C 263 -8.54 24.62 27.66
N ASN C 264 -8.73 25.88 27.29
CA ASN C 264 -9.87 26.65 27.77
C ASN C 264 -11.17 26.16 27.12
N LYS C 265 -12.28 26.54 27.76
CA LYS C 265 -13.59 26.00 27.41
C LYS C 265 -14.02 26.37 26.00
N VAL C 266 -14.34 25.36 25.20
CA VAL C 266 -14.87 25.55 23.85
C VAL C 266 -15.97 24.53 23.60
N PRO C 267 -16.89 24.84 22.68
CA PRO C 267 -17.95 23.88 22.35
C PRO C 267 -17.40 22.66 21.63
N MET C 268 -18.01 21.51 21.91
CA MET C 268 -17.64 20.25 21.27
C MET C 268 -18.91 19.48 20.94
N THR C 269 -19.02 19.04 19.70
CA THR C 269 -20.20 18.31 19.24
C THR C 269 -19.99 16.82 19.43
N GLU C 270 -20.84 16.20 20.24
CA GLU C 270 -20.70 14.78 20.53
C GLU C 270 -20.75 13.97 19.24
N GLY C 271 -19.85 13.01 19.12
CA GLY C 271 -19.74 12.19 17.92
C GLY C 271 -18.80 12.80 16.90
N ARG C 272 -19.13 13.99 16.42
CA ARG C 272 -18.32 14.61 15.37
C ARG C 272 -16.95 15.01 15.90
N ASP C 273 -16.89 15.60 17.08
CA ASP C 273 -15.68 16.24 17.60
C ASP C 273 -15.01 15.35 18.63
N LYS C 274 -13.71 15.14 18.46
CA LYS C 274 -12.91 14.35 19.38
C LYS C 274 -11.62 15.07 19.69
N TRP C 275 -11.08 14.82 20.88
CA TRP C 275 -9.84 15.46 21.29
C TRP C 275 -8.63 14.75 20.69
N TRP C 276 -7.70 15.55 20.19
CA TRP C 276 -6.48 15.04 19.57
C TRP C 276 -5.70 14.14 20.51
N ASP C 277 -5.47 14.60 21.74
CA ASP C 277 -4.65 13.83 22.67
C ASP C 277 -5.33 12.54 23.10
N GLU C 278 -6.65 12.55 23.24
CA GLU C 278 -7.37 11.35 23.65
C GLU C 278 -7.41 10.33 22.53
N GLU C 279 -7.58 10.78 21.28
CA GLU C 279 -7.55 9.85 20.15
C GLU C 279 -6.15 9.29 19.96
N CYS C 280 -5.14 10.16 19.98
CA CYS C 280 -3.77 9.71 19.75
C CYS C 280 -3.31 8.76 20.84
N ALA C 281 -3.79 8.95 22.07
CA ALA C 281 -3.37 8.11 23.18
C ALA C 281 -3.82 6.66 23.00
N LYS C 282 -4.86 6.43 22.21
CA LYS C 282 -5.32 5.06 21.93
C LYS C 282 -4.49 4.36 20.87
N MET C 283 -3.66 5.11 20.11
CA MET C 283 -3.03 4.60 18.90
C MET C 283 -1.54 4.32 19.09
N PRO C 284 -0.97 3.43 18.30
CA PRO C 284 0.48 3.20 18.37
C PRO C 284 1.26 4.42 17.89
N ALA C 285 2.51 4.51 18.35
CA ALA C 285 3.37 5.64 18.02
C ALA C 285 4.20 5.39 16.76
N TYR C 286 3.97 4.30 16.05
CA TYR C 286 4.53 4.10 14.72
C TYR C 286 3.40 3.72 13.75
N CYS C 287 3.61 4.06 12.48
CA CYS C 287 2.66 3.83 11.41
C CYS C 287 3.45 3.62 10.13
N PRO C 288 3.17 2.57 9.36
CA PRO C 288 3.90 2.38 8.10
C PRO C 288 3.61 3.50 7.12
N CYS C 289 4.49 3.66 6.14
CA CYS C 289 4.34 4.65 5.10
C CYS C 289 3.67 4.05 3.86
N GLU C 290 2.74 4.80 3.29
CA GLU C 290 2.11 4.40 2.03
C GLU C 290 3.07 4.69 0.88
N ARG C 291 3.25 3.71 0.00
N ARG C 291 3.23 3.72 -0.01
CA ARG C 291 4.09 3.88 -1.18
CA ARG C 291 4.09 3.88 -1.18
C ARG C 291 3.32 4.71 -2.20
C ARG C 291 3.36 4.70 -2.23
N MET C 292 3.79 5.94 -2.43
CA MET C 292 3.11 6.89 -3.30
C MET C 292 3.86 7.03 -4.62
N ALA C 293 3.11 7.10 -5.71
CA ALA C 293 3.71 7.41 -7.00
C ALA C 293 4.16 8.87 -7.03
N SER C 294 5.17 9.15 -7.86
CA SER C 294 5.69 10.50 -7.97
C SER C 294 4.58 11.52 -8.20
N GLU C 295 3.60 11.16 -9.04
CA GLU C 295 2.58 12.10 -9.49
C GLU C 295 1.28 12.01 -8.69
N ASP C 296 1.23 11.18 -7.65
CA ASP C 296 0.08 11.23 -6.76
C ASP C 296 0.02 12.61 -6.11
N PRO C 297 -1.18 13.18 -5.94
CA PRO C 297 -1.26 14.50 -5.32
C PRO C 297 -0.81 14.46 -3.86
N LEU C 298 -0.03 15.46 -3.47
CA LEU C 298 0.43 15.62 -2.09
C LEU C 298 -0.45 16.56 -1.28
N PHE C 299 -0.86 17.70 -1.85
CA PHE C 299 -1.73 18.60 -1.12
C PHE C 299 -2.47 19.52 -2.08
N ILE C 300 -3.56 20.09 -1.57
CA ILE C 300 -4.27 21.19 -2.21
C ILE C 300 -4.00 22.43 -1.36
N LEU C 301 -3.72 23.55 -2.02
CA LEU C 301 -3.60 24.83 -1.31
C LEU C 301 -4.42 25.87 -2.06
N TYR C 302 -5.46 26.35 -1.41
CA TYR C 302 -6.34 27.34 -2.04
C TYR C 302 -5.71 28.71 -1.99
N THR C 303 -5.79 29.41 -3.12
CA THR C 303 -5.34 30.79 -3.20
C THR C 303 -6.12 31.65 -2.22
N SER C 304 -5.50 32.73 -1.76
CA SER C 304 -6.15 33.62 -0.82
C SER C 304 -7.25 34.41 -1.54
N GLY C 305 -8.38 34.56 -0.87
CA GLY C 305 -9.53 35.24 -1.45
C GLY C 305 -10.86 34.71 -0.92
N GLY C 308 -14.15 35.05 -3.63
CA GLY C 308 -15.15 34.52 -4.54
C GLY C 308 -15.12 33.00 -4.60
N LYS C 309 -14.68 32.46 -5.73
CA LYS C 309 -14.47 31.03 -5.87
C LYS C 309 -12.98 30.76 -5.73
N PRO C 310 -12.53 30.08 -4.67
CA PRO C 310 -11.10 29.86 -4.49
C PRO C 310 -10.59 28.75 -5.41
N LYS C 311 -9.34 28.93 -5.84
CA LYS C 311 -8.69 28.02 -6.77
C LYS C 311 -7.76 27.13 -5.97
N GLY C 312 -8.07 25.83 -5.94
CA GLY C 312 -7.23 24.86 -5.24
C GLY C 312 -6.03 24.40 -6.03
N VAL C 313 -4.86 24.97 -5.73
CA VAL C 313 -3.63 24.59 -6.41
C VAL C 313 -3.19 23.22 -5.92
N VAL C 314 -3.00 22.28 -6.84
CA VAL C 314 -2.63 20.91 -6.52
C VAL C 314 -1.16 20.70 -6.84
N HIS C 315 -0.43 20.13 -5.90
CA HIS C 315 0.97 19.77 -6.09
C HIS C 315 1.14 18.27 -5.96
N SER C 316 1.98 17.71 -6.82
CA SER C 316 2.29 16.28 -6.78
C SER C 316 3.33 16.04 -5.68
N THR C 317 3.87 14.82 -5.61
CA THR C 317 4.72 14.44 -4.49
C THR C 317 6.21 14.60 -4.80
N ALA C 318 6.73 13.86 -5.79
CA ALA C 318 8.18 13.80 -5.97
C ALA C 318 8.73 15.14 -6.45
N GLY C 319 8.15 15.70 -7.51
CA GLY C 319 8.67 16.95 -8.05
C GLY C 319 8.60 18.10 -7.06
N TYR C 320 7.48 18.23 -6.34
CA TYR C 320 7.36 19.30 -5.35
C TYR C 320 8.41 19.14 -4.25
N LEU C 321 8.57 17.92 -3.74
CA LEU C 321 9.50 17.69 -2.64
C LEU C 321 10.94 17.98 -3.08
N LEU C 322 11.30 17.59 -4.29
CA LEU C 322 12.64 17.88 -4.79
C LEU C 322 12.86 19.37 -4.95
N GLY C 323 11.86 20.09 -5.47
CA GLY C 323 12.01 21.53 -5.64
C GLY C 323 12.25 22.25 -4.34
N THR C 324 11.46 21.93 -3.31
CA THR C 324 11.64 22.58 -2.02
C THR C 324 12.97 22.15 -1.40
N ALA C 325 13.37 20.90 -1.60
CA ALA C 325 14.63 20.44 -1.02
C ALA C 325 15.82 21.14 -1.67
N LEU C 326 15.82 21.27 -3.00
CA LEU C 326 16.97 21.86 -3.68
C LEU C 326 17.04 23.37 -3.46
N THR C 327 15.89 24.06 -3.49
CA THR C 327 15.92 25.50 -3.27
C THR C 327 16.36 25.85 -1.86
N LEU C 328 15.80 25.15 -0.86
CA LEU C 328 16.19 25.39 0.52
C LEU C 328 17.70 25.18 0.69
N LYS C 329 18.24 24.13 0.08
CA LYS C 329 19.67 23.85 0.20
C LYS C 329 20.51 24.93 -0.48
N TYR C 330 20.17 25.29 -1.72
CA TYR C 330 21.05 26.14 -2.52
C TYR C 330 20.74 27.62 -2.38
N VAL C 331 19.47 28.00 -2.28
CA VAL C 331 19.13 29.42 -2.19
C VAL C 331 19.50 29.98 -0.82
N PHE C 332 19.43 29.16 0.23
CA PHE C 332 19.79 29.59 1.59
C PHE C 332 21.10 28.97 2.06
N ASP C 333 21.82 28.29 1.17
CA ASP C 333 23.05 27.57 1.49
C ASP C 333 22.95 26.87 2.84
N ALA C 334 21.99 25.95 2.92
CA ALA C 334 21.77 25.17 4.12
C ALA C 334 22.75 24.01 4.20
N HIS C 335 23.27 23.76 5.39
CA HIS C 335 24.21 22.69 5.66
C HIS C 335 23.68 21.83 6.79
N PRO C 336 24.19 20.61 6.95
CA PRO C 336 23.49 19.60 7.76
C PRO C 336 23.05 20.04 9.16
N ASP C 337 23.78 20.93 9.82
CA ASP C 337 23.42 21.31 11.19
C ASP C 337 22.81 22.70 11.28
N ASP C 338 22.37 23.25 10.16
CA ASP C 338 21.80 24.60 10.17
C ASP C 338 20.45 24.63 10.86
N ARG C 339 20.08 25.82 11.32
CA ARG C 339 18.84 26.07 12.05
C ARG C 339 18.10 27.16 11.29
N PHE C 340 17.14 26.76 10.45
CA PHE C 340 16.47 27.63 9.50
C PHE C 340 15.23 28.25 10.12
N ALA C 341 15.14 29.57 10.06
CA ALA C 341 14.03 30.31 10.66
C ALA C 341 13.24 31.02 9.57
N CYS C 342 12.21 30.35 9.06
CA CYS C 342 11.21 30.98 8.20
C CYS C 342 10.05 31.44 9.08
N MET C 343 9.79 32.74 9.07
CA MET C 343 8.79 33.36 9.94
C MET C 343 7.44 33.52 9.25
N ALA C 344 7.08 32.60 8.38
CA ALA C 344 5.80 32.64 7.67
C ALA C 344 4.77 31.79 8.43
N ASP C 345 3.65 31.50 7.78
CA ASP C 345 2.57 30.71 8.36
C ASP C 345 2.37 29.46 7.52
N ILE C 346 2.18 28.32 8.19
CA ILE C 346 1.99 27.06 7.46
C ILE C 346 0.72 27.08 6.61
N GLY C 347 -0.20 28.00 6.86
CA GLY C 347 -1.39 28.10 6.04
C GLY C 347 -1.14 28.67 4.65
N TRP C 348 0.05 29.18 4.38
CA TRP C 348 0.42 29.71 3.08
C TRP C 348 1.56 28.87 2.51
N ILE C 349 1.81 29.04 1.21
CA ILE C 349 2.77 28.17 0.53
C ILE C 349 4.16 28.32 1.11
N THR C 350 4.51 29.52 1.57
CA THR C 350 5.84 29.73 2.13
C THR C 350 6.06 28.84 3.36
N GLY C 351 4.99 28.64 4.15
CA GLY C 351 5.09 27.72 5.27
C GLY C 351 5.15 26.27 4.83
N HIS C 352 4.37 25.92 3.80
CA HIS C 352 4.45 24.57 3.24
C HIS C 352 5.88 24.24 2.84
N SER C 353 6.51 25.12 2.07
CA SER C 353 7.76 24.79 1.39
C SER C 353 9.00 25.08 2.21
N TYR C 354 8.99 26.12 3.04
CA TYR C 354 10.22 26.56 3.70
C TYR C 354 10.12 26.58 5.23
N ILE C 355 9.02 26.13 5.80
CA ILE C 355 9.00 25.70 7.21
C ILE C 355 9.01 24.17 7.30
N ILE C 356 8.10 23.51 6.61
CA ILE C 356 7.93 22.06 6.76
C ILE C 356 8.76 21.27 5.73
N TYR C 357 8.35 21.28 4.47
CA TYR C 357 8.83 20.27 3.53
C TYR C 357 10.29 20.48 3.15
N GLY C 358 10.68 21.71 2.83
CA GLY C 358 12.03 21.97 2.39
C GLY C 358 13.08 21.67 3.44
N PRO C 359 12.93 22.26 4.63
CA PRO C 359 13.93 22.03 5.67
C PRO C 359 13.93 20.60 6.22
N LEU C 360 12.77 20.01 6.47
CA LEU C 360 12.72 18.67 7.01
C LEU C 360 13.18 17.64 5.99
N ALA C 361 12.90 17.87 4.70
CA ALA C 361 13.46 17.01 3.67
C ALA C 361 14.98 16.96 3.77
N ASN C 362 15.60 18.13 4.02
CA ASN C 362 17.05 18.22 4.18
C ASN C 362 17.53 17.72 5.54
N GLY C 363 16.62 17.37 6.46
CA GLY C 363 17.03 16.81 7.72
C GLY C 363 17.62 17.80 8.71
N ILE C 364 17.33 19.09 8.55
CA ILE C 364 17.88 20.11 9.43
C ILE C 364 16.84 20.54 10.46
N THR C 365 17.13 21.62 11.19
CA THR C 365 16.22 22.17 12.18
C THR C 365 15.48 23.35 11.58
N THR C 366 14.16 23.40 11.78
CA THR C 366 13.31 24.44 11.24
C THR C 366 12.53 25.10 12.37
N ALA C 367 12.15 26.36 12.16
CA ALA C 367 11.46 27.14 13.18
C ALA C 367 9.96 27.18 12.92
N VAL C 368 9.20 27.03 13.99
CA VAL C 368 7.76 27.30 13.99
C VAL C 368 7.55 28.47 14.94
N PHE C 369 7.31 29.65 14.38
CA PHE C 369 7.23 30.89 15.14
C PHE C 369 5.77 31.27 15.30
N GLU C 370 5.28 31.25 16.54
CA GLU C 370 3.86 31.42 16.82
C GLU C 370 3.45 32.85 17.12
N SER C 371 4.41 33.74 17.36
CA SER C 371 4.11 35.10 17.80
C SER C 371 4.16 36.06 16.61
N THR C 372 4.18 37.35 16.91
CA THR C 372 4.38 38.42 15.94
C THR C 372 5.78 38.99 16.08
N PRO C 373 6.20 39.85 15.15
CA PRO C 373 7.54 40.46 15.26
C PRO C 373 7.68 41.45 16.40
N VAL C 374 6.59 41.84 17.07
CA VAL C 374 6.66 42.91 18.05
C VAL C 374 6.08 42.48 19.40
N TYR C 375 5.82 41.19 19.57
CA TYR C 375 5.32 40.69 20.85
C TYR C 375 6.36 39.80 21.50
N PRO C 376 6.73 40.03 22.75
CA PRO C 376 6.28 41.11 23.64
C PRO C 376 6.84 42.48 23.25
N THR C 377 7.99 42.51 22.59
CA THR C 377 8.58 43.76 22.11
C THR C 377 9.14 43.56 20.70
N PRO C 378 9.54 44.63 20.01
CA PRO C 378 10.12 44.46 18.67
C PRO C 378 11.49 43.79 18.65
N SER C 379 12.00 43.36 19.80
CA SER C 379 13.26 42.61 19.82
C SER C 379 13.04 41.11 19.67
N ARG C 380 11.80 40.68 19.45
CA ARG C 380 11.49 39.25 19.45
C ARG C 380 12.31 38.50 18.40
N TYR C 381 12.29 38.97 17.16
CA TYR C 381 13.06 38.30 16.11
C TYR C 381 14.50 38.10 16.54
N TRP C 382 15.10 39.13 17.14
CA TRP C 382 16.53 39.10 17.40
C TRP C 382 16.84 38.35 18.69
N ASP C 383 15.95 38.44 19.69
CA ASP C 383 16.04 37.53 20.82
C ASP C 383 15.96 36.07 20.36
N PHE C 384 15.11 35.80 19.36
CA PHE C 384 14.98 34.45 18.82
C PHE C 384 16.30 34.00 18.19
N VAL C 385 16.89 34.84 17.35
CA VAL C 385 18.12 34.46 16.67
C VAL C 385 19.23 34.17 17.68
N ASP C 386 19.38 35.05 18.67
CA ASP C 386 20.48 34.89 19.63
C ASP C 386 20.23 33.73 20.59
N LYS C 387 18.97 33.42 20.90
CA LYS C 387 18.71 32.31 21.81
C LYS C 387 19.00 30.98 21.14
N TRP C 388 18.54 30.79 19.90
CA TRP C 388 18.67 29.53 19.19
C TRP C 388 19.84 29.49 18.23
N LYS C 389 20.55 30.61 18.05
CA LYS C 389 21.67 30.69 17.11
C LYS C 389 21.21 30.33 15.70
N ALA C 390 20.13 30.99 15.26
CA ALA C 390 19.61 30.77 13.92
C ALA C 390 20.66 31.11 12.87
N THR C 391 20.74 30.28 11.83
CA THR C 391 21.74 30.44 10.78
C THR C 391 21.19 31.09 9.51
N GLN C 392 19.88 31.04 9.30
CA GLN C 392 19.24 31.75 8.20
C GLN C 392 17.91 32.28 8.71
N LEU C 393 17.50 33.41 8.13
CA LEU C 393 16.23 34.04 8.49
C LEU C 393 15.48 34.38 7.21
N TYR C 394 14.19 34.07 7.18
CA TYR C 394 13.34 34.24 6.00
C TYR C 394 12.06 34.92 6.46
N THR C 395 11.86 36.17 6.05
CA THR C 395 10.69 36.93 6.48
C THR C 395 10.23 37.82 5.32
N ALA C 396 9.26 38.69 5.60
CA ALA C 396 8.60 39.48 4.57
C ALA C 396 8.92 40.97 4.69
N PRO C 397 8.93 41.71 3.59
CA PRO C 397 9.24 43.15 3.67
C PRO C 397 8.31 43.93 4.58
N THR C 398 7.07 43.49 4.76
CA THR C 398 6.17 44.19 5.68
C THR C 398 6.64 44.07 7.11
N ALA C 399 7.22 42.92 7.47
CA ALA C 399 7.79 42.77 8.81
C ALA C 399 9.04 43.62 8.96
N ILE C 400 9.91 43.62 7.96
CA ILE C 400 11.14 44.41 8.05
C ILE C 400 10.82 45.90 8.16
N ARG C 401 9.87 46.38 7.35
CA ARG C 401 9.49 47.79 7.45
C ARG C 401 8.89 48.08 8.83
N LEU C 402 8.07 47.17 9.35
CA LEU C 402 7.49 47.38 10.67
C LEU C 402 8.57 47.51 11.75
N LEU C 403 9.54 46.59 11.75
CA LEU C 403 10.58 46.64 12.77
C LEU C 403 11.44 47.89 12.60
N ARG C 404 11.71 48.29 11.35
CA ARG C 404 12.48 49.50 11.11
C ARG C 404 11.83 50.71 11.78
N ARG C 405 10.50 50.78 11.77
CA ARG C 405 9.81 51.91 12.37
C ARG C 405 9.84 51.87 13.90
N MET C 406 10.19 50.74 14.50
CA MET C 406 10.22 50.61 15.95
C MET C 406 11.57 51.04 16.55
N GLY C 407 12.57 51.29 15.73
CA GLY C 407 13.81 51.89 16.19
C GLY C 407 14.96 50.89 16.25
N GLU C 408 16.17 51.45 16.24
CA GLU C 408 17.39 50.65 16.18
C GLU C 408 17.74 49.98 17.50
N ASP C 409 17.31 50.54 18.63
CA ASP C 409 17.72 50.02 19.92
C ASP C 409 17.31 48.56 20.10
N HIS C 410 16.25 48.13 19.41
CA HIS C 410 15.75 46.77 19.56
C HIS C 410 16.57 45.73 18.80
N VAL C 411 17.57 46.14 18.02
CA VAL C 411 18.30 45.19 17.19
C VAL C 411 19.80 45.47 17.24
N LYS C 412 20.19 46.74 17.40
CA LYS C 412 21.56 47.14 17.14
C LYS C 412 22.55 46.55 18.14
N ASN C 413 22.07 46.16 19.33
CA ASN C 413 22.94 45.62 20.37
C ASN C 413 22.82 44.11 20.52
N HIS C 414 22.15 43.44 19.59
CA HIS C 414 22.13 41.99 19.57
C HIS C 414 23.39 41.46 18.89
N ASP C 415 23.63 40.16 19.06
CA ASP C 415 24.80 39.53 18.46
C ASP C 415 24.51 39.18 17.00
N LEU C 416 23.63 38.20 16.77
CA LEU C 416 23.14 37.82 15.46
C LEU C 416 24.22 37.25 14.54
N SER C 417 25.42 37.00 15.07
CA SER C 417 26.50 36.55 14.20
C SER C 417 26.32 35.11 13.73
N SER C 418 25.39 34.35 14.31
CA SER C 418 25.11 33.01 13.79
C SER C 418 24.46 33.06 12.41
N LEU C 419 23.87 34.19 12.02
CA LEU C 419 23.21 34.29 10.73
C LEU C 419 24.20 34.36 9.59
N ARG C 420 23.86 33.72 8.46
CA ARG C 420 24.62 33.84 7.23
C ARG C 420 23.80 34.35 6.06
N VAL C 421 22.50 34.06 6.02
CA VAL C 421 21.66 34.42 4.89
C VAL C 421 20.35 35.01 5.41
N LEU C 422 19.95 36.14 4.83
CA LEU C 422 18.69 36.80 5.15
C LEU C 422 17.81 36.80 3.90
N GLY C 423 16.61 36.24 4.02
CA GLY C 423 15.71 36.09 2.91
C GLY C 423 14.51 37.01 3.00
N SER C 424 13.96 37.36 1.84
CA SER C 424 12.78 38.20 1.76
C SER C 424 11.82 37.63 0.73
N VAL C 425 10.53 37.57 1.09
CA VAL C 425 9.51 36.98 0.23
C VAL C 425 8.19 37.72 0.43
N GLY C 426 7.43 37.85 -0.66
CA GLY C 426 6.08 38.38 -0.56
C GLY C 426 5.77 39.53 -1.47
N GLU C 427 6.70 40.47 -1.62
CA GLU C 427 6.45 41.66 -2.43
C GLU C 427 7.81 42.29 -2.73
N PRO C 428 7.86 43.26 -3.63
CA PRO C 428 9.12 43.99 -3.82
C PRO C 428 9.60 44.57 -2.50
N ILE C 429 10.87 44.35 -2.19
CA ILE C 429 11.48 44.94 -1.01
C ILE C 429 12.06 46.28 -1.44
N ASN C 430 11.76 47.31 -0.69
CA ASN C 430 12.18 48.67 -1.02
C ASN C 430 13.56 48.96 -0.45
N PRO C 431 14.28 49.93 -1.03
CA PRO C 431 15.65 50.20 -0.58
C PRO C 431 15.81 50.39 0.92
N GLU C 432 14.94 51.20 1.54
CA GLU C 432 15.07 51.43 2.98
C GLU C 432 15.00 50.13 3.75
N ALA C 433 14.09 49.24 3.35
CA ALA C 433 13.99 47.93 4.00
C ALA C 433 15.19 47.05 3.71
N TRP C 434 15.65 47.02 2.46
CA TRP C 434 16.81 46.20 2.12
C TRP C 434 18.03 46.62 2.93
N HIS C 435 18.27 47.93 3.03
CA HIS C 435 19.46 48.41 3.72
C HIS C 435 19.35 48.24 5.23
N TRP C 436 18.15 48.42 5.78
CA TRP C 436 17.95 48.16 7.21
C TRP C 436 18.19 46.68 7.50
N TYR C 437 17.64 45.81 6.67
CA TYR C 437 17.85 44.37 6.80
C TYR C 437 19.33 44.04 6.74
N ASN C 438 20.03 44.64 5.77
CA ASN C 438 21.46 44.38 5.60
C ASN C 438 22.28 44.99 6.73
N ASP C 439 21.95 46.21 7.15
CA ASP C 439 22.81 46.91 8.11
C ASP C 439 22.64 46.39 9.53
N PHE C 440 21.42 46.09 9.95
CA PHE C 440 21.14 45.77 11.35
C PHE C 440 20.87 44.30 11.61
N ALA C 441 20.08 43.63 10.78
CA ALA C 441 19.85 42.20 10.97
C ALA C 441 21.09 41.40 10.60
N GLY C 442 21.82 41.86 9.59
CA GLY C 442 22.99 41.12 9.13
C GLY C 442 24.31 41.78 9.51
N LYS C 443 24.24 42.98 10.09
CA LYS C 443 25.45 43.75 10.41
C LYS C 443 26.42 43.78 9.23
N ASN C 444 25.85 43.87 8.02
CA ASN C 444 26.63 43.95 6.79
C ASN C 444 27.49 42.72 6.55
N GLN C 445 27.14 41.59 7.16
CA GLN C 445 27.92 40.37 7.07
C GLN C 445 27.10 39.18 6.56
N CYS C 446 25.86 39.40 6.14
CA CYS C 446 25.02 38.36 5.57
C CYS C 446 24.69 38.67 4.12
N ALA C 447 24.46 37.63 3.33
CA ALA C 447 23.88 37.80 2.01
C ALA C 447 22.38 37.99 2.12
N ILE C 448 21.83 38.89 1.31
CA ILE C 448 20.41 39.15 1.25
C ILE C 448 19.87 38.44 0.02
N VAL C 449 18.99 37.45 0.22
N VAL C 449 18.94 37.51 0.23
CA VAL C 449 18.40 36.70 -0.89
CA VAL C 449 18.39 36.69 -0.84
C VAL C 449 16.95 37.14 -1.04
C VAL C 449 16.93 37.12 -1.05
N ASP C 450 16.69 37.83 -2.14
CA ASP C 450 15.34 38.28 -2.49
C ASP C 450 14.72 37.26 -3.42
N THR C 451 13.65 36.61 -2.98
CA THR C 451 13.07 35.47 -3.68
C THR C 451 11.75 35.83 -4.33
N TYR C 452 11.56 35.36 -5.57
CA TYR C 452 10.31 35.46 -6.29
C TYR C 452 9.79 34.08 -6.61
N TRP C 453 8.51 33.85 -6.35
CA TRP C 453 7.83 32.61 -6.71
C TRP C 453 6.35 32.76 -6.38
N MET C 454 5.60 31.69 -6.62
CA MET C 454 4.16 31.69 -6.39
C MET C 454 3.74 30.34 -5.83
N THR C 455 2.54 30.31 -5.23
CA THR C 455 1.94 29.04 -4.86
C THR C 455 2.03 28.03 -6.00
N GLU C 456 1.84 28.50 -7.24
CA GLU C 456 1.80 27.62 -8.39
C GLU C 456 3.18 27.14 -8.84
N THR C 457 4.25 27.81 -8.41
CA THR C 457 5.59 27.35 -8.74
C THR C 457 6.11 26.34 -7.74
N GLY C 458 5.51 26.26 -6.55
CA GLY C 458 5.89 25.26 -5.58
C GLY C 458 7.11 25.63 -4.77
N SER C 459 8.09 26.25 -5.44
CA SER C 459 9.37 26.57 -4.82
C SER C 459 9.98 27.77 -5.52
N ILE C 460 11.00 28.35 -4.88
CA ILE C 460 11.59 29.60 -5.32
C ILE C 460 12.02 29.50 -6.77
N SER C 461 11.60 30.49 -7.59
CA SER C 461 11.82 30.50 -9.02
C SER C 461 12.96 31.41 -9.45
N ILE C 462 13.08 32.58 -8.83
CA ILE C 462 14.14 33.53 -9.13
C ILE C 462 14.71 34.03 -7.82
N ALA C 463 16.02 33.91 -7.65
CA ALA C 463 16.68 34.31 -6.41
C ALA C 463 18.18 34.26 -6.58
N PRO C 464 18.93 35.09 -5.87
CA PRO C 464 20.39 34.97 -5.93
C PRO C 464 20.83 33.77 -5.12
N LEU C 465 21.85 33.08 -5.64
CA LEU C 465 22.52 32.06 -4.84
C LEU C 465 23.52 32.77 -3.93
N PRO C 466 23.37 32.68 -2.61
CA PRO C 466 24.04 33.64 -1.72
C PRO C 466 25.55 33.61 -1.78
N GLY C 467 26.16 32.50 -2.20
CA GLY C 467 27.60 32.40 -2.27
C GLY C 467 28.22 32.74 -3.61
N ALA C 468 27.40 33.08 -4.60
CA ALA C 468 27.86 33.32 -5.95
C ALA C 468 27.47 34.68 -6.51
N ILE C 469 26.26 35.16 -6.19
CA ILE C 469 25.67 36.31 -6.86
C ILE C 469 25.88 37.56 -6.04
N SER C 470 26.35 38.62 -6.68
CA SER C 470 26.41 39.93 -6.07
C SER C 470 25.05 40.59 -6.25
N THR C 471 24.51 41.14 -5.16
CA THR C 471 23.11 41.54 -5.14
C THR C 471 22.94 43.02 -5.43
N LYS C 472 21.74 43.35 -5.89
CA LYS C 472 21.26 44.71 -6.03
C LYS C 472 20.01 44.86 -5.19
N PRO C 473 19.92 45.87 -4.33
CA PRO C 473 18.72 45.98 -3.48
C PRO C 473 17.43 46.06 -4.29
N GLY C 474 16.59 45.03 -4.16
CA GLY C 474 15.31 45.00 -4.85
C GLY C 474 15.25 44.07 -6.04
N SER C 475 16.33 43.36 -6.36
CA SER C 475 16.39 42.49 -7.52
C SER C 475 16.41 41.03 -7.11
N ALA C 476 15.51 40.24 -7.70
CA ALA C 476 15.55 38.79 -7.52
C ALA C 476 16.76 38.17 -8.21
N THR C 477 17.36 38.89 -9.17
CA THR C 477 18.56 38.49 -9.88
C THR C 477 18.28 37.43 -10.94
N PHE C 478 18.62 36.17 -10.69
CA PHE C 478 18.68 35.19 -11.76
C PHE C 478 17.87 33.93 -11.44
N PRO C 479 17.37 33.25 -12.46
CA PRO C 479 16.49 32.09 -12.23
C PRO C 479 17.17 30.95 -11.50
N PHE C 480 16.37 30.17 -10.78
CA PHE C 480 16.87 28.99 -10.10
C PHE C 480 16.98 27.81 -11.07
N PHE C 481 17.66 26.76 -10.62
CA PHE C 481 17.80 25.52 -11.37
C PHE C 481 16.45 25.03 -11.90
N GLY C 482 16.41 24.71 -13.18
CA GLY C 482 15.20 24.22 -13.82
C GLY C 482 14.31 25.30 -14.37
N MET C 483 14.55 26.56 -14.02
CA MET C 483 13.70 27.66 -14.46
C MET C 483 14.39 28.36 -15.62
N ASP C 484 13.74 28.37 -16.77
CA ASP C 484 14.20 29.07 -17.96
C ASP C 484 13.13 30.13 -18.22
N VAL C 485 13.40 31.36 -17.82
CA VAL C 485 12.41 32.43 -17.84
C VAL C 485 12.81 33.47 -18.88
N ASP C 486 11.81 34.21 -19.33
CA ASP C 486 12.00 35.29 -20.28
C ASP C 486 10.89 36.31 -20.10
N ILE C 487 11.01 37.43 -20.81
CA ILE C 487 10.05 38.53 -20.75
C ILE C 487 9.38 38.65 -22.11
N ILE C 488 8.05 38.83 -22.08
CA ILE C 488 7.23 38.92 -23.28
C ILE C 488 6.53 40.27 -23.30
N ASP C 489 6.44 40.86 -24.49
CA ASP C 489 5.63 42.05 -24.71
C ASP C 489 4.16 41.64 -24.65
N PRO C 490 3.39 42.11 -23.65
CA PRO C 490 1.99 41.66 -23.56
C PRO C 490 1.13 42.08 -24.74
N GLN C 491 1.54 43.12 -25.48
CA GLN C 491 0.74 43.58 -26.62
C GLN C 491 0.97 42.74 -27.86
N THR C 492 2.14 42.13 -28.00
CA THR C 492 2.50 41.35 -29.17
C THR C 492 2.56 39.86 -28.92
N GLY C 493 2.73 39.44 -27.67
CA GLY C 493 2.92 38.05 -27.35
C GLY C 493 4.30 37.51 -27.65
N GLN C 494 5.21 38.36 -28.13
CA GLN C 494 6.53 37.93 -28.58
C GLN C 494 7.58 38.23 -27.52
N VAL C 495 8.62 37.39 -27.51
CA VAL C 495 9.70 37.55 -26.54
C VAL C 495 10.53 38.78 -26.88
N LEU C 496 10.90 39.53 -25.85
CA LEU C 496 11.77 40.68 -26.00
C LEU C 496 13.21 40.21 -25.85
N GLU C 497 14.03 40.46 -26.87
CA GLU C 497 15.42 40.02 -26.85
C GLU C 497 16.30 41.13 -26.29
N GLY C 498 17.32 40.72 -25.54
CA GLY C 498 18.27 41.67 -24.98
C GLY C 498 17.90 42.16 -23.60
N ASN C 499 18.76 43.03 -23.10
CA ASN C 499 18.59 43.65 -21.79
C ASN C 499 17.89 44.99 -21.93
N ASP C 500 17.60 45.63 -20.80
CA ASP C 500 16.82 46.86 -20.77
C ASP C 500 15.47 46.65 -21.46
N VAL C 501 14.77 45.59 -21.04
CA VAL C 501 13.46 45.28 -21.59
C VAL C 501 12.49 45.10 -20.43
N GLU C 502 11.20 45.21 -20.76
CA GLU C 502 10.14 45.20 -19.77
C GLU C 502 8.90 44.57 -20.39
N GLY C 503 8.22 43.75 -19.60
CA GLY C 503 7.04 43.06 -20.07
C GLY C 503 6.46 42.13 -19.03
N VAL C 504 5.98 40.97 -19.47
CA VAL C 504 5.40 39.98 -18.58
C VAL C 504 6.37 38.81 -18.48
N LEU C 505 6.43 38.20 -17.30
CA LEU C 505 7.33 37.10 -17.02
C LEU C 505 6.69 35.80 -17.46
N VAL C 506 7.46 34.95 -18.14
CA VAL C 506 7.01 33.63 -18.55
C VAL C 506 8.15 32.64 -18.35
N ALA C 507 7.78 31.36 -18.23
CA ALA C 507 8.74 30.27 -18.20
C ALA C 507 8.58 29.42 -19.45
N ARG C 508 9.69 28.92 -19.98
CA ARG C 508 9.71 28.28 -21.28
C ARG C 508 9.41 26.78 -21.21
N ARG C 509 9.61 26.14 -20.07
CA ARG C 509 9.49 24.69 -19.97
C ARG C 509 8.99 24.34 -18.57
N PRO C 510 8.37 23.18 -18.40
CA PRO C 510 7.97 22.76 -17.06
C PRO C 510 9.17 22.54 -16.15
N TRP C 511 8.92 22.66 -14.85
CA TRP C 511 9.91 22.39 -13.83
C TRP C 511 9.29 21.45 -12.79
N PRO C 512 10.13 20.74 -12.02
CA PRO C 512 9.58 19.63 -11.22
C PRO C 512 8.46 20.01 -10.25
N SER C 513 8.52 21.18 -9.61
CA SER C 513 7.57 21.53 -8.57
C SER C 513 6.39 22.36 -9.08
N ILE C 514 6.23 22.49 -10.40
CA ILE C 514 5.09 23.24 -10.93
C ILE C 514 3.79 22.54 -10.51
N ALA C 515 2.78 23.35 -10.18
CA ALA C 515 1.47 22.80 -9.87
C ALA C 515 0.93 22.04 -11.07
N ARG C 516 0.22 20.95 -10.80
CA ARG C 516 -0.23 20.04 -11.85
C ARG C 516 -1.65 20.31 -12.32
N THR C 517 -2.51 20.85 -11.46
CA THR C 517 -3.87 21.18 -11.87
C THR C 517 -4.47 22.13 -10.84
N VAL C 518 -5.72 22.51 -11.08
CA VAL C 518 -6.59 23.14 -10.09
C VAL C 518 -7.64 22.10 -9.73
N TYR C 519 -7.82 21.85 -8.44
CA TYR C 519 -8.57 20.67 -8.00
C TYR C 519 -9.97 20.66 -8.63
N ARG C 520 -10.22 19.63 -9.44
CA ARG C 520 -11.50 19.43 -10.11
C ARG C 520 -11.87 20.60 -11.03
N ASP C 521 -10.87 21.33 -11.52
CA ASP C 521 -11.12 22.46 -12.41
C ASP C 521 -9.90 22.62 -13.34
N HIS C 522 -9.55 21.55 -14.05
CA HIS C 522 -8.39 21.58 -14.92
C HIS C 522 -8.54 22.63 -16.02
N LYS C 523 -9.77 22.92 -16.46
CA LYS C 523 -9.96 23.94 -17.47
C LYS C 523 -9.51 25.32 -16.97
N ARG C 524 -9.81 25.63 -15.71
CA ARG C 524 -9.36 26.89 -15.13
C ARG C 524 -7.84 26.93 -15.03
N TYR C 525 -7.23 25.78 -14.72
CA TYR C 525 -5.78 25.67 -14.70
C TYR C 525 -5.18 26.03 -16.06
N LEU C 526 -5.71 25.44 -17.13
CA LEU C 526 -5.16 25.70 -18.46
C LEU C 526 -5.41 27.15 -18.88
N GLU C 527 -6.63 27.64 -18.67
CA GLU C 527 -6.96 28.99 -19.12
C GLU C 527 -6.17 30.04 -18.36
N THR C 528 -5.90 29.82 -17.08
CA THR C 528 -5.23 30.84 -16.29
C THR C 528 -3.74 30.91 -16.61
N TYR C 529 -3.07 29.78 -16.77
CA TYR C 529 -1.61 29.75 -16.86
C TYR C 529 -1.08 29.39 -18.25
N MET C 530 -1.78 28.57 -19.03
CA MET C 530 -1.22 28.03 -20.25
C MET C 530 -1.78 28.64 -21.53
N LYS C 531 -2.96 29.27 -21.49
CA LYS C 531 -3.56 29.82 -22.70
C LYS C 531 -3.13 31.26 -22.98
N PRO C 532 -2.91 32.10 -21.96
CA PRO C 532 -2.59 33.51 -22.28
C PRO C 532 -1.39 33.67 -23.20
N TYR C 533 -0.33 32.90 -23.00
CA TYR C 533 0.85 32.95 -23.86
C TYR C 533 1.21 31.52 -24.26
N PRO C 534 0.62 31.03 -25.35
CA PRO C 534 0.77 29.61 -25.72
C PRO C 534 2.23 29.22 -25.94
N GLY C 535 2.61 28.09 -25.36
CA GLY C 535 3.99 27.63 -25.34
C GLY C 535 4.72 27.95 -24.05
N TYR C 536 4.11 28.78 -23.20
CA TYR C 536 4.76 29.31 -22.01
C TYR C 536 3.88 29.13 -20.79
N PHE C 537 4.50 29.29 -19.63
CA PHE C 537 3.77 29.44 -18.37
C PHE C 537 3.70 30.92 -18.03
N PHE C 538 2.49 31.40 -17.78
CA PHE C 538 2.24 32.81 -17.47
C PHE C 538 2.18 32.99 -15.96
N PHE C 539 3.17 33.69 -15.40
CA PHE C 539 3.19 33.93 -13.97
C PHE C 539 2.10 34.92 -13.55
N GLY C 540 1.77 35.88 -14.40
CA GLY C 540 0.86 36.94 -14.03
C GLY C 540 1.52 38.17 -13.45
N ASP C 541 2.85 38.27 -13.53
CA ASP C 541 3.61 39.35 -12.93
C ASP C 541 4.43 40.05 -14.00
N GLY C 542 4.57 41.37 -13.87
CA GLY C 542 5.48 42.10 -14.72
C GLY C 542 6.92 41.93 -14.26
N ALA C 543 7.84 42.04 -15.22
CA ALA C 543 9.25 41.89 -14.91
C ALA C 543 10.07 42.71 -15.88
N ALA C 544 11.28 43.05 -15.45
CA ALA C 544 12.23 43.80 -16.26
C ALA C 544 13.61 43.17 -16.13
N ARG C 545 14.37 43.23 -17.22
CA ARG C 545 15.76 42.79 -17.24
C ARG C 545 16.63 44.01 -17.51
N ASP C 546 17.50 44.36 -16.54
CA ASP C 546 18.30 45.56 -16.64
C ASP C 546 19.57 45.29 -17.45
N TYR C 547 20.40 46.32 -17.61
CA TYR C 547 21.52 46.24 -18.54
C TYR C 547 22.53 45.16 -18.16
N ASP C 548 22.60 44.76 -16.90
CA ASP C 548 23.47 43.67 -16.48
C ASP C 548 22.77 42.30 -16.53
N GLY C 549 21.50 42.27 -16.91
CA GLY C 549 20.76 41.03 -16.97
C GLY C 549 20.06 40.64 -15.69
N TYR C 550 20.08 41.51 -14.67
CA TYR C 550 19.38 41.22 -13.43
C TYR C 550 17.87 41.37 -13.62
N MET C 551 17.10 40.46 -13.02
CA MET C 551 15.66 40.45 -13.14
C MET C 551 15.02 41.28 -12.02
N TRP C 552 14.01 42.08 -12.37
CA TRP C 552 13.28 42.88 -11.39
C TRP C 552 11.78 42.60 -11.56
N ILE C 553 11.14 42.15 -10.49
CA ILE C 553 9.71 41.80 -10.51
C ILE C 553 8.88 43.04 -10.21
N LYS C 554 7.88 43.31 -11.04
CA LYS C 554 6.99 44.44 -10.82
C LYS C 554 5.94 44.07 -9.78
N GLY C 555 5.55 45.06 -8.97
CA GLY C 555 4.50 44.86 -8.01
C GLY C 555 3.10 45.00 -8.59
N ARG C 556 2.12 44.50 -7.84
CA ARG C 556 0.72 44.63 -8.20
C ARG C 556 0.20 46.01 -7.82
N VAL C 557 -0.78 46.49 -8.58
CA VAL C 557 -1.42 47.77 -8.31
C VAL C 557 -2.73 47.52 -7.59
N ASP C 558 -3.03 48.36 -6.62
CA ASP C 558 -4.24 48.20 -5.82
C ASP C 558 -4.69 49.58 -5.38
N ASP C 559 -5.91 49.96 -5.71
CA ASP C 559 -6.53 51.18 -5.21
C ASP C 559 -7.43 50.82 -4.05
N VAL C 560 -7.31 51.56 -2.95
CA VAL C 560 -8.05 51.31 -1.73
C VAL C 560 -8.84 52.55 -1.36
N ILE C 561 -10.13 52.36 -1.10
CA ILE C 561 -11.06 53.41 -0.70
C ILE C 561 -11.58 53.08 0.68
N ASN C 562 -11.88 54.11 1.46
CA ASN C 562 -12.29 53.95 2.86
C ASN C 562 -13.80 54.13 2.94
N VAL C 563 -14.53 53.01 2.97
CA VAL C 563 -15.98 53.01 3.08
C VAL C 563 -16.33 52.63 4.51
N SER C 564 -16.85 53.59 5.27
CA SER C 564 -17.31 53.35 6.64
C SER C 564 -16.21 52.70 7.49
N GLY C 565 -14.99 53.22 7.37
CA GLY C 565 -13.88 52.77 8.17
C GLY C 565 -13.22 51.49 7.70
N HIS C 566 -13.70 50.89 6.62
CA HIS C 566 -13.15 49.66 6.07
C HIS C 566 -12.36 49.95 4.80
N ARG C 567 -11.12 49.47 4.75
CA ARG C 567 -10.29 49.58 3.56
C ARG C 567 -10.73 48.53 2.54
N LEU C 568 -11.18 49.00 1.38
CA LEU C 568 -11.78 48.16 0.35
C LEU C 568 -11.07 48.40 -0.97
N SER C 569 -10.60 47.32 -1.60
CA SER C 569 -9.93 47.44 -2.88
C SER C 569 -10.95 47.56 -4.01
N THR C 570 -10.69 48.48 -4.94
CA THR C 570 -11.52 48.60 -6.12
C THR C 570 -11.55 47.32 -6.93
N ALA C 571 -10.41 46.62 -7.00
CA ALA C 571 -10.34 45.40 -7.79
C ALA C 571 -11.28 44.33 -7.25
N GLU C 572 -11.39 44.20 -5.93
CA GLU C 572 -12.27 43.20 -5.36
C GLU C 572 -13.71 43.40 -5.84
N VAL C 573 -14.20 44.64 -5.80
CA VAL C 573 -15.56 44.90 -6.23
C VAL C 573 -15.72 44.57 -7.71
N GLU C 574 -14.74 44.96 -8.52
CA GLU C 574 -14.79 44.63 -9.94
C GLU C 574 -14.84 43.12 -10.15
N SER C 575 -14.10 42.37 -9.33
CA SER C 575 -14.12 40.92 -9.44
C SER C 575 -15.51 40.35 -9.13
N ALA C 576 -16.16 40.87 -8.10
CA ALA C 576 -17.50 40.38 -7.75
C ALA C 576 -18.52 40.76 -8.82
N LEU C 577 -18.37 41.96 -9.41
CA LEU C 577 -19.33 42.39 -10.43
C LEU C 577 -19.21 41.57 -11.70
N ILE C 578 -17.98 41.22 -12.09
CA ILE C 578 -17.76 40.54 -13.36
C ILE C 578 -18.23 39.09 -13.33
N LEU C 579 -18.45 38.51 -12.15
CA LEU C 579 -18.85 37.11 -12.07
C LEU C 579 -20.14 36.86 -12.86
N HIS C 580 -21.08 37.80 -12.82
CA HIS C 580 -22.27 37.72 -13.65
C HIS C 580 -21.85 37.69 -15.11
N LYS C 581 -22.08 36.57 -15.79
CA LYS C 581 -21.55 36.36 -17.13
C LYS C 581 -22.04 37.40 -18.13
N GLY C 582 -23.12 38.11 -17.81
CA GLY C 582 -23.60 39.15 -18.71
C GLY C 582 -22.71 40.35 -18.77
N VAL C 583 -21.83 40.54 -17.77
CA VAL C 583 -20.97 41.70 -17.72
C VAL C 583 -19.76 41.45 -18.60
N ALA C 584 -19.40 42.43 -19.42
CA ALA C 584 -18.20 42.36 -20.24
C ALA C 584 -17.01 42.95 -19.50
N GLU C 585 -17.11 44.23 -19.13
CA GLU C 585 -16.05 44.91 -18.40
C GLU C 585 -16.69 45.71 -17.27
N THR C 586 -15.88 46.01 -16.26
CA THR C 586 -16.36 46.77 -15.12
C THR C 586 -15.21 47.62 -14.57
N ALA C 587 -15.57 48.74 -13.96
CA ALA C 587 -14.59 49.66 -13.38
C ALA C 587 -15.25 50.37 -12.21
N VAL C 588 -14.64 50.26 -11.02
CA VAL C 588 -15.19 50.84 -9.81
C VAL C 588 -14.26 51.95 -9.32
N VAL C 589 -14.87 53.05 -8.88
CA VAL C 589 -14.14 54.18 -8.33
C VAL C 589 -14.83 54.62 -7.04
N GLY C 590 -14.10 55.35 -6.21
CA GLY C 590 -14.66 55.84 -4.97
C GLY C 590 -14.95 57.33 -5.06
N CYS C 591 -15.81 57.83 -4.17
CA CYS C 591 -16.13 59.25 -4.15
C CYS C 591 -16.60 59.62 -2.76
N ALA C 592 -16.46 60.91 -2.44
CA ALA C 592 -16.86 61.41 -1.13
C ALA C 592 -18.36 61.18 -0.90
N ASP C 593 -18.70 60.75 0.30
CA ASP C 593 -20.08 60.45 0.69
C ASP C 593 -20.30 61.00 2.09
N ASP C 594 -21.42 61.70 2.28
CA ASP C 594 -21.67 62.37 3.56
C ASP C 594 -21.88 61.38 4.71
N LEU C 595 -22.20 60.13 4.41
CA LEU C 595 -22.52 59.15 5.44
C LEU C 595 -21.41 58.13 5.66
N THR C 596 -20.84 57.57 4.59
CA THR C 596 -19.84 56.51 4.70
C THR C 596 -18.42 56.99 4.50
N GLY C 597 -18.19 58.29 4.32
CA GLY C 597 -16.85 58.81 4.08
C GLY C 597 -16.50 58.75 2.61
N GLN C 598 -16.42 57.53 2.08
CA GLN C 598 -16.34 57.30 0.65
C GLN C 598 -17.37 56.24 0.27
N ALA C 599 -17.90 56.36 -0.93
CA ALA C 599 -18.92 55.45 -1.45
C ALA C 599 -18.40 54.77 -2.70
N VAL C 600 -18.98 53.62 -3.02
CA VAL C 600 -18.54 52.80 -4.14
C VAL C 600 -19.45 53.10 -5.33
N TYR C 601 -18.84 53.44 -6.46
CA TYR C 601 -19.54 53.69 -7.71
C TYR C 601 -19.01 52.75 -8.77
N ALA C 602 -19.88 51.93 -9.33
CA ALA C 602 -19.50 50.87 -10.26
C ALA C 602 -19.98 51.22 -11.65
N PHE C 603 -19.07 51.19 -12.62
CA PHE C 603 -19.41 51.35 -14.03
C PHE C 603 -19.30 49.97 -14.67
N VAL C 604 -20.39 49.54 -15.31
CA VAL C 604 -20.53 48.18 -15.80
C VAL C 604 -20.98 48.22 -17.25
N THR C 605 -20.32 47.45 -18.10
CA THR C 605 -20.70 47.29 -19.50
C THR C 605 -21.12 45.84 -19.72
N MET C 606 -22.25 45.65 -20.38
CA MET C 606 -22.79 44.31 -20.63
C MET C 606 -22.40 43.83 -22.02
N LYS C 607 -22.35 42.51 -22.17
CA LYS C 607 -22.02 41.88 -23.44
C LYS C 607 -23.21 41.95 -24.41
N PRO C 608 -22.94 41.81 -25.72
CA PRO C 608 -24.04 41.73 -26.68
C PRO C 608 -24.96 40.55 -26.42
N GLU C 609 -24.47 39.50 -25.77
CA GLU C 609 -25.29 38.32 -25.44
C GLU C 609 -26.13 38.54 -24.18
N PHE C 610 -26.74 39.71 -24.06
CA PHE C 610 -27.57 40.08 -22.92
C PHE C 610 -28.78 40.89 -23.37
N GLU C 617 -32.80 47.01 -16.43
CA GLU C 617 -31.69 47.78 -15.88
C GLU C 617 -31.78 47.83 -14.35
N ALA C 618 -32.97 48.16 -13.85
CA ALA C 618 -33.15 48.25 -12.40
C ALA C 618 -32.80 46.95 -11.69
N ASP C 619 -33.32 45.82 -12.19
CA ASP C 619 -33.04 44.54 -11.55
C ASP C 619 -31.59 44.13 -11.72
N LEU C 620 -31.03 44.35 -12.92
CA LEU C 620 -29.61 44.07 -13.14
C LEU C 620 -28.75 44.82 -12.14
N SER C 621 -29.06 46.10 -11.91
CA SER C 621 -28.30 46.88 -10.93
C SER C 621 -28.45 46.30 -9.53
N LYS C 622 -29.68 45.95 -9.14
CA LYS C 622 -29.89 45.34 -7.84
C LYS C 622 -29.21 43.97 -7.74
N GLU C 623 -29.26 43.19 -8.83
CA GLU C 623 -28.64 41.86 -8.80
C GLU C 623 -27.13 41.96 -8.67
N LEU C 624 -26.51 42.91 -9.35
CA LEU C 624 -25.06 43.07 -9.25
C LEU C 624 -24.65 43.51 -7.85
N ALA C 625 -25.42 44.40 -7.24
CA ALA C 625 -25.08 44.87 -5.89
C ALA C 625 -25.15 43.73 -4.89
N ILE C 626 -26.19 42.89 -4.97
CA ILE C 626 -26.32 41.78 -4.04
C ILE C 626 -25.13 40.84 -4.17
N GLN C 627 -24.68 40.60 -5.41
CA GLN C 627 -23.53 39.71 -5.62
C GLN C 627 -22.28 40.29 -4.96
N VAL C 628 -22.14 41.61 -4.97
CA VAL C 628 -21.00 42.24 -4.30
C VAL C 628 -21.12 42.11 -2.80
N ARG C 629 -22.33 42.29 -2.25
CA ARG C 629 -22.51 42.17 -0.82
C ARG C 629 -22.20 40.76 -0.34
N LYS C 630 -22.62 39.74 -1.11
CA LYS C 630 -22.37 38.36 -0.72
C LYS C 630 -20.88 38.04 -0.69
N VAL C 631 -20.14 38.49 -1.70
CA VAL C 631 -18.73 38.13 -1.81
C VAL C 631 -17.88 38.95 -0.83
N ILE C 632 -18.00 40.27 -0.90
CA ILE C 632 -17.13 41.15 -0.14
C ILE C 632 -17.76 41.55 1.19
N GLY C 633 -18.99 42.07 1.15
CA GLY C 633 -19.69 42.47 2.34
C GLY C 633 -20.69 43.58 2.09
N PRO C 634 -21.63 43.76 3.01
CA PRO C 634 -22.67 44.79 2.81
C PRO C 634 -22.11 46.19 2.77
N PHE C 635 -20.89 46.41 3.27
CA PHE C 635 -20.32 47.74 3.23
C PHE C 635 -19.71 48.06 1.87
N ALA C 636 -19.52 47.04 1.02
CA ALA C 636 -18.92 47.22 -0.29
C ALA C 636 -19.96 47.29 -1.39
N ALA C 637 -21.24 47.13 -1.07
CA ALA C 637 -22.28 47.20 -2.09
C ALA C 637 -22.20 48.55 -2.79
N PRO C 638 -22.14 48.59 -4.12
CA PRO C 638 -22.04 49.88 -4.80
C PRO C 638 -23.23 50.78 -4.45
N LYS C 639 -22.92 52.06 -4.22
CA LYS C 639 -23.98 53.04 -4.02
C LYS C 639 -24.75 53.28 -5.30
N LYS C 640 -24.03 53.29 -6.43
CA LYS C 640 -24.63 53.44 -7.75
C LYS C 640 -23.92 52.51 -8.71
N ILE C 641 -24.69 51.82 -9.54
CA ILE C 641 -24.14 51.00 -10.62
C ILE C 641 -24.62 51.63 -11.92
N TYR C 642 -23.67 52.02 -12.77
CA TYR C 642 -23.95 52.67 -14.04
C TYR C 642 -23.73 51.68 -15.17
N LEU C 643 -24.78 51.43 -15.95
CA LEU C 643 -24.67 50.61 -17.15
C LEU C 643 -24.33 51.53 -18.32
N VAL C 644 -23.18 51.30 -18.96
CA VAL C 644 -22.67 52.18 -19.99
C VAL C 644 -22.28 51.37 -21.23
N SER C 645 -22.19 52.09 -22.35
CA SER C 645 -21.86 51.44 -23.62
C SER C 645 -20.42 50.94 -23.63
N ASP C 646 -19.48 51.81 -23.25
CA ASP C 646 -18.08 51.44 -23.17
C ASP C 646 -17.40 52.27 -22.10
N LEU C 647 -16.41 51.69 -21.46
CA LEU C 647 -15.63 52.44 -20.49
C LEU C 647 -14.63 53.33 -21.23
N PRO C 648 -14.35 54.53 -20.72
CA PRO C 648 -13.36 55.39 -21.39
C PRO C 648 -11.98 54.77 -21.32
N LYS C 649 -11.35 54.63 -22.48
CA LYS C 649 -10.05 53.99 -22.61
C LYS C 649 -9.16 54.79 -23.55
N THR C 650 -7.86 54.64 -23.38
CA THR C 650 -6.89 55.23 -24.30
C THR C 650 -6.41 54.22 -25.32
N ARG C 651 -5.67 53.21 -24.86
CA ARG C 651 -5.12 52.19 -25.75
C ARG C 651 -5.35 50.80 -25.17
N LYS C 654 -6.82 50.94 -21.87
CA LYS C 654 -6.48 51.35 -20.51
C LYS C 654 -7.58 52.22 -19.92
N ILE C 655 -8.28 51.69 -18.91
CA ILE C 655 -9.43 52.39 -18.35
C ILE C 655 -8.96 53.69 -17.71
N MET C 656 -9.66 54.78 -18.01
CA MET C 656 -9.34 56.10 -17.48
C MET C 656 -10.12 56.29 -16.18
N ARG C 657 -9.62 55.62 -15.14
CA ARG C 657 -10.24 55.66 -13.82
C ARG C 657 -10.21 57.06 -13.22
N ARG C 658 -9.21 57.87 -13.59
CA ARG C 658 -9.17 59.24 -13.10
C ARG C 658 -10.37 60.03 -13.60
N VAL C 659 -10.69 59.87 -14.88
CA VAL C 659 -11.84 60.57 -15.47
C VAL C 659 -13.12 60.20 -14.76
N LEU C 660 -13.35 58.88 -14.57
CA LEU C 660 -14.59 58.43 -13.95
C LEU C 660 -14.77 59.04 -12.56
N ARG C 661 -13.69 59.13 -11.78
CA ARG C 661 -13.81 59.74 -10.45
C ARG C 661 -14.31 61.17 -10.54
N LYS C 662 -13.77 61.95 -11.48
CA LYS C 662 -14.13 63.37 -11.56
C LYS C 662 -15.57 63.55 -12.04
N ILE C 663 -16.02 62.70 -12.97
CA ILE C 663 -17.41 62.78 -13.43
C ILE C 663 -18.36 62.55 -12.27
N VAL C 664 -18.07 61.55 -11.43
CA VAL C 664 -18.91 61.27 -10.28
C VAL C 664 -18.86 62.42 -9.27
N ALA C 665 -17.67 62.97 -9.03
CA ALA C 665 -17.51 64.06 -8.08
C ALA C 665 -18.12 65.38 -8.55
N GLY C 666 -18.67 65.44 -9.75
CA GLY C 666 -19.26 66.66 -10.26
C GLY C 666 -18.34 67.56 -11.03
N GLU C 667 -17.16 67.08 -11.42
CA GLU C 667 -16.17 67.86 -12.16
C GLU C 667 -16.18 67.52 -13.64
N GLY C 668 -17.38 67.39 -14.22
CA GLY C 668 -17.53 67.06 -15.62
C GLY C 668 -17.06 68.13 -16.59
N ASP C 669 -16.74 69.32 -16.08
CA ASP C 669 -16.21 70.40 -16.91
C ASP C 669 -14.69 70.36 -17.00
N GLN C 670 -14.06 69.30 -16.47
CA GLN C 670 -12.61 69.16 -16.53
C GLN C 670 -12.26 67.76 -17.03
N PRO C 680 -14.24 58.29 -28.25
CA PRO C 680 -14.14 59.34 -27.23
C PRO C 680 -15.49 59.93 -26.84
N GLN C 681 -16.55 59.55 -27.57
CA GLN C 681 -17.90 60.02 -27.26
C GLN C 681 -18.45 59.36 -25.99
N ILE C 682 -17.96 58.18 -25.63
CA ILE C 682 -18.47 57.47 -24.46
C ILE C 682 -18.40 58.36 -23.23
N VAL C 683 -17.35 59.19 -23.13
CA VAL C 683 -17.21 60.08 -21.98
C VAL C 683 -18.44 60.97 -21.86
N GLU C 684 -18.95 61.46 -22.99
CA GLU C 684 -20.14 62.30 -22.95
C GLU C 684 -21.36 61.52 -22.49
N GLU C 685 -21.51 60.28 -22.96
CA GLU C 685 -22.60 59.43 -22.48
C GLU C 685 -22.45 59.13 -21.00
N VAL C 686 -21.21 58.89 -20.54
CA VAL C 686 -20.98 58.60 -19.13
C VAL C 686 -21.50 59.74 -18.27
N LYS C 687 -21.19 60.97 -18.67
CA LYS C 687 -21.70 62.13 -17.94
C LYS C 687 -23.22 62.19 -17.98
N GLN C 688 -23.81 61.86 -19.14
CA GLN C 688 -25.26 61.81 -19.24
C GLN C 688 -25.85 60.74 -18.32
N LYS C 689 -25.28 59.54 -18.34
CA LYS C 689 -25.79 58.46 -17.50
C LYS C 689 -25.69 58.83 -16.02
N VAL C 690 -24.55 59.39 -15.60
CA VAL C 690 -24.36 59.70 -14.19
C VAL C 690 -25.36 60.77 -13.74
N THR C 691 -25.60 61.77 -14.59
CA THR C 691 -26.58 62.81 -14.29
C THR C 691 -27.90 62.54 -15.00
#